data_5UEX
# 
_entry.id   5UEX 
# 
_audit_conform.dict_name       mmcif_pdbx.dic 
_audit_conform.dict_version    5.389 
_audit_conform.dict_location   http://mmcif.pdb.org/dictionaries/ascii/mmcif_pdbx.dic 
# 
loop_
_database_2.database_id 
_database_2.database_code 
_database_2.pdbx_database_accession 
_database_2.pdbx_DOI 
PDB   5UEX         pdb_00005uex 10.2210/pdb5uex/pdb 
WWPDB D_1000224213 ?            ?                   
# 
loop_
_pdbx_audit_revision_history.ordinal 
_pdbx_audit_revision_history.data_content_type 
_pdbx_audit_revision_history.major_revision 
_pdbx_audit_revision_history.minor_revision 
_pdbx_audit_revision_history.revision_date 
1 'Structure model' 1 0 2017-05-10 
2 'Structure model' 1 1 2017-05-24 
3 'Structure model' 1 2 2024-03-06 
4 'Structure model' 1 3 2024-04-03 
# 
_pdbx_audit_revision_details.ordinal             1 
_pdbx_audit_revision_details.revision_ordinal    1 
_pdbx_audit_revision_details.data_content_type   'Structure model' 
_pdbx_audit_revision_details.provider            repository 
_pdbx_audit_revision_details.type                'Initial release' 
_pdbx_audit_revision_details.description         ? 
_pdbx_audit_revision_details.details             ? 
# 
loop_
_pdbx_audit_revision_group.ordinal 
_pdbx_audit_revision_group.revision_ordinal 
_pdbx_audit_revision_group.data_content_type 
_pdbx_audit_revision_group.group 
1 2 'Structure model' 'Database references'    
2 3 'Structure model' 'Data collection'        
3 3 'Structure model' 'Database references'    
4 4 'Structure model' 'Refinement description' 
# 
loop_
_pdbx_audit_revision_category.ordinal 
_pdbx_audit_revision_category.revision_ordinal 
_pdbx_audit_revision_category.data_content_type 
_pdbx_audit_revision_category.category 
1 3 'Structure model' chem_comp_atom                
2 3 'Structure model' chem_comp_bond                
3 3 'Structure model' database_2                    
4 4 'Structure model' pdbx_initial_refinement_model 
# 
loop_
_pdbx_audit_revision_item.ordinal 
_pdbx_audit_revision_item.revision_ordinal 
_pdbx_audit_revision_item.data_content_type 
_pdbx_audit_revision_item.item 
1 3 'Structure model' '_database_2.pdbx_DOI'                
2 3 'Structure model' '_database_2.pdbx_database_accession' 
# 
_pdbx_database_status.status_code                     REL 
_pdbx_database_status.status_code_sf                  REL 
_pdbx_database_status.status_code_mr                  ? 
_pdbx_database_status.entry_id                        5UEX 
_pdbx_database_status.recvd_initial_deposition_date   2017-01-03 
_pdbx_database_status.SG_entry                        N 
_pdbx_database_status.deposit_site                    RCSB 
_pdbx_database_status.process_site                    RCSB 
_pdbx_database_status.status_code_cs                  ? 
_pdbx_database_status.methods_development_category    ? 
_pdbx_database_status.pdb_format_compatible           Y 
_pdbx_database_status.status_code_nmr_data            ? 
# 
loop_
_pdbx_database_related.content_type 
_pdbx_database_related.db_id 
_pdbx_database_related.db_name 
_pdbx_database_related.details 
unspecified 5UF0 PDB . 
unspecified 5UEZ PDB . 
unspecified 5UEY PDB . 
unspecified 5UEV PDB . 
unspecified 5UEP PDB . 
unspecified 5UET PDB . 
unspecified 5UES PDB . 
unspecified 5UER PDB . 
unspecified 5UEQ PDB . 
unspecified 5UEU PDB . 
unspecified 5UEO PDB . 
unspecified 5UEW PDB . 
# 
_audit_author.name               'Park, C.H.' 
_audit_author.pdbx_ordinal       1 
_audit_author.identifier_ORCID   ? 
# 
_citation.abstract                  ? 
_citation.abstract_id_CAS           ? 
_citation.book_id_ISBN              ? 
_citation.book_publisher            ? 
_citation.book_publisher_city       ? 
_citation.book_title                ? 
_citation.coordinate_linkage        ? 
_citation.country                   US 
_citation.database_id_Medline       ? 
_citation.details                   ? 
_citation.id                        primary 
_citation.journal_abbrev            'J. Med. Chem.' 
_citation.journal_id_ASTM           JMCMAR 
_citation.journal_id_CSD            0151 
_citation.journal_id_ISSN           1520-4804 
_citation.journal_full              ? 
_citation.journal_issue             ? 
_citation.journal_volume            60 
_citation.language                  ? 
_citation.page_first                3828 
_citation.page_last                 3850 
_citation.title                     
;Fragment-Based, Structure-Enabled Discovery of Novel Pyridones and Pyridone Macrocycles as Potent Bromodomain and Extra-Terminal Domain (BET) Family Bromodomain Inhibitors.
;
_citation.year                      2017 
_citation.database_id_CSD           ? 
_citation.pdbx_database_id_DOI      10.1021/acs.jmedchem.7b00017 
_citation.pdbx_database_id_PubMed   28368119 
_citation.unpublished_flag          ? 
# 
loop_
_citation_author.citation_id 
_citation_author.name 
_citation_author.ordinal 
_citation_author.identifier_ORCID 
primary 'Wang, L.'        1  ? 
primary 'Pratt, J.K.'     2  ? 
primary 'Soltwedel, T.'   3  ? 
primary 'Sheppard, G.S.'  4  ? 
primary 'Fidanze, S.D.'   5  ? 
primary 'Liu, D.'         6  ? 
primary 'Hasvold, L.A.'   7  ? 
primary 'Mantei, R.A.'    8  ? 
primary 'Holms, J.H.'     9  ? 
primary 'McClellan, W.J.' 10 ? 
primary 'Wendt, M.D.'     11 ? 
primary 'Wada, C.'        12 ? 
primary 'Frey, R.'        13 ? 
primary 'Hansen, T.M.'    14 ? 
primary 'Hubbard, R.'     15 ? 
primary 'Park, C.H.'      16 ? 
primary 'Li, L.'          17 ? 
primary 'Magoc, T.J.'     18 ? 
primary 'Albert, D.H.'    19 ? 
primary 'Lin, X.'         20 ? 
primary 'Warder, S.E.'    21 ? 
primary 'Kovar, P.'       22 ? 
primary 'Huang, X.'       23 ? 
primary 'Wilcox, D.'      24 ? 
primary 'Wang, R.'        25 ? 
primary 'Rajaraman, G.'   26 ? 
primary 'Petros, A.M.'    27 ? 
primary 'Hutchins, C.W.'  28 ? 
primary 'Panchal, S.C.'   29 ? 
primary 'Sun, C.'         30 ? 
primary 'Elmore, S.W.'    31 ? 
primary 'Shen, Y.'        32 ? 
primary 'Kati, W.M.'      33 ? 
primary 'McDaniel, K.F.'  34 ? 
# 
loop_
_entity.id 
_entity.type 
_entity.src_method 
_entity.pdbx_description 
_entity.formula_weight 
_entity.pdbx_number_of_molecules 
_entity.pdbx_ec 
_entity.pdbx_mutation 
_entity.pdbx_fragment 
_entity.details 
1 polymer     man 'Bromodomain-containing protein 4' 12806.933 1  ? ? 'residues 352-457' ? 
2 non-polymer syn 
;17-{[ethyl(dihydroxy)-lambda~4~-sulfanyl]amino}-11,13-difluoro-2-methyl-6,7,8,9-tetrahydrodibenzo[4,5:7,8][1,6]dioxacyclododecino[3,2-c]pyridin-3(2H)-one
;
492.535   1  ? ? ?                  ? 
3 water       nat water 18.015    93 ? ? ?                  ? 
# 
_entity_name_com.entity_id   1 
_entity_name_com.name        'Protein HUNK1' 
# 
_entity_poly.entity_id                      1 
_entity_poly.type                           'polypeptide(L)' 
_entity_poly.nstd_linkage                   no 
_entity_poly.nstd_monomer                   no 
_entity_poly.pdbx_seq_one_letter_code       
;SHMEQLKCCSGILKEMFAKKHAAYAWPFYKPVDVEALGLHDYCDIIKHPMDMSTIKSKLEAREYRDAQEFGADVRLMFSN
CYKYNPPDHEVVAMARKLQDVFEMRFAKM
;
_entity_poly.pdbx_seq_one_letter_code_can   
;SHMEQLKCCSGILKEMFAKKHAAYAWPFYKPVDVEALGLHDYCDIIKHPMDMSTIKSKLEAREYRDAQEFGADVRLMFSN
CYKYNPPDHEVVAMARKLQDVFEMRFAKM
;
_entity_poly.pdbx_strand_id                 A 
_entity_poly.pdbx_target_identifier         ? 
# 
loop_
_pdbx_entity_nonpoly.entity_id 
_pdbx_entity_nonpoly.name 
_pdbx_entity_nonpoly.comp_id 
2 
;17-{[ethyl(dihydroxy)-lambda~4~-sulfanyl]amino}-11,13-difluoro-2-methyl-6,7,8,9-tetrahydrodibenzo[4,5:7,8][1,6]dioxacyclododecino[3,2-c]pyridin-3(2H)-one
;
89D 
3 water HOH 
# 
loop_
_entity_poly_seq.entity_id 
_entity_poly_seq.num 
_entity_poly_seq.mon_id 
_entity_poly_seq.hetero 
1 1   SER n 
1 2   HIS n 
1 3   MET n 
1 4   GLU n 
1 5   GLN n 
1 6   LEU n 
1 7   LYS n 
1 8   CYS n 
1 9   CYS n 
1 10  SER n 
1 11  GLY n 
1 12  ILE n 
1 13  LEU n 
1 14  LYS n 
1 15  GLU n 
1 16  MET n 
1 17  PHE n 
1 18  ALA n 
1 19  LYS n 
1 20  LYS n 
1 21  HIS n 
1 22  ALA n 
1 23  ALA n 
1 24  TYR n 
1 25  ALA n 
1 26  TRP n 
1 27  PRO n 
1 28  PHE n 
1 29  TYR n 
1 30  LYS n 
1 31  PRO n 
1 32  VAL n 
1 33  ASP n 
1 34  VAL n 
1 35  GLU n 
1 36  ALA n 
1 37  LEU n 
1 38  GLY n 
1 39  LEU n 
1 40  HIS n 
1 41  ASP n 
1 42  TYR n 
1 43  CYS n 
1 44  ASP n 
1 45  ILE n 
1 46  ILE n 
1 47  LYS n 
1 48  HIS n 
1 49  PRO n 
1 50  MET n 
1 51  ASP n 
1 52  MET n 
1 53  SER n 
1 54  THR n 
1 55  ILE n 
1 56  LYS n 
1 57  SER n 
1 58  LYS n 
1 59  LEU n 
1 60  GLU n 
1 61  ALA n 
1 62  ARG n 
1 63  GLU n 
1 64  TYR n 
1 65  ARG n 
1 66  ASP n 
1 67  ALA n 
1 68  GLN n 
1 69  GLU n 
1 70  PHE n 
1 71  GLY n 
1 72  ALA n 
1 73  ASP n 
1 74  VAL n 
1 75  ARG n 
1 76  LEU n 
1 77  MET n 
1 78  PHE n 
1 79  SER n 
1 80  ASN n 
1 81  CYS n 
1 82  TYR n 
1 83  LYS n 
1 84  TYR n 
1 85  ASN n 
1 86  PRO n 
1 87  PRO n 
1 88  ASP n 
1 89  HIS n 
1 90  GLU n 
1 91  VAL n 
1 92  VAL n 
1 93  ALA n 
1 94  MET n 
1 95  ALA n 
1 96  ARG n 
1 97  LYS n 
1 98  LEU n 
1 99  GLN n 
1 100 ASP n 
1 101 VAL n 
1 102 PHE n 
1 103 GLU n 
1 104 MET n 
1 105 ARG n 
1 106 PHE n 
1 107 ALA n 
1 108 LYS n 
1 109 MET n 
# 
_entity_src_gen.entity_id                          1 
_entity_src_gen.pdbx_src_id                        1 
_entity_src_gen.pdbx_alt_source_flag               sample 
_entity_src_gen.pdbx_seq_type                      'Biological sequence' 
_entity_src_gen.pdbx_beg_seq_num                   1 
_entity_src_gen.pdbx_end_seq_num                   109 
_entity_src_gen.gene_src_common_name               Human 
_entity_src_gen.gene_src_genus                     ? 
_entity_src_gen.pdbx_gene_src_gene                 'BRD4, HUNK1' 
_entity_src_gen.gene_src_species                   ? 
_entity_src_gen.gene_src_strain                    ? 
_entity_src_gen.gene_src_tissue                    ? 
_entity_src_gen.gene_src_tissue_fraction           ? 
_entity_src_gen.gene_src_details                   ? 
_entity_src_gen.pdbx_gene_src_fragment             ? 
_entity_src_gen.pdbx_gene_src_scientific_name      'Homo sapiens' 
_entity_src_gen.pdbx_gene_src_ncbi_taxonomy_id     9606 
_entity_src_gen.pdbx_gene_src_variant              ? 
_entity_src_gen.pdbx_gene_src_cell_line            ? 
_entity_src_gen.pdbx_gene_src_atcc                 ? 
_entity_src_gen.pdbx_gene_src_organ                ? 
_entity_src_gen.pdbx_gene_src_organelle            ? 
_entity_src_gen.pdbx_gene_src_cell                 ? 
_entity_src_gen.pdbx_gene_src_cellular_location    ? 
_entity_src_gen.host_org_common_name               ? 
_entity_src_gen.pdbx_host_org_scientific_name      'Escherichia coli-Pichia pastoris shuttle vector pPpARG4' 
_entity_src_gen.pdbx_host_org_ncbi_taxonomy_id     1182032 
_entity_src_gen.host_org_genus                     ? 
_entity_src_gen.pdbx_host_org_gene                 ? 
_entity_src_gen.pdbx_host_org_organ                ? 
_entity_src_gen.host_org_species                   ? 
_entity_src_gen.pdbx_host_org_tissue               ? 
_entity_src_gen.pdbx_host_org_tissue_fraction      ? 
_entity_src_gen.pdbx_host_org_strain               ? 
_entity_src_gen.pdbx_host_org_variant              ? 
_entity_src_gen.pdbx_host_org_cell_line            ? 
_entity_src_gen.pdbx_host_org_atcc                 ? 
_entity_src_gen.pdbx_host_org_culture_collection   ? 
_entity_src_gen.pdbx_host_org_cell                 ? 
_entity_src_gen.pdbx_host_org_organelle            ? 
_entity_src_gen.pdbx_host_org_cellular_location    ? 
_entity_src_gen.pdbx_host_org_vector_type          ? 
_entity_src_gen.pdbx_host_org_vector               ? 
_entity_src_gen.host_org_details                   ? 
_entity_src_gen.expression_system_id               ? 
_entity_src_gen.plasmid_name                       ? 
_entity_src_gen.plasmid_details                    ? 
_entity_src_gen.pdbx_description                   ? 
# 
loop_
_chem_comp.id 
_chem_comp.type 
_chem_comp.mon_nstd_flag 
_chem_comp.name 
_chem_comp.pdbx_synonyms 
_chem_comp.formula 
_chem_comp.formula_weight 
89D non-polymer         . 
;17-{[ethyl(dihydroxy)-lambda~4~-sulfanyl]amino}-11,13-difluoro-2-methyl-6,7,8,9-tetrahydrodibenzo[4,5:7,8][1,6]dioxacyclododecino[3,2-c]pyridin-3(2H)-one
;
? 'C24 H26 F2 N2 O5 S' 492.535 
ALA 'L-peptide linking' y ALANINE ? 'C3 H7 N O2'         89.093  
ARG 'L-peptide linking' y ARGININE ? 'C6 H15 N4 O2 1'     175.209 
ASN 'L-peptide linking' y ASPARAGINE ? 'C4 H8 N2 O3'        132.118 
ASP 'L-peptide linking' y 'ASPARTIC ACID' ? 'C4 H7 N O4'         133.103 
CYS 'L-peptide linking' y CYSTEINE ? 'C3 H7 N O2 S'       121.158 
GLN 'L-peptide linking' y GLUTAMINE ? 'C5 H10 N2 O3'       146.144 
GLU 'L-peptide linking' y 'GLUTAMIC ACID' ? 'C5 H9 N O4'         147.129 
GLY 'peptide linking'   y GLYCINE ? 'C2 H5 N O2'         75.067  
HIS 'L-peptide linking' y HISTIDINE ? 'C6 H10 N3 O2 1'     156.162 
HOH non-polymer         . WATER ? 'H2 O'               18.015  
ILE 'L-peptide linking' y ISOLEUCINE ? 'C6 H13 N O2'        131.173 
LEU 'L-peptide linking' y LEUCINE ? 'C6 H13 N O2'        131.173 
LYS 'L-peptide linking' y LYSINE ? 'C6 H15 N2 O2 1'     147.195 
MET 'L-peptide linking' y METHIONINE ? 'C5 H11 N O2 S'      149.211 
PHE 'L-peptide linking' y PHENYLALANINE ? 'C9 H11 N O2'        165.189 
PRO 'L-peptide linking' y PROLINE ? 'C5 H9 N O2'         115.130 
SER 'L-peptide linking' y SERINE ? 'C3 H7 N O3'         105.093 
THR 'L-peptide linking' y THREONINE ? 'C4 H9 N O3'         119.119 
TRP 'L-peptide linking' y TRYPTOPHAN ? 'C11 H12 N2 O2'      204.225 
TYR 'L-peptide linking' y TYROSINE ? 'C9 H11 N O3'        181.189 
VAL 'L-peptide linking' y VALINE ? 'C5 H11 N O2'        117.146 
# 
loop_
_pdbx_poly_seq_scheme.asym_id 
_pdbx_poly_seq_scheme.entity_id 
_pdbx_poly_seq_scheme.seq_id 
_pdbx_poly_seq_scheme.mon_id 
_pdbx_poly_seq_scheme.ndb_seq_num 
_pdbx_poly_seq_scheme.pdb_seq_num 
_pdbx_poly_seq_scheme.auth_seq_num 
_pdbx_poly_seq_scheme.pdb_mon_id 
_pdbx_poly_seq_scheme.auth_mon_id 
_pdbx_poly_seq_scheme.pdb_strand_id 
_pdbx_poly_seq_scheme.pdb_ins_code 
_pdbx_poly_seq_scheme.hetero 
A 1 1   SER 1   349 349 SER SER A . n 
A 1 2   HIS 2   350 350 HIS HIS A . n 
A 1 3   MET 3   351 351 MET MET A . n 
A 1 4   GLU 4   352 352 GLU GLU A . n 
A 1 5   GLN 5   353 353 GLN GLN A . n 
A 1 6   LEU 6   354 354 LEU LEU A . n 
A 1 7   LYS 7   355 355 LYS LYS A . n 
A 1 8   CYS 8   356 356 CYS CYS A . n 
A 1 9   CYS 9   357 357 CYS CYS A . n 
A 1 10  SER 10  358 358 SER SER A . n 
A 1 11  GLY 11  359 359 GLY GLY A . n 
A 1 12  ILE 12  360 360 ILE ILE A . n 
A 1 13  LEU 13  361 361 LEU LEU A . n 
A 1 14  LYS 14  362 362 LYS LYS A . n 
A 1 15  GLU 15  363 363 GLU GLU A . n 
A 1 16  MET 16  364 364 MET MET A . n 
A 1 17  PHE 17  365 365 PHE PHE A . n 
A 1 18  ALA 18  366 366 ALA ALA A . n 
A 1 19  LYS 19  367 367 LYS LYS A . n 
A 1 20  LYS 20  368 368 LYS LYS A . n 
A 1 21  HIS 21  369 369 HIS HIS A . n 
A 1 22  ALA 22  370 370 ALA ALA A . n 
A 1 23  ALA 23  371 371 ALA ALA A . n 
A 1 24  TYR 24  372 372 TYR TYR A . n 
A 1 25  ALA 25  373 373 ALA ALA A . n 
A 1 26  TRP 26  374 374 TRP TRP A . n 
A 1 27  PRO 27  375 375 PRO PRO A . n 
A 1 28  PHE 28  376 376 PHE PHE A . n 
A 1 29  TYR 29  377 377 TYR TYR A . n 
A 1 30  LYS 30  378 378 LYS LYS A . n 
A 1 31  PRO 31  379 379 PRO PRO A . n 
A 1 32  VAL 32  380 380 VAL VAL A . n 
A 1 33  ASP 33  381 381 ASP ASP A . n 
A 1 34  VAL 34  382 382 VAL VAL A . n 
A 1 35  GLU 35  383 383 GLU GLU A . n 
A 1 36  ALA 36  384 384 ALA ALA A . n 
A 1 37  LEU 37  385 385 LEU LEU A . n 
A 1 38  GLY 38  386 386 GLY GLY A . n 
A 1 39  LEU 39  387 387 LEU LEU A . n 
A 1 40  HIS 40  388 388 HIS HIS A . n 
A 1 41  ASP 41  389 389 ASP ASP A . n 
A 1 42  TYR 42  390 390 TYR TYR A . n 
A 1 43  CYS 43  391 391 CYS CYS A . n 
A 1 44  ASP 44  392 392 ASP ASP A . n 
A 1 45  ILE 45  393 393 ILE ILE A . n 
A 1 46  ILE 46  394 394 ILE ILE A . n 
A 1 47  LYS 47  395 395 LYS LYS A . n 
A 1 48  HIS 48  396 396 HIS HIS A . n 
A 1 49  PRO 49  397 397 PRO PRO A . n 
A 1 50  MET 50  398 398 MET MET A . n 
A 1 51  ASP 51  399 399 ASP ASP A . n 
A 1 52  MET 52  400 400 MET MET A . n 
A 1 53  SER 53  401 401 SER SER A . n 
A 1 54  THR 54  402 402 THR THR A . n 
A 1 55  ILE 55  403 403 ILE ILE A . n 
A 1 56  LYS 56  404 404 LYS LYS A . n 
A 1 57  SER 57  405 405 SER SER A . n 
A 1 58  LYS 58  406 406 LYS LYS A . n 
A 1 59  LEU 59  407 407 LEU LEU A . n 
A 1 60  GLU 60  408 408 GLU GLU A . n 
A 1 61  ALA 61  409 409 ALA ALA A . n 
A 1 62  ARG 62  410 410 ARG ARG A . n 
A 1 63  GLU 63  411 411 GLU GLU A . n 
A 1 64  TYR 64  412 412 TYR TYR A . n 
A 1 65  ARG 65  413 413 ARG ARG A . n 
A 1 66  ASP 66  414 414 ASP ASP A . n 
A 1 67  ALA 67  415 415 ALA ALA A . n 
A 1 68  GLN 68  416 416 GLN GLN A . n 
A 1 69  GLU 69  417 417 GLU GLU A . n 
A 1 70  PHE 70  418 418 PHE PHE A . n 
A 1 71  GLY 71  419 419 GLY GLY A . n 
A 1 72  ALA 72  420 420 ALA ALA A . n 
A 1 73  ASP 73  421 421 ASP ASP A . n 
A 1 74  VAL 74  422 422 VAL VAL A . n 
A 1 75  ARG 75  423 423 ARG ARG A . n 
A 1 76  LEU 76  424 424 LEU LEU A . n 
A 1 77  MET 77  425 425 MET MET A . n 
A 1 78  PHE 78  426 426 PHE PHE A . n 
A 1 79  SER 79  427 427 SER SER A . n 
A 1 80  ASN 80  428 428 ASN ASN A . n 
A 1 81  CYS 81  429 429 CYS CYS A . n 
A 1 82  TYR 82  430 430 TYR TYR A . n 
A 1 83  LYS 83  431 431 LYS LYS A . n 
A 1 84  TYR 84  432 432 TYR TYR A . n 
A 1 85  ASN 85  433 433 ASN ASN A . n 
A 1 86  PRO 86  434 434 PRO PRO A . n 
A 1 87  PRO 87  435 435 PRO PRO A . n 
A 1 88  ASP 88  436 436 ASP ASP A . n 
A 1 89  HIS 89  437 437 HIS HIS A . n 
A 1 90  GLU 90  438 438 GLU GLU A . n 
A 1 91  VAL 91  439 439 VAL VAL A . n 
A 1 92  VAL 92  440 440 VAL VAL A . n 
A 1 93  ALA 93  441 441 ALA ALA A . n 
A 1 94  MET 94  442 442 MET MET A . n 
A 1 95  ALA 95  443 443 ALA ALA A . n 
A 1 96  ARG 96  444 444 ARG ARG A . n 
A 1 97  LYS 97  445 445 LYS LYS A . n 
A 1 98  LEU 98  446 446 LEU LEU A . n 
A 1 99  GLN 99  447 447 GLN GLN A . n 
A 1 100 ASP 100 448 448 ASP ASP A . n 
A 1 101 VAL 101 449 449 VAL VAL A . n 
A 1 102 PHE 102 450 450 PHE PHE A . n 
A 1 103 GLU 103 451 451 GLU GLU A . n 
A 1 104 MET 104 452 452 MET MET A . n 
A 1 105 ARG 105 453 453 ARG ARG A . n 
A 1 106 PHE 106 454 454 PHE PHE A . n 
A 1 107 ALA 107 455 455 ALA ALA A . n 
A 1 108 LYS 108 456 456 LYS LYS A . n 
A 1 109 MET 109 457 457 MET MET A . n 
# 
loop_
_pdbx_nonpoly_scheme.asym_id 
_pdbx_nonpoly_scheme.entity_id 
_pdbx_nonpoly_scheme.mon_id 
_pdbx_nonpoly_scheme.ndb_seq_num 
_pdbx_nonpoly_scheme.pdb_seq_num 
_pdbx_nonpoly_scheme.auth_seq_num 
_pdbx_nonpoly_scheme.pdb_mon_id 
_pdbx_nonpoly_scheme.auth_mon_id 
_pdbx_nonpoly_scheme.pdb_strand_id 
_pdbx_nonpoly_scheme.pdb_ins_code 
B 2 89D 1  501 1  89D LIG A . 
C 3 HOH 1  601 46 HOH HOH A . 
C 3 HOH 2  602 3  HOH HOH A . 
C 3 HOH 3  603 49 HOH HOH A . 
C 3 HOH 4  604 47 HOH HOH A . 
C 3 HOH 5  605 41 HOH HOH A . 
C 3 HOH 6  606 14 HOH HOH A . 
C 3 HOH 7  607 67 HOH HOH A . 
C 3 HOH 8  608 1  HOH HOH A . 
C 3 HOH 9  609 56 HOH HOH A . 
C 3 HOH 10 610 44 HOH HOH A . 
C 3 HOH 11 611 31 HOH HOH A . 
C 3 HOH 12 612 37 HOH HOH A . 
C 3 HOH 13 613 16 HOH HOH A . 
C 3 HOH 14 614 70 HOH HOH A . 
C 3 HOH 15 615 4  HOH HOH A . 
C 3 HOH 16 616 69 HOH HOH A . 
C 3 HOH 17 617 83 HOH HOH A . 
C 3 HOH 18 618 66 HOH HOH A . 
C 3 HOH 19 619 86 HOH HOH A . 
C 3 HOH 20 620 6  HOH HOH A . 
C 3 HOH 21 621 45 HOH HOH A . 
C 3 HOH 22 622 20 HOH HOH A . 
C 3 HOH 23 623 15 HOH HOH A . 
C 3 HOH 24 624 51 HOH HOH A . 
C 3 HOH 25 625 75 HOH HOH A . 
C 3 HOH 26 626 84 HOH HOH A . 
C 3 HOH 27 627 23 HOH HOH A . 
C 3 HOH 28 628 34 HOH HOH A . 
C 3 HOH 29 629 76 HOH HOH A . 
C 3 HOH 30 630 21 HOH HOH A . 
C 3 HOH 31 631 53 HOH HOH A . 
C 3 HOH 32 632 93 HOH HOH A . 
C 3 HOH 33 633 57 HOH HOH A . 
C 3 HOH 34 634 36 HOH HOH A . 
C 3 HOH 35 635 78 HOH HOH A . 
C 3 HOH 36 636 72 HOH HOH A . 
C 3 HOH 37 637 27 HOH HOH A . 
C 3 HOH 38 638 9  HOH HOH A . 
C 3 HOH 39 639 12 HOH HOH A . 
C 3 HOH 40 640 2  HOH HOH A . 
C 3 HOH 41 641 11 HOH HOH A . 
C 3 HOH 42 642 24 HOH HOH A . 
C 3 HOH 43 643 7  HOH HOH A . 
C 3 HOH 44 644 25 HOH HOH A . 
C 3 HOH 45 645 55 HOH HOH A . 
C 3 HOH 46 646 5  HOH HOH A . 
C 3 HOH 47 647 50 HOH HOH A . 
C 3 HOH 48 648 64 HOH HOH A . 
C 3 HOH 49 649 8  HOH HOH A . 
C 3 HOH 50 650 88 HOH HOH A . 
C 3 HOH 51 651 42 HOH HOH A . 
C 3 HOH 52 652 43 HOH HOH A . 
C 3 HOH 53 653 40 HOH HOH A . 
C 3 HOH 54 654 38 HOH HOH A . 
C 3 HOH 55 655 13 HOH HOH A . 
C 3 HOH 56 656 82 HOH HOH A . 
C 3 HOH 57 657 18 HOH HOH A . 
C 3 HOH 58 658 91 HOH HOH A . 
C 3 HOH 59 659 33 HOH HOH A . 
C 3 HOH 60 660 68 HOH HOH A . 
C 3 HOH 61 661 80 HOH HOH A . 
C 3 HOH 62 662 61 HOH HOH A . 
C 3 HOH 63 663 39 HOH HOH A . 
C 3 HOH 64 664 58 HOH HOH A . 
C 3 HOH 65 665 65 HOH HOH A . 
C 3 HOH 66 666 90 HOH HOH A . 
C 3 HOH 67 667 30 HOH HOH A . 
C 3 HOH 68 668 10 HOH HOH A . 
C 3 HOH 69 669 35 HOH HOH A . 
C 3 HOH 70 670 29 HOH HOH A . 
C 3 HOH 71 671 92 HOH HOH A . 
C 3 HOH 72 672 17 HOH HOH A . 
C 3 HOH 73 673 62 HOH HOH A . 
C 3 HOH 74 674 63 HOH HOH A . 
C 3 HOH 75 675 19 HOH HOH A . 
C 3 HOH 76 676 32 HOH HOH A . 
C 3 HOH 77 677 54 HOH HOH A . 
C 3 HOH 78 678 26 HOH HOH A . 
C 3 HOH 79 679 74 HOH HOH A . 
C 3 HOH 80 680 89 HOH HOH A . 
C 3 HOH 81 681 60 HOH HOH A . 
C 3 HOH 82 682 48 HOH HOH A . 
C 3 HOH 83 683 81 HOH HOH A . 
C 3 HOH 84 684 52 HOH HOH A . 
C 3 HOH 85 685 77 HOH HOH A . 
C 3 HOH 86 686 87 HOH HOH A . 
C 3 HOH 87 687 22 HOH HOH A . 
C 3 HOH 88 688 28 HOH HOH A . 
C 3 HOH 89 689 73 HOH HOH A . 
C 3 HOH 90 690 79 HOH HOH A . 
C 3 HOH 91 691 59 HOH HOH A . 
C 3 HOH 92 692 71 HOH HOH A . 
C 3 HOH 93 693 85 HOH HOH A . 
# 
loop_
_pdbx_unobs_or_zero_occ_atoms.id 
_pdbx_unobs_or_zero_occ_atoms.PDB_model_num 
_pdbx_unobs_or_zero_occ_atoms.polymer_flag 
_pdbx_unobs_or_zero_occ_atoms.occupancy_flag 
_pdbx_unobs_or_zero_occ_atoms.auth_asym_id 
_pdbx_unobs_or_zero_occ_atoms.auth_comp_id 
_pdbx_unobs_or_zero_occ_atoms.auth_seq_id 
_pdbx_unobs_or_zero_occ_atoms.PDB_ins_code 
_pdbx_unobs_or_zero_occ_atoms.auth_atom_id 
_pdbx_unobs_or_zero_occ_atoms.label_alt_id 
_pdbx_unobs_or_zero_occ_atoms.label_asym_id 
_pdbx_unobs_or_zero_occ_atoms.label_comp_id 
_pdbx_unobs_or_zero_occ_atoms.label_seq_id 
_pdbx_unobs_or_zero_occ_atoms.label_atom_id 
1  1 Y 1 A LYS 355 ? CD  ? A LYS 7  CD  
2  1 Y 1 A LYS 355 ? CE  ? A LYS 7  CE  
3  1 Y 1 A LYS 355 ? NZ  ? A LYS 7  NZ  
4  1 Y 1 A LYS 378 ? CD  ? A LYS 30 CD  
5  1 Y 1 A LYS 378 ? CE  ? A LYS 30 CE  
6  1 Y 1 A LYS 378 ? NZ  ? A LYS 30 NZ  
7  1 Y 1 A GLN 416 ? CG  ? A GLN 68 CG  
8  1 Y 1 A GLN 416 ? CD  ? A GLN 68 CD  
9  1 Y 1 A GLN 416 ? OE1 ? A GLN 68 OE1 
10 1 Y 1 A GLN 416 ? NE2 ? A GLN 68 NE2 
# 
loop_
_software.citation_id 
_software.classification 
_software.compiler_name 
_software.compiler_version 
_software.contact_author 
_software.contact_author_email 
_software.date 
_software.description 
_software.dependencies 
_software.hardware 
_software.language 
_software.location 
_software.mods 
_software.name 
_software.os 
_software.os_version 
_software.type 
_software.version 
_software.pdbx_ordinal 
? 'data reduction' ? ? ? ? ? ? ? ? ? ? ? XDS    ? ? ? 2.11.7 1 
? 'data scaling'   ? ? ? ? ? ? ? ? ? ? ? SCALA  ? ? ? .      2 
? 'model building' ? ? ? ? ? ? ? ? ? ? ? Coot   ? ? ? .      3 
? refinement       ? ? ? ? ? ? ? ? ? ? ? BUSTER ? ? ? 2.11.7 4 
# 
_cell.angle_alpha                  90.00 
_cell.angle_alpha_esd              ? 
_cell.angle_beta                   90.00 
_cell.angle_beta_esd               ? 
_cell.angle_gamma                  90.00 
_cell.angle_gamma_esd              ? 
_cell.entry_id                     5UEX 
_cell.details                      ? 
_cell.formula_units_Z              ? 
_cell.length_a                     52.244 
_cell.length_a_esd                 ? 
_cell.length_b                     74.421 
_cell.length_b_esd                 ? 
_cell.length_c                     33.333 
_cell.length_c_esd                 ? 
_cell.volume                       ? 
_cell.volume_esd                   ? 
_cell.Z_PDB                        4 
_cell.reciprocal_angle_alpha       ? 
_cell.reciprocal_angle_beta        ? 
_cell.reciprocal_angle_gamma       ? 
_cell.reciprocal_angle_alpha_esd   ? 
_cell.reciprocal_angle_beta_esd    ? 
_cell.reciprocal_angle_gamma_esd   ? 
_cell.reciprocal_length_a          ? 
_cell.reciprocal_length_b          ? 
_cell.reciprocal_length_c          ? 
_cell.reciprocal_length_a_esd      ? 
_cell.reciprocal_length_b_esd      ? 
_cell.reciprocal_length_c_esd      ? 
_cell.pdbx_unique_axis             ? 
# 
_symmetry.entry_id                         5UEX 
_symmetry.cell_setting                     ? 
_symmetry.Int_Tables_number                18 
_symmetry.space_group_name_Hall            ? 
_symmetry.space_group_name_H-M             'P 21 21 2' 
_symmetry.pdbx_full_space_group_name_H-M   ? 
# 
_exptl.absorpt_coefficient_mu     ? 
_exptl.absorpt_correction_T_max   ? 
_exptl.absorpt_correction_T_min   ? 
_exptl.absorpt_correction_type    ? 
_exptl.absorpt_process_details    ? 
_exptl.entry_id                   5UEX 
_exptl.crystals_number            1 
_exptl.details                    ? 
_exptl.method                     'X-RAY DIFFRACTION' 
_exptl.method_details             ? 
# 
_exptl_crystal.colour                      ? 
_exptl_crystal.density_diffrn              ? 
_exptl_crystal.density_Matthews            2.53 
_exptl_crystal.density_method              ? 
_exptl_crystal.density_percent_sol         51.38 
_exptl_crystal.description                 ? 
_exptl_crystal.F_000                       ? 
_exptl_crystal.id                          1 
_exptl_crystal.preparation                 ? 
_exptl_crystal.size_max                    ? 
_exptl_crystal.size_mid                    ? 
_exptl_crystal.size_min                    ? 
_exptl_crystal.size_rad                    ? 
_exptl_crystal.colour_lustre               ? 
_exptl_crystal.colour_modifier             ? 
_exptl_crystal.colour_primary              ? 
_exptl_crystal.density_meas                ? 
_exptl_crystal.density_meas_esd            ? 
_exptl_crystal.density_meas_gt             ? 
_exptl_crystal.density_meas_lt             ? 
_exptl_crystal.density_meas_temp           ? 
_exptl_crystal.density_meas_temp_esd       ? 
_exptl_crystal.density_meas_temp_gt        ? 
_exptl_crystal.density_meas_temp_lt        ? 
_exptl_crystal.pdbx_crystal_image_url      ? 
_exptl_crystal.pdbx_crystal_image_format   ? 
_exptl_crystal.pdbx_mosaicity              ? 
_exptl_crystal.pdbx_mosaicity_esd          ? 
# 
_exptl_crystal_grow.apparatus       ? 
_exptl_crystal_grow.atmosphere      ? 
_exptl_crystal_grow.crystal_id      1 
_exptl_crystal_grow.details         ? 
_exptl_crystal_grow.method          'VAPOR DIFFUSION' 
_exptl_crystal_grow.method_ref      ? 
_exptl_crystal_grow.pH              ? 
_exptl_crystal_grow.pressure        ? 
_exptl_crystal_grow.pressure_esd    ? 
_exptl_crystal_grow.seeding         ? 
_exptl_crystal_grow.seeding_ref     ? 
_exptl_crystal_grow.temp            277 
_exptl_crystal_grow.temp_details    ? 
_exptl_crystal_grow.temp_esd        ? 
_exptl_crystal_grow.time            ? 
_exptl_crystal_grow.pdbx_details    
;Protein Buffer :
10 mM HEPES PH 7.5
100mM NaCl,   5 mM DTT
Crystallization :
15 % (v/v) Ethanol,  Tris PH 7.0
;
_exptl_crystal_grow.pdbx_pH_range   ? 
# 
_diffrn.ambient_environment    ? 
_diffrn.ambient_temp           100 
_diffrn.ambient_temp_details   ? 
_diffrn.ambient_temp_esd       ? 
_diffrn.crystal_id             1 
_diffrn.crystal_support        ? 
_diffrn.crystal_treatment      ? 
_diffrn.details                ? 
_diffrn.id                     1 
_diffrn.ambient_pressure       ? 
_diffrn.ambient_pressure_esd   ? 
_diffrn.ambient_pressure_gt    ? 
_diffrn.ambient_pressure_lt    ? 
_diffrn.ambient_temp_gt        ? 
_diffrn.ambient_temp_lt        ? 
# 
_diffrn_detector.details                      ? 
_diffrn_detector.detector                     PIXEL 
_diffrn_detector.diffrn_id                    1 
_diffrn_detector.type                         'DECTRIS PILATUS 6M' 
_diffrn_detector.area_resol_mean              ? 
_diffrn_detector.dtime                        ? 
_diffrn_detector.pdbx_frames_total            ? 
_diffrn_detector.pdbx_collection_time_total   ? 
_diffrn_detector.pdbx_collection_date         2013-06-12 
# 
_diffrn_radiation.collimation                      ? 
_diffrn_radiation.diffrn_id                        1 
_diffrn_radiation.filter_edge                      ? 
_diffrn_radiation.inhomogeneity                    ? 
_diffrn_radiation.monochromator                    ? 
_diffrn_radiation.polarisn_norm                    ? 
_diffrn_radiation.polarisn_ratio                   ? 
_diffrn_radiation.probe                            ? 
_diffrn_radiation.type                             ? 
_diffrn_radiation.xray_symbol                      ? 
_diffrn_radiation.wavelength_id                    1 
_diffrn_radiation.pdbx_monochromatic_or_laue_m_l   M 
_diffrn_radiation.pdbx_wavelength_list             ? 
_diffrn_radiation.pdbx_wavelength                  ? 
_diffrn_radiation.pdbx_diffrn_protocol             'SINGLE WAVELENGTH' 
_diffrn_radiation.pdbx_analyzer                    ? 
_diffrn_radiation.pdbx_scattering_type             x-ray 
# 
_diffrn_radiation_wavelength.id           1 
_diffrn_radiation_wavelength.wavelength   1.0 
_diffrn_radiation_wavelength.wt           1.0 
# 
_diffrn_source.current                     ? 
_diffrn_source.details                     ? 
_diffrn_source.diffrn_id                   1 
_diffrn_source.power                       ? 
_diffrn_source.size                        ? 
_diffrn_source.source                      SYNCHROTRON 
_diffrn_source.target                      ? 
_diffrn_source.type                        'APS BEAMLINE 17-ID' 
_diffrn_source.voltage                     ? 
_diffrn_source.take-off_angle              ? 
_diffrn_source.pdbx_wavelength_list        1.0 
_diffrn_source.pdbx_wavelength             ? 
_diffrn_source.pdbx_synchrotron_beamline   17-ID 
_diffrn_source.pdbx_synchrotron_site       APS 
# 
_reflns.B_iso_Wilson_estimate            45.25 
_reflns.entry_id                         5UEX 
_reflns.data_reduction_details           ? 
_reflns.data_reduction_method            ? 
_reflns.d_resolution_high                2.27 
_reflns.d_resolution_low                 42.8 
_reflns.details                          ? 
_reflns.limit_h_max                      ? 
_reflns.limit_h_min                      ? 
_reflns.limit_k_max                      ? 
_reflns.limit_k_min                      ? 
_reflns.limit_l_max                      ? 
_reflns.limit_l_min                      ? 
_reflns.number_all                       ? 
_reflns.number_obs                       6417 
_reflns.observed_criterion               ? 
_reflns.observed_criterion_F_max         ? 
_reflns.observed_criterion_F_min         ? 
_reflns.observed_criterion_I_max         ? 
_reflns.observed_criterion_I_min         ? 
_reflns.observed_criterion_sigma_F       ? 
_reflns.observed_criterion_sigma_I       ? 
_reflns.percent_possible_obs             99.6 
_reflns.R_free_details                   ? 
_reflns.Rmerge_F_all                     ? 
_reflns.Rmerge_F_obs                     ? 
_reflns.Friedel_coverage                 ? 
_reflns.number_gt                        ? 
_reflns.threshold_expression             ? 
_reflns.pdbx_redundancy                  6.0 
_reflns.pdbx_Rmerge_I_obs                ? 
_reflns.pdbx_Rmerge_I_all                ? 
_reflns.pdbx_Rsym_value                  ? 
_reflns.pdbx_netI_over_av_sigmaI         ? 
_reflns.pdbx_netI_over_sigmaI            31.9 
_reflns.pdbx_res_netI_over_av_sigmaI_2   ? 
_reflns.pdbx_res_netI_over_sigmaI_2      ? 
_reflns.pdbx_chi_squared                 ? 
_reflns.pdbx_scaling_rejects             ? 
_reflns.pdbx_d_res_high_opt              ? 
_reflns.pdbx_d_res_low_opt               ? 
_reflns.pdbx_d_res_opt_method            ? 
_reflns.phase_calculation_details        ? 
_reflns.pdbx_Rrim_I_all                  ? 
_reflns.pdbx_Rpim_I_all                  ? 
_reflns.pdbx_d_opt                       ? 
_reflns.pdbx_number_measured_all         ? 
_reflns.pdbx_diffrn_id                   1 
_reflns.pdbx_ordinal                     1 
_reflns.pdbx_CC_half                     ? 
_reflns.pdbx_R_split                     ? 
# 
_reflns_shell.d_res_high                  . 
_reflns_shell.d_res_low                   ? 
_reflns_shell.meanI_over_sigI_all         ? 
_reflns_shell.meanI_over_sigI_obs         ? 
_reflns_shell.number_measured_all         ? 
_reflns_shell.number_measured_obs         ? 
_reflns_shell.number_possible             ? 
_reflns_shell.number_unique_all           ? 
_reflns_shell.number_unique_obs           ? 
_reflns_shell.percent_possible_all        ? 
_reflns_shell.percent_possible_obs        ? 
_reflns_shell.Rmerge_F_all                ? 
_reflns_shell.Rmerge_F_obs                ? 
_reflns_shell.Rmerge_I_all                ? 
_reflns_shell.Rmerge_I_obs                ? 
_reflns_shell.meanI_over_sigI_gt          ? 
_reflns_shell.meanI_over_uI_all           ? 
_reflns_shell.meanI_over_uI_gt            ? 
_reflns_shell.number_measured_gt          ? 
_reflns_shell.number_unique_gt            ? 
_reflns_shell.percent_possible_gt         ? 
_reflns_shell.Rmerge_F_gt                 ? 
_reflns_shell.Rmerge_I_gt                 ? 
_reflns_shell.pdbx_redundancy             ? 
_reflns_shell.pdbx_Rsym_value             ? 
_reflns_shell.pdbx_chi_squared            ? 
_reflns_shell.pdbx_netI_over_sigmaI_all   ? 
_reflns_shell.pdbx_netI_over_sigmaI_obs   ? 
_reflns_shell.pdbx_Rrim_I_all             ? 
_reflns_shell.pdbx_Rpim_I_all             ? 
_reflns_shell.pdbx_rejects                ? 
_reflns_shell.pdbx_ordinal                1 
_reflns_shell.pdbx_diffrn_id              1 
_reflns_shell.pdbx_CC_half                ? 
_reflns_shell.pdbx_R_split                ? 
# 
_refine.aniso_B[1][1]                            -21.59950 
_refine.aniso_B[1][2]                            0.00000 
_refine.aniso_B[1][3]                            0.00000 
_refine.aniso_B[2][2]                            19.33010 
_refine.aniso_B[2][3]                            0.00000 
_refine.aniso_B[3][3]                            2.26940 
_refine.B_iso_max                                ? 
_refine.B_iso_mean                               45.34 
_refine.B_iso_min                                ? 
_refine.correlation_coeff_Fo_to_Fc               0.887 
_refine.correlation_coeff_Fo_to_Fc_free          0.847 
_refine.details                                  ? 
_refine.diff_density_max                         ? 
_refine.diff_density_max_esd                     ? 
_refine.diff_density_min                         ? 
_refine.diff_density_min_esd                     ? 
_refine.diff_density_rms                         ? 
_refine.diff_density_rms_esd                     ? 
_refine.entry_id                                 5UEX 
_refine.pdbx_refine_id                           'X-RAY DIFFRACTION' 
_refine.ls_abs_structure_details                 ? 
_refine.ls_abs_structure_Flack                   ? 
_refine.ls_abs_structure_Flack_esd               ? 
_refine.ls_abs_structure_Rogers                  ? 
_refine.ls_abs_structure_Rogers_esd              ? 
_refine.ls_d_res_high                            2.29 
_refine.ls_d_res_low                             42.76 
_refine.ls_extinction_coef                       ? 
_refine.ls_extinction_coef_esd                   ? 
_refine.ls_extinction_expression                 ? 
_refine.ls_extinction_method                     ? 
_refine.ls_goodness_of_fit_all                   ? 
_refine.ls_goodness_of_fit_all_esd               ? 
_refine.ls_goodness_of_fit_obs                   ? 
_refine.ls_goodness_of_fit_obs_esd               ? 
_refine.ls_hydrogen_treatment                    ? 
_refine.ls_matrix_type                           ? 
_refine.ls_number_constraints                    ? 
_refine.ls_number_parameters                     ? 
_refine.ls_number_reflns_all                     ? 
_refine.ls_number_reflns_obs                     6154 
_refine.ls_number_reflns_R_free                  286 
_refine.ls_number_reflns_R_work                  ? 
_refine.ls_number_restraints                     ? 
_refine.ls_percent_reflns_obs                    98.6 
_refine.ls_percent_reflns_R_free                 4.650 
_refine.ls_R_factor_all                          ? 
_refine.ls_R_factor_obs                          0.238 
_refine.ls_R_factor_R_free                       0.279 
_refine.ls_R_factor_R_free_error                 0.02 
_refine.ls_R_factor_R_free_error_details         ? 
_refine.ls_R_factor_R_work                       0.236 
_refine.ls_R_Fsqd_factor_obs                     ? 
_refine.ls_R_I_factor_obs                        ? 
_refine.ls_redundancy_reflns_all                 ? 
_refine.ls_redundancy_reflns_obs                 ? 
_refine.ls_restrained_S_all                      ? 
_refine.ls_restrained_S_obs                      ? 
_refine.ls_shift_over_esd_max                    ? 
_refine.ls_shift_over_esd_mean                   ? 
_refine.ls_structure_factor_coef                 ? 
_refine.ls_weighting_details                     ? 
_refine.ls_weighting_scheme                      ? 
_refine.ls_wR_factor_all                         ? 
_refine.ls_wR_factor_obs                         ? 
_refine.ls_wR_factor_R_free                      ? 
_refine.ls_wR_factor_R_work                      ? 
_refine.occupancy_max                            ? 
_refine.occupancy_min                            ? 
_refine.solvent_model_details                    ? 
_refine.solvent_model_param_bsol                 ? 
_refine.solvent_model_param_ksol                 ? 
_refine.ls_R_factor_gt                           ? 
_refine.ls_goodness_of_fit_gt                    ? 
_refine.ls_goodness_of_fit_ref                   ? 
_refine.ls_shift_over_su_max                     ? 
_refine.ls_shift_over_su_max_lt                  ? 
_refine.ls_shift_over_su_mean                    ? 
_refine.ls_shift_over_su_mean_lt                 ? 
_refine.pdbx_ls_sigma_I                          ? 
_refine.pdbx_ls_sigma_F                          0.000 
_refine.pdbx_ls_sigma_Fsqd                       ? 
_refine.pdbx_data_cutoff_high_absF               ? 
_refine.pdbx_data_cutoff_high_rms_absF           ? 
_refine.pdbx_data_cutoff_low_absF                ? 
_refine.pdbx_isotropic_thermal_model             ? 
_refine.pdbx_ls_cross_valid_method               THROUGHOUT 
_refine.pdbx_method_to_determine_struct          'MOLECULAR REPLACEMENT' 
_refine.pdbx_starting_model                      Apo-BRD4_BD2 
_refine.pdbx_stereochemistry_target_values       ? 
_refine.pdbx_R_Free_selection_details            RANDOM 
_refine.pdbx_stereochem_target_val_spec_case     ? 
_refine.pdbx_overall_ESU_R                       ? 
_refine.pdbx_overall_ESU_R_Free                  ? 
_refine.pdbx_solvent_vdw_probe_radii             ? 
_refine.pdbx_solvent_ion_probe_radii             ? 
_refine.pdbx_solvent_shrinkage_radii             ? 
_refine.pdbx_real_space_R                        ? 
_refine.pdbx_density_correlation                 ? 
_refine.pdbx_pd_number_of_powder_patterns        ? 
_refine.pdbx_pd_number_of_points                 ? 
_refine.pdbx_pd_meas_number_of_points            ? 
_refine.pdbx_pd_proc_ls_prof_R_factor            ? 
_refine.pdbx_pd_proc_ls_prof_wR_factor           ? 
_refine.pdbx_pd_Marquardt_correlation_coeff      ? 
_refine.pdbx_pd_Fsqrd_R_factor                   ? 
_refine.pdbx_pd_ls_matrix_band_width             ? 
_refine.pdbx_overall_phase_error                 ? 
_refine.pdbx_overall_SU_R_free_Cruickshank_DPI   0.258 
_refine.pdbx_overall_SU_R_free_Blow_DPI          0.275 
_refine.pdbx_overall_SU_R_Blow_DPI               0.478 
_refine.pdbx_TLS_residual_ADP_flag               ? 
_refine.pdbx_diffrn_id                           1 
_refine.overall_SU_B                             ? 
_refine.overall_SU_ML                            ? 
_refine.overall_SU_R_Cruickshank_DPI             0.381 
_refine.overall_SU_R_free                        ? 
_refine.overall_FOM_free_R_set                   ? 
_refine.overall_FOM_work_R_set                   ? 
_refine.pdbx_average_fsc_overall                 ? 
_refine.pdbx_average_fsc_work                    ? 
_refine.pdbx_average_fsc_free                    ? 
# 
_refine_analyze.entry_id                        5UEX 
_refine_analyze.pdbx_refine_id                  'X-RAY DIFFRACTION' 
_refine_analyze.Luzzati_coordinate_error_free   ? 
_refine_analyze.Luzzati_coordinate_error_obs    0.40 
_refine_analyze.Luzzati_d_res_low_free          ? 
_refine_analyze.Luzzati_d_res_low_obs           ? 
_refine_analyze.Luzzati_sigma_a_free            ? 
_refine_analyze.Luzzati_sigma_a_free_details    ? 
_refine_analyze.Luzzati_sigma_a_obs             ? 
_refine_analyze.Luzzati_sigma_a_obs_details     ? 
_refine_analyze.number_disordered_residues      ? 
_refine_analyze.occupancy_sum_hydrogen          ? 
_refine_analyze.occupancy_sum_non_hydrogen      ? 
_refine_analyze.RG_d_res_high                   ? 
_refine_analyze.RG_d_res_low                    ? 
_refine_analyze.RG_free                         ? 
_refine_analyze.RG_work                         ? 
_refine_analyze.RG_free_work_ratio              ? 
_refine_analyze.pdbx_Luzzati_d_res_high_obs     ? 
# 
_refine_hist.pdbx_refine_id                   'X-RAY DIFFRACTION' 
_refine_hist.cycle_id                         1 
_refine_hist.pdbx_number_atoms_protein        882 
_refine_hist.pdbx_number_atoms_nucleic_acid   0 
_refine_hist.pdbx_number_atoms_ligand         34 
_refine_hist.number_atoms_solvent             93 
_refine_hist.number_atoms_total               1009 
_refine_hist.d_res_high                       2.29 
_refine_hist.d_res_low                        42.76 
# 
loop_
_refine_ls_restr.pdbx_refine_id 
_refine_ls_restr.criterion 
_refine_ls_restr.dev_ideal 
_refine_ls_restr.dev_ideal_target 
_refine_ls_restr.number 
_refine_ls_restr.rejects 
_refine_ls_restr.type 
_refine_ls_restr.weight 
_refine_ls_restr.pdbx_restraint_function 
'X-RAY DIFFRACTION' ? 0.008 ? 966  ? t_bond_d                  2.00  HARMONIC     
'X-RAY DIFFRACTION' ? 0.97  ? 1323 ? t_angle_deg               2.00  HARMONIC     
'X-RAY DIFFRACTION' ? ?     ? 322  ? t_dihedral_angle_d        2.00  SINUSOIDAL   
'X-RAY DIFFRACTION' ? ?     ? ?    ? t_incorr_chiral_ct        ?     ?            
'X-RAY DIFFRACTION' ? ?     ? ?    ? t_pseud_angle             ?     ?            
'X-RAY DIFFRACTION' ? ?     ? 20   ? t_trig_c_planes           2.00  HARMONIC     
'X-RAY DIFFRACTION' ? ?     ? 149  ? t_gen_planes              5.00  HARMONIC     
'X-RAY DIFFRACTION' ? ?     ? 966  ? t_it                      20.00 HARMONIC     
'X-RAY DIFFRACTION' ? ?     ? ?    ? t_nbd                     ?     ?            
'X-RAY DIFFRACTION' ? 1.67  ? ?    ? t_omega_torsion           ?     ?            
'X-RAY DIFFRACTION' ? 18.11 ? ?    ? t_other_torsion           ?     ?            
'X-RAY DIFFRACTION' ? ?     ? ?    ? t_improper_torsion        ?     ?            
'X-RAY DIFFRACTION' ? ?     ? 111  ? t_chiral_improper_torsion 5.00  SEMIHARMONIC 
'X-RAY DIFFRACTION' ? ?     ? ?    ? t_sum_occupancies         ?     ?            
'X-RAY DIFFRACTION' ? ?     ? ?    ? t_utility_distance        ?     ?            
'X-RAY DIFFRACTION' ? ?     ? ?    ? t_utility_angle           ?     ?            
'X-RAY DIFFRACTION' ? ?     ? ?    ? t_utility_torsion         ?     ?            
'X-RAY DIFFRACTION' ? ?     ? 1154 ? t_ideal_dist_contact      4.00  SEMIHARMONIC 
# 
_refine_ls_shell.pdbx_refine_id                   'X-RAY DIFFRACTION' 
_refine_ls_shell.d_res_high                       2.29 
_refine_ls_shell.d_res_low                        2.56 
_refine_ls_shell.number_reflns_all                1704 
_refine_ls_shell.number_reflns_obs                ? 
_refine_ls_shell.number_reflns_R_free             ? 
_refine_ls_shell.number_reflns_R_work             1617 
_refine_ls_shell.percent_reflns_obs               97.99 
_refine_ls_shell.percent_reflns_R_free            5.11 
_refine_ls_shell.R_factor_all                     0.294 
_refine_ls_shell.R_factor_obs                     ? 
_refine_ls_shell.R_factor_R_free                  0.331 
_refine_ls_shell.R_factor_R_free_error            0.000 
_refine_ls_shell.R_factor_R_work                  0.292 
_refine_ls_shell.redundancy_reflns_all            ? 
_refine_ls_shell.redundancy_reflns_obs            ? 
_refine_ls_shell.wR_factor_all                    ? 
_refine_ls_shell.wR_factor_obs                    ? 
_refine_ls_shell.wR_factor_R_free                 ? 
_refine_ls_shell.wR_factor_R_work                 ? 
_refine_ls_shell.pdbx_total_number_of_bins_used   5 
_refine_ls_shell.pdbx_phase_error                 ? 
_refine_ls_shell.pdbx_fsc_work                    ? 
_refine_ls_shell.pdbx_fsc_free                    ? 
# 
_struct.entry_id                     5UEX 
_struct.title                        BRD4_BD2_A-1497627 
_struct.pdbx_model_details           ? 
_struct.pdbx_formula_weight          ? 
_struct.pdbx_formula_weight_method   ? 
_struct.pdbx_model_type_details      ? 
_struct.pdbx_CASP_flag               N 
# 
_struct_keywords.entry_id        5UEX 
_struct_keywords.text            'SIGNALING PROTEIN-INHIBITOR complex' 
_struct_keywords.pdbx_keywords   'SIGNALING PROTEIN/INHIBITOR' 
# 
loop_
_struct_asym.id 
_struct_asym.pdbx_blank_PDB_chainid_flag 
_struct_asym.pdbx_modified 
_struct_asym.entity_id 
_struct_asym.details 
A N N 1 ? 
B N N 2 ? 
C N N 3 ? 
# 
_struct_ref.id                         1 
_struct_ref.db_name                    UNP 
_struct_ref.db_code                    BRD4_HUMAN 
_struct_ref.pdbx_db_accession          O60885 
_struct_ref.pdbx_db_isoform            ? 
_struct_ref.entity_id                  1 
_struct_ref.pdbx_seq_one_letter_code   
;EQLKCCSGILKEMFAKKHAAYAWPFYKPVDVEALGLHDYCDIIKHPMDMSTIKSKLEAREYRDAQEFGADVRLMFSNCYK
YNPPDHEVVAMARKLQDVFEMRFAKM
;
_struct_ref.pdbx_align_begin           352 
# 
_struct_ref_seq.align_id                      1 
_struct_ref_seq.ref_id                        1 
_struct_ref_seq.pdbx_PDB_id_code              5UEX 
_struct_ref_seq.pdbx_strand_id                A 
_struct_ref_seq.seq_align_beg                 4 
_struct_ref_seq.pdbx_seq_align_beg_ins_code   ? 
_struct_ref_seq.seq_align_end                 109 
_struct_ref_seq.pdbx_seq_align_end_ins_code   ? 
_struct_ref_seq.pdbx_db_accession             O60885 
_struct_ref_seq.db_align_beg                  352 
_struct_ref_seq.pdbx_db_align_beg_ins_code    ? 
_struct_ref_seq.db_align_end                  457 
_struct_ref_seq.pdbx_db_align_end_ins_code    ? 
_struct_ref_seq.pdbx_auth_seq_align_beg       352 
_struct_ref_seq.pdbx_auth_seq_align_end       457 
# 
loop_
_struct_ref_seq_dif.align_id 
_struct_ref_seq_dif.pdbx_pdb_id_code 
_struct_ref_seq_dif.mon_id 
_struct_ref_seq_dif.pdbx_pdb_strand_id 
_struct_ref_seq_dif.seq_num 
_struct_ref_seq_dif.pdbx_pdb_ins_code 
_struct_ref_seq_dif.pdbx_seq_db_name 
_struct_ref_seq_dif.pdbx_seq_db_accession_code 
_struct_ref_seq_dif.db_mon_id 
_struct_ref_seq_dif.pdbx_seq_db_seq_num 
_struct_ref_seq_dif.details 
_struct_ref_seq_dif.pdbx_auth_seq_num 
_struct_ref_seq_dif.pdbx_ordinal 
1 5UEX SER A 1 ? UNP O60885 ? ? 'expression tag' 349 1 
1 5UEX HIS A 2 ? UNP O60885 ? ? 'expression tag' 350 2 
1 5UEX MET A 3 ? UNP O60885 ? ? 'expression tag' 351 3 
# 
_pdbx_struct_assembly.id                   1 
_pdbx_struct_assembly.details              author_and_software_defined_assembly 
_pdbx_struct_assembly.method_details       PISA 
_pdbx_struct_assembly.oligomeric_details   monomeric 
_pdbx_struct_assembly.oligomeric_count     1 
# 
loop_
_pdbx_struct_assembly_prop.biol_id 
_pdbx_struct_assembly_prop.type 
_pdbx_struct_assembly_prop.value 
_pdbx_struct_assembly_prop.details 
1 'ABSA (A^2)' 0    ? 
1 MORE         0    ? 
1 'SSA (A^2)'  6670 ? 
# 
_pdbx_struct_assembly_gen.assembly_id       1 
_pdbx_struct_assembly_gen.oper_expression   1 
_pdbx_struct_assembly_gen.asym_id_list      A,B,C 
# 
_pdbx_struct_oper_list.id                   1 
_pdbx_struct_oper_list.type                 'identity operation' 
_pdbx_struct_oper_list.name                 1_555 
_pdbx_struct_oper_list.symmetry_operation   x,y,z 
_pdbx_struct_oper_list.matrix[1][1]         1.0000000000 
_pdbx_struct_oper_list.matrix[1][2]         0.0000000000 
_pdbx_struct_oper_list.matrix[1][3]         0.0000000000 
_pdbx_struct_oper_list.vector[1]            0.0000000000 
_pdbx_struct_oper_list.matrix[2][1]         0.0000000000 
_pdbx_struct_oper_list.matrix[2][2]         1.0000000000 
_pdbx_struct_oper_list.matrix[2][3]         0.0000000000 
_pdbx_struct_oper_list.vector[2]            0.0000000000 
_pdbx_struct_oper_list.matrix[3][1]         0.0000000000 
_pdbx_struct_oper_list.matrix[3][2]         0.0000000000 
_pdbx_struct_oper_list.matrix[3][3]         1.0000000000 
_pdbx_struct_oper_list.vector[3]            0.0000000000 
# 
loop_
_struct_conf.conf_type_id 
_struct_conf.id 
_struct_conf.pdbx_PDB_helix_id 
_struct_conf.beg_label_comp_id 
_struct_conf.beg_label_asym_id 
_struct_conf.beg_label_seq_id 
_struct_conf.pdbx_beg_PDB_ins_code 
_struct_conf.end_label_comp_id 
_struct_conf.end_label_asym_id 
_struct_conf.end_label_seq_id 
_struct_conf.pdbx_end_PDB_ins_code 
_struct_conf.beg_auth_comp_id 
_struct_conf.beg_auth_asym_id 
_struct_conf.beg_auth_seq_id 
_struct_conf.end_auth_comp_id 
_struct_conf.end_auth_asym_id 
_struct_conf.end_auth_seq_id 
_struct_conf.pdbx_PDB_helix_class 
_struct_conf.details 
_struct_conf.pdbx_PDB_helix_length 
HELX_P HELX_P1 AA1 SER A 1  ? ALA A 18  ? SER A 349 ALA A 366 1 ? 18 
HELX_P HELX_P2 AA2 HIS A 21 ? TRP A 26  ? HIS A 369 TRP A 374 1 ? 6  
HELX_P HELX_P3 AA3 PRO A 27 ? TYR A 29  ? PRO A 375 TYR A 377 5 ? 3  
HELX_P HELX_P4 AA4 ASP A 33 ? GLY A 38  ? ASP A 381 GLY A 386 1 ? 6  
HELX_P HELX_P5 AA5 ASP A 41 ? ILE A 46  ? ASP A 389 ILE A 394 1 ? 6  
HELX_P HELX_P6 AA6 ASP A 51 ? ALA A 61  ? ASP A 399 ALA A 409 1 ? 11 
HELX_P HELX_P7 AA7 ASP A 66 ? ASN A 85  ? ASP A 414 ASN A 433 1 ? 20 
HELX_P HELX_P8 AA8 HIS A 89 ? LYS A 108 ? HIS A 437 LYS A 456 1 ? 20 
# 
_struct_conf_type.id          HELX_P 
_struct_conf_type.criteria    ? 
_struct_conf_type.reference   ? 
# 
_struct_site.id                   AC1 
_struct_site.pdbx_evidence_code   Software 
_struct_site.pdbx_auth_asym_id    A 
_struct_site.pdbx_auth_comp_id    89D 
_struct_site.pdbx_auth_seq_id     501 
_struct_site.pdbx_auth_ins_code   ? 
_struct_site.pdbx_num_residues    13 
_struct_site.details              'binding site for residue 89D A 501' 
# 
loop_
_struct_site_gen.id 
_struct_site_gen.site_id 
_struct_site_gen.pdbx_num_res 
_struct_site_gen.label_comp_id 
_struct_site_gen.label_asym_id 
_struct_site_gen.label_seq_id 
_struct_site_gen.pdbx_auth_ins_code 
_struct_site_gen.auth_comp_id 
_struct_site_gen.auth_asym_id 
_struct_site_gen.auth_seq_id 
_struct_site_gen.label_atom_id 
_struct_site_gen.label_alt_id 
_struct_site_gen.symmetry 
_struct_site_gen.details 
1  AC1 13 TRP A 26 ? TRP A 374 . ? 1_555 ? 
2  AC1 13 PRO A 27 ? PRO A 375 . ? 1_555 ? 
3  AC1 13 PHE A 28 ? PHE A 376 . ? 1_555 ? 
4  AC1 13 LYS A 30 ? LYS A 378 . ? 1_555 ? 
5  AC1 13 PRO A 31 ? PRO A 379 . ? 1_555 ? 
6  AC1 13 VAL A 32 ? VAL A 380 . ? 1_555 ? 
7  AC1 13 ASP A 33 ? ASP A 381 . ? 1_555 ? 
8  AC1 13 LEU A 37 ? LEU A 385 . ? 1_555 ? 
9  AC1 13 ASN A 85 ? ASN A 433 . ? 1_555 ? 
10 AC1 13 HIS A 89 ? HIS A 437 . ? 1_555 ? 
11 AC1 13 GLU A 90 ? GLU A 438 . ? 1_555 ? 
12 AC1 13 VAL A 91 ? VAL A 439 . ? 1_555 ? 
13 AC1 13 HOH C .  ? HOH A 601 . ? 1_555 ? 
# 
_pdbx_validate_torsion.id              1 
_pdbx_validate_torsion.PDB_model_num   1 
_pdbx_validate_torsion.auth_comp_id    LYS 
_pdbx_validate_torsion.auth_asym_id    A 
_pdbx_validate_torsion.auth_seq_id     456 
_pdbx_validate_torsion.PDB_ins_code    ? 
_pdbx_validate_torsion.label_alt_id    ? 
_pdbx_validate_torsion.phi             -86.01 
_pdbx_validate_torsion.psi             48.41 
# 
loop_
_chem_comp_atom.comp_id 
_chem_comp_atom.atom_id 
_chem_comp_atom.type_symbol 
_chem_comp_atom.pdbx_aromatic_flag 
_chem_comp_atom.pdbx_stereo_config 
_chem_comp_atom.pdbx_ordinal 
89D C4   C Y N 1   
89D C5   C Y N 2   
89D C6   C Y N 3   
89D C7   C Y N 4   
89D C8   C Y N 5   
89D C10  C Y N 6   
89D C13  C N N 7   
89D C15  C N N 8   
89D C17  C N N 9   
89D C20  C N N 10  
89D C21  C N N 11  
89D C22  C N N 12  
89D C24  C N N 13  
89D C1   C Y N 14  
89D C2   C Y N 15  
89D C3   C Y N 16  
89D C9   C Y N 17  
89D C11  C Y N 18  
89D C12  C Y N 19  
89D C14  C N N 20  
89D C16  C N N 21  
89D C18  C N N 22  
89D C19  C N N 23  
89D C23  C N N 24  
89D N25  N N N 25  
89D N26  N N N 26  
89D O27  O N N 27  
89D O28  O N N 28  
89D O29  O N N 29  
89D O30  O N N 30  
89D O31  O N N 31  
89D F32  F N N 32  
89D F33  F N N 33  
89D S34  S N N 34  
89D H4   H N N 35  
89D H5   H N N 36  
89D H13  H N N 37  
89D H201 H N N 38  
89D H202 H N N 39  
89D H212 H N N 40  
89D H211 H N N 41  
89D H223 H N N 42  
89D H222 H N N 43  
89D H221 H N N 44  
89D H1   H N N 45  
89D H2   H N N 46  
89D H3   H N N 47  
89D H14  H N N 48  
89D H182 H N N 49  
89D H181 H N N 50  
89D H191 H N N 51  
89D H192 H N N 52  
89D H233 H N N 53  
89D H231 H N N 54  
89D H232 H N N 55  
89D H6   H N N 56  
89D H7   H N N 57  
89D H241 H N N 58  
89D H242 H N N 59  
89D H26  H N N 60  
ALA N    N N N 61  
ALA CA   C N S 62  
ALA C    C N N 63  
ALA O    O N N 64  
ALA CB   C N N 65  
ALA OXT  O N N 66  
ALA H    H N N 67  
ALA H2   H N N 68  
ALA HA   H N N 69  
ALA HB1  H N N 70  
ALA HB2  H N N 71  
ALA HB3  H N N 72  
ALA HXT  H N N 73  
ARG N    N N N 74  
ARG CA   C N S 75  
ARG C    C N N 76  
ARG O    O N N 77  
ARG CB   C N N 78  
ARG CG   C N N 79  
ARG CD   C N N 80  
ARG NE   N N N 81  
ARG CZ   C N N 82  
ARG NH1  N N N 83  
ARG NH2  N N N 84  
ARG OXT  O N N 85  
ARG H    H N N 86  
ARG H2   H N N 87  
ARG HA   H N N 88  
ARG HB2  H N N 89  
ARG HB3  H N N 90  
ARG HG2  H N N 91  
ARG HG3  H N N 92  
ARG HD2  H N N 93  
ARG HD3  H N N 94  
ARG HE   H N N 95  
ARG HH11 H N N 96  
ARG HH12 H N N 97  
ARG HH21 H N N 98  
ARG HH22 H N N 99  
ARG HXT  H N N 100 
ASN N    N N N 101 
ASN CA   C N S 102 
ASN C    C N N 103 
ASN O    O N N 104 
ASN CB   C N N 105 
ASN CG   C N N 106 
ASN OD1  O N N 107 
ASN ND2  N N N 108 
ASN OXT  O N N 109 
ASN H    H N N 110 
ASN H2   H N N 111 
ASN HA   H N N 112 
ASN HB2  H N N 113 
ASN HB3  H N N 114 
ASN HD21 H N N 115 
ASN HD22 H N N 116 
ASN HXT  H N N 117 
ASP N    N N N 118 
ASP CA   C N S 119 
ASP C    C N N 120 
ASP O    O N N 121 
ASP CB   C N N 122 
ASP CG   C N N 123 
ASP OD1  O N N 124 
ASP OD2  O N N 125 
ASP OXT  O N N 126 
ASP H    H N N 127 
ASP H2   H N N 128 
ASP HA   H N N 129 
ASP HB2  H N N 130 
ASP HB3  H N N 131 
ASP HD2  H N N 132 
ASP HXT  H N N 133 
CYS N    N N N 134 
CYS CA   C N R 135 
CYS C    C N N 136 
CYS O    O N N 137 
CYS CB   C N N 138 
CYS SG   S N N 139 
CYS OXT  O N N 140 
CYS H    H N N 141 
CYS H2   H N N 142 
CYS HA   H N N 143 
CYS HB2  H N N 144 
CYS HB3  H N N 145 
CYS HG   H N N 146 
CYS HXT  H N N 147 
GLN N    N N N 148 
GLN CA   C N S 149 
GLN C    C N N 150 
GLN O    O N N 151 
GLN CB   C N N 152 
GLN CG   C N N 153 
GLN CD   C N N 154 
GLN OE1  O N N 155 
GLN NE2  N N N 156 
GLN OXT  O N N 157 
GLN H    H N N 158 
GLN H2   H N N 159 
GLN HA   H N N 160 
GLN HB2  H N N 161 
GLN HB3  H N N 162 
GLN HG2  H N N 163 
GLN HG3  H N N 164 
GLN HE21 H N N 165 
GLN HE22 H N N 166 
GLN HXT  H N N 167 
GLU N    N N N 168 
GLU CA   C N S 169 
GLU C    C N N 170 
GLU O    O N N 171 
GLU CB   C N N 172 
GLU CG   C N N 173 
GLU CD   C N N 174 
GLU OE1  O N N 175 
GLU OE2  O N N 176 
GLU OXT  O N N 177 
GLU H    H N N 178 
GLU H2   H N N 179 
GLU HA   H N N 180 
GLU HB2  H N N 181 
GLU HB3  H N N 182 
GLU HG2  H N N 183 
GLU HG3  H N N 184 
GLU HE2  H N N 185 
GLU HXT  H N N 186 
GLY N    N N N 187 
GLY CA   C N N 188 
GLY C    C N N 189 
GLY O    O N N 190 
GLY OXT  O N N 191 
GLY H    H N N 192 
GLY H2   H N N 193 
GLY HA2  H N N 194 
GLY HA3  H N N 195 
GLY HXT  H N N 196 
HIS N    N N N 197 
HIS CA   C N S 198 
HIS C    C N N 199 
HIS O    O N N 200 
HIS CB   C N N 201 
HIS CG   C Y N 202 
HIS ND1  N Y N 203 
HIS CD2  C Y N 204 
HIS CE1  C Y N 205 
HIS NE2  N Y N 206 
HIS OXT  O N N 207 
HIS H    H N N 208 
HIS H2   H N N 209 
HIS HA   H N N 210 
HIS HB2  H N N 211 
HIS HB3  H N N 212 
HIS HD1  H N N 213 
HIS HD2  H N N 214 
HIS HE1  H N N 215 
HIS HE2  H N N 216 
HIS HXT  H N N 217 
HOH O    O N N 218 
HOH H1   H N N 219 
HOH H2   H N N 220 
ILE N    N N N 221 
ILE CA   C N S 222 
ILE C    C N N 223 
ILE O    O N N 224 
ILE CB   C N S 225 
ILE CG1  C N N 226 
ILE CG2  C N N 227 
ILE CD1  C N N 228 
ILE OXT  O N N 229 
ILE H    H N N 230 
ILE H2   H N N 231 
ILE HA   H N N 232 
ILE HB   H N N 233 
ILE HG12 H N N 234 
ILE HG13 H N N 235 
ILE HG21 H N N 236 
ILE HG22 H N N 237 
ILE HG23 H N N 238 
ILE HD11 H N N 239 
ILE HD12 H N N 240 
ILE HD13 H N N 241 
ILE HXT  H N N 242 
LEU N    N N N 243 
LEU CA   C N S 244 
LEU C    C N N 245 
LEU O    O N N 246 
LEU CB   C N N 247 
LEU CG   C N N 248 
LEU CD1  C N N 249 
LEU CD2  C N N 250 
LEU OXT  O N N 251 
LEU H    H N N 252 
LEU H2   H N N 253 
LEU HA   H N N 254 
LEU HB2  H N N 255 
LEU HB3  H N N 256 
LEU HG   H N N 257 
LEU HD11 H N N 258 
LEU HD12 H N N 259 
LEU HD13 H N N 260 
LEU HD21 H N N 261 
LEU HD22 H N N 262 
LEU HD23 H N N 263 
LEU HXT  H N N 264 
LYS N    N N N 265 
LYS CA   C N S 266 
LYS C    C N N 267 
LYS O    O N N 268 
LYS CB   C N N 269 
LYS CG   C N N 270 
LYS CD   C N N 271 
LYS CE   C N N 272 
LYS NZ   N N N 273 
LYS OXT  O N N 274 
LYS H    H N N 275 
LYS H2   H N N 276 
LYS HA   H N N 277 
LYS HB2  H N N 278 
LYS HB3  H N N 279 
LYS HG2  H N N 280 
LYS HG3  H N N 281 
LYS HD2  H N N 282 
LYS HD3  H N N 283 
LYS HE2  H N N 284 
LYS HE3  H N N 285 
LYS HZ1  H N N 286 
LYS HZ2  H N N 287 
LYS HZ3  H N N 288 
LYS HXT  H N N 289 
MET N    N N N 290 
MET CA   C N S 291 
MET C    C N N 292 
MET O    O N N 293 
MET CB   C N N 294 
MET CG   C N N 295 
MET SD   S N N 296 
MET CE   C N N 297 
MET OXT  O N N 298 
MET H    H N N 299 
MET H2   H N N 300 
MET HA   H N N 301 
MET HB2  H N N 302 
MET HB3  H N N 303 
MET HG2  H N N 304 
MET HG3  H N N 305 
MET HE1  H N N 306 
MET HE2  H N N 307 
MET HE3  H N N 308 
MET HXT  H N N 309 
PHE N    N N N 310 
PHE CA   C N S 311 
PHE C    C N N 312 
PHE O    O N N 313 
PHE CB   C N N 314 
PHE CG   C Y N 315 
PHE CD1  C Y N 316 
PHE CD2  C Y N 317 
PHE CE1  C Y N 318 
PHE CE2  C Y N 319 
PHE CZ   C Y N 320 
PHE OXT  O N N 321 
PHE H    H N N 322 
PHE H2   H N N 323 
PHE HA   H N N 324 
PHE HB2  H N N 325 
PHE HB3  H N N 326 
PHE HD1  H N N 327 
PHE HD2  H N N 328 
PHE HE1  H N N 329 
PHE HE2  H N N 330 
PHE HZ   H N N 331 
PHE HXT  H N N 332 
PRO N    N N N 333 
PRO CA   C N S 334 
PRO C    C N N 335 
PRO O    O N N 336 
PRO CB   C N N 337 
PRO CG   C N N 338 
PRO CD   C N N 339 
PRO OXT  O N N 340 
PRO H    H N N 341 
PRO HA   H N N 342 
PRO HB2  H N N 343 
PRO HB3  H N N 344 
PRO HG2  H N N 345 
PRO HG3  H N N 346 
PRO HD2  H N N 347 
PRO HD3  H N N 348 
PRO HXT  H N N 349 
SER N    N N N 350 
SER CA   C N S 351 
SER C    C N N 352 
SER O    O N N 353 
SER CB   C N N 354 
SER OG   O N N 355 
SER OXT  O N N 356 
SER H    H N N 357 
SER H2   H N N 358 
SER HA   H N N 359 
SER HB2  H N N 360 
SER HB3  H N N 361 
SER HG   H N N 362 
SER HXT  H N N 363 
THR N    N N N 364 
THR CA   C N S 365 
THR C    C N N 366 
THR O    O N N 367 
THR CB   C N R 368 
THR OG1  O N N 369 
THR CG2  C N N 370 
THR OXT  O N N 371 
THR H    H N N 372 
THR H2   H N N 373 
THR HA   H N N 374 
THR HB   H N N 375 
THR HG1  H N N 376 
THR HG21 H N N 377 
THR HG22 H N N 378 
THR HG23 H N N 379 
THR HXT  H N N 380 
TRP N    N N N 381 
TRP CA   C N S 382 
TRP C    C N N 383 
TRP O    O N N 384 
TRP CB   C N N 385 
TRP CG   C Y N 386 
TRP CD1  C Y N 387 
TRP CD2  C Y N 388 
TRP NE1  N Y N 389 
TRP CE2  C Y N 390 
TRP CE3  C Y N 391 
TRP CZ2  C Y N 392 
TRP CZ3  C Y N 393 
TRP CH2  C Y N 394 
TRP OXT  O N N 395 
TRP H    H N N 396 
TRP H2   H N N 397 
TRP HA   H N N 398 
TRP HB2  H N N 399 
TRP HB3  H N N 400 
TRP HD1  H N N 401 
TRP HE1  H N N 402 
TRP HE3  H N N 403 
TRP HZ2  H N N 404 
TRP HZ3  H N N 405 
TRP HH2  H N N 406 
TRP HXT  H N N 407 
TYR N    N N N 408 
TYR CA   C N S 409 
TYR C    C N N 410 
TYR O    O N N 411 
TYR CB   C N N 412 
TYR CG   C Y N 413 
TYR CD1  C Y N 414 
TYR CD2  C Y N 415 
TYR CE1  C Y N 416 
TYR CE2  C Y N 417 
TYR CZ   C Y N 418 
TYR OH   O N N 419 
TYR OXT  O N N 420 
TYR H    H N N 421 
TYR H2   H N N 422 
TYR HA   H N N 423 
TYR HB2  H N N 424 
TYR HB3  H N N 425 
TYR HD1  H N N 426 
TYR HD2  H N N 427 
TYR HE1  H N N 428 
TYR HE2  H N N 429 
TYR HH   H N N 430 
TYR HXT  H N N 431 
VAL N    N N N 432 
VAL CA   C N S 433 
VAL C    C N N 434 
VAL O    O N N 435 
VAL CB   C N N 436 
VAL CG1  C N N 437 
VAL CG2  C N N 438 
VAL OXT  O N N 439 
VAL H    H N N 440 
VAL H2   H N N 441 
VAL HA   H N N 442 
VAL HB   H N N 443 
VAL HG11 H N N 444 
VAL HG12 H N N 445 
VAL HG13 H N N 446 
VAL HG21 H N N 447 
VAL HG22 H N N 448 
VAL HG23 H N N 449 
VAL HXT  H N N 450 
# 
loop_
_chem_comp_bond.comp_id 
_chem_comp_bond.atom_id_1 
_chem_comp_bond.atom_id_2 
_chem_comp_bond.value_order 
_chem_comp_bond.pdbx_aromatic_flag 
_chem_comp_bond.pdbx_stereo_config 
_chem_comp_bond.pdbx_ordinal 
89D C4  C7   doub Y N 1   
89D C4  C11  sing Y N 2   
89D C5  C11  doub Y N 3   
89D C5  C12  sing Y N 4   
89D C6  C15  sing N N 5   
89D C6  C3   doub Y N 6   
89D C6  C9   sing Y N 7   
89D C7  C10  sing Y N 8   
89D C7  C18  sing N N 9   
89D C8  C1   doub Y N 10  
89D C8  C3   sing Y N 11  
89D C8  N26  sing N N 12  
89D C10 C12  doub Y N 13  
89D C10 O30  sing N N 14  
89D C13 C17  sing N N 15  
89D C13 C16  doub N N 16  
89D C15 C14  doub N N 17  
89D C15 C16  sing N N 18  
89D C17 N25  sing N N 19  
89D C17 O27  doub N N 20  
89D C20 C21  sing N N 21  
89D C20 C19  sing N N 22  
89D C21 O31  sing N N 23  
89D C22 C24  sing N N 24  
89D C24 S34  sing N N 25  
89D C1  C2   sing Y N 26  
89D C2  C9   doub Y N 27  
89D C9  O30  sing N N 28  
89D C11 F32  sing N N 29  
89D C12 F33  sing N N 30  
89D C14 N25  sing N N 31  
89D C16 O31  sing N N 32  
89D C18 C19  sing N N 33  
89D C23 N25  sing N N 34  
89D N26 S34  sing N N 35  
89D O28 S34  sing N N 36  
89D O29 S34  sing N N 37  
89D C4  H4   sing N N 38  
89D C5  H5   sing N N 39  
89D C13 H13  sing N N 40  
89D C20 H201 sing N N 41  
89D C20 H202 sing N N 42  
89D C21 H212 sing N N 43  
89D C21 H211 sing N N 44  
89D C22 H223 sing N N 45  
89D C22 H222 sing N N 46  
89D C22 H221 sing N N 47  
89D C24 H241 sing N N 48  
89D C24 H242 sing N N 49  
89D C1  H1   sing N N 50  
89D C2  H2   sing N N 51  
89D C3  H3   sing N N 52  
89D C14 H14  sing N N 53  
89D C18 H182 sing N N 54  
89D C18 H181 sing N N 55  
89D C19 H191 sing N N 56  
89D C19 H192 sing N N 57  
89D C23 H233 sing N N 58  
89D C23 H231 sing N N 59  
89D C23 H232 sing N N 60  
89D N26 H26  sing N N 61  
89D O28 H6   sing N N 62  
89D O29 H7   sing N N 63  
ALA N   CA   sing N N 64  
ALA N   H    sing N N 65  
ALA N   H2   sing N N 66  
ALA CA  C    sing N N 67  
ALA CA  CB   sing N N 68  
ALA CA  HA   sing N N 69  
ALA C   O    doub N N 70  
ALA C   OXT  sing N N 71  
ALA CB  HB1  sing N N 72  
ALA CB  HB2  sing N N 73  
ALA CB  HB3  sing N N 74  
ALA OXT HXT  sing N N 75  
ARG N   CA   sing N N 76  
ARG N   H    sing N N 77  
ARG N   H2   sing N N 78  
ARG CA  C    sing N N 79  
ARG CA  CB   sing N N 80  
ARG CA  HA   sing N N 81  
ARG C   O    doub N N 82  
ARG C   OXT  sing N N 83  
ARG CB  CG   sing N N 84  
ARG CB  HB2  sing N N 85  
ARG CB  HB3  sing N N 86  
ARG CG  CD   sing N N 87  
ARG CG  HG2  sing N N 88  
ARG CG  HG3  sing N N 89  
ARG CD  NE   sing N N 90  
ARG CD  HD2  sing N N 91  
ARG CD  HD3  sing N N 92  
ARG NE  CZ   sing N N 93  
ARG NE  HE   sing N N 94  
ARG CZ  NH1  sing N N 95  
ARG CZ  NH2  doub N N 96  
ARG NH1 HH11 sing N N 97  
ARG NH1 HH12 sing N N 98  
ARG NH2 HH21 sing N N 99  
ARG NH2 HH22 sing N N 100 
ARG OXT HXT  sing N N 101 
ASN N   CA   sing N N 102 
ASN N   H    sing N N 103 
ASN N   H2   sing N N 104 
ASN CA  C    sing N N 105 
ASN CA  CB   sing N N 106 
ASN CA  HA   sing N N 107 
ASN C   O    doub N N 108 
ASN C   OXT  sing N N 109 
ASN CB  CG   sing N N 110 
ASN CB  HB2  sing N N 111 
ASN CB  HB3  sing N N 112 
ASN CG  OD1  doub N N 113 
ASN CG  ND2  sing N N 114 
ASN ND2 HD21 sing N N 115 
ASN ND2 HD22 sing N N 116 
ASN OXT HXT  sing N N 117 
ASP N   CA   sing N N 118 
ASP N   H    sing N N 119 
ASP N   H2   sing N N 120 
ASP CA  C    sing N N 121 
ASP CA  CB   sing N N 122 
ASP CA  HA   sing N N 123 
ASP C   O    doub N N 124 
ASP C   OXT  sing N N 125 
ASP CB  CG   sing N N 126 
ASP CB  HB2  sing N N 127 
ASP CB  HB3  sing N N 128 
ASP CG  OD1  doub N N 129 
ASP CG  OD2  sing N N 130 
ASP OD2 HD2  sing N N 131 
ASP OXT HXT  sing N N 132 
CYS N   CA   sing N N 133 
CYS N   H    sing N N 134 
CYS N   H2   sing N N 135 
CYS CA  C    sing N N 136 
CYS CA  CB   sing N N 137 
CYS CA  HA   sing N N 138 
CYS C   O    doub N N 139 
CYS C   OXT  sing N N 140 
CYS CB  SG   sing N N 141 
CYS CB  HB2  sing N N 142 
CYS CB  HB3  sing N N 143 
CYS SG  HG   sing N N 144 
CYS OXT HXT  sing N N 145 
GLN N   CA   sing N N 146 
GLN N   H    sing N N 147 
GLN N   H2   sing N N 148 
GLN CA  C    sing N N 149 
GLN CA  CB   sing N N 150 
GLN CA  HA   sing N N 151 
GLN C   O    doub N N 152 
GLN C   OXT  sing N N 153 
GLN CB  CG   sing N N 154 
GLN CB  HB2  sing N N 155 
GLN CB  HB3  sing N N 156 
GLN CG  CD   sing N N 157 
GLN CG  HG2  sing N N 158 
GLN CG  HG3  sing N N 159 
GLN CD  OE1  doub N N 160 
GLN CD  NE2  sing N N 161 
GLN NE2 HE21 sing N N 162 
GLN NE2 HE22 sing N N 163 
GLN OXT HXT  sing N N 164 
GLU N   CA   sing N N 165 
GLU N   H    sing N N 166 
GLU N   H2   sing N N 167 
GLU CA  C    sing N N 168 
GLU CA  CB   sing N N 169 
GLU CA  HA   sing N N 170 
GLU C   O    doub N N 171 
GLU C   OXT  sing N N 172 
GLU CB  CG   sing N N 173 
GLU CB  HB2  sing N N 174 
GLU CB  HB3  sing N N 175 
GLU CG  CD   sing N N 176 
GLU CG  HG2  sing N N 177 
GLU CG  HG3  sing N N 178 
GLU CD  OE1  doub N N 179 
GLU CD  OE2  sing N N 180 
GLU OE2 HE2  sing N N 181 
GLU OXT HXT  sing N N 182 
GLY N   CA   sing N N 183 
GLY N   H    sing N N 184 
GLY N   H2   sing N N 185 
GLY CA  C    sing N N 186 
GLY CA  HA2  sing N N 187 
GLY CA  HA3  sing N N 188 
GLY C   O    doub N N 189 
GLY C   OXT  sing N N 190 
GLY OXT HXT  sing N N 191 
HIS N   CA   sing N N 192 
HIS N   H    sing N N 193 
HIS N   H2   sing N N 194 
HIS CA  C    sing N N 195 
HIS CA  CB   sing N N 196 
HIS CA  HA   sing N N 197 
HIS C   O    doub N N 198 
HIS C   OXT  sing N N 199 
HIS CB  CG   sing N N 200 
HIS CB  HB2  sing N N 201 
HIS CB  HB3  sing N N 202 
HIS CG  ND1  sing Y N 203 
HIS CG  CD2  doub Y N 204 
HIS ND1 CE1  doub Y N 205 
HIS ND1 HD1  sing N N 206 
HIS CD2 NE2  sing Y N 207 
HIS CD2 HD2  sing N N 208 
HIS CE1 NE2  sing Y N 209 
HIS CE1 HE1  sing N N 210 
HIS NE2 HE2  sing N N 211 
HIS OXT HXT  sing N N 212 
HOH O   H1   sing N N 213 
HOH O   H2   sing N N 214 
ILE N   CA   sing N N 215 
ILE N   H    sing N N 216 
ILE N   H2   sing N N 217 
ILE CA  C    sing N N 218 
ILE CA  CB   sing N N 219 
ILE CA  HA   sing N N 220 
ILE C   O    doub N N 221 
ILE C   OXT  sing N N 222 
ILE CB  CG1  sing N N 223 
ILE CB  CG2  sing N N 224 
ILE CB  HB   sing N N 225 
ILE CG1 CD1  sing N N 226 
ILE CG1 HG12 sing N N 227 
ILE CG1 HG13 sing N N 228 
ILE CG2 HG21 sing N N 229 
ILE CG2 HG22 sing N N 230 
ILE CG2 HG23 sing N N 231 
ILE CD1 HD11 sing N N 232 
ILE CD1 HD12 sing N N 233 
ILE CD1 HD13 sing N N 234 
ILE OXT HXT  sing N N 235 
LEU N   CA   sing N N 236 
LEU N   H    sing N N 237 
LEU N   H2   sing N N 238 
LEU CA  C    sing N N 239 
LEU CA  CB   sing N N 240 
LEU CA  HA   sing N N 241 
LEU C   O    doub N N 242 
LEU C   OXT  sing N N 243 
LEU CB  CG   sing N N 244 
LEU CB  HB2  sing N N 245 
LEU CB  HB3  sing N N 246 
LEU CG  CD1  sing N N 247 
LEU CG  CD2  sing N N 248 
LEU CG  HG   sing N N 249 
LEU CD1 HD11 sing N N 250 
LEU CD1 HD12 sing N N 251 
LEU CD1 HD13 sing N N 252 
LEU CD2 HD21 sing N N 253 
LEU CD2 HD22 sing N N 254 
LEU CD2 HD23 sing N N 255 
LEU OXT HXT  sing N N 256 
LYS N   CA   sing N N 257 
LYS N   H    sing N N 258 
LYS N   H2   sing N N 259 
LYS CA  C    sing N N 260 
LYS CA  CB   sing N N 261 
LYS CA  HA   sing N N 262 
LYS C   O    doub N N 263 
LYS C   OXT  sing N N 264 
LYS CB  CG   sing N N 265 
LYS CB  HB2  sing N N 266 
LYS CB  HB3  sing N N 267 
LYS CG  CD   sing N N 268 
LYS CG  HG2  sing N N 269 
LYS CG  HG3  sing N N 270 
LYS CD  CE   sing N N 271 
LYS CD  HD2  sing N N 272 
LYS CD  HD3  sing N N 273 
LYS CE  NZ   sing N N 274 
LYS CE  HE2  sing N N 275 
LYS CE  HE3  sing N N 276 
LYS NZ  HZ1  sing N N 277 
LYS NZ  HZ2  sing N N 278 
LYS NZ  HZ3  sing N N 279 
LYS OXT HXT  sing N N 280 
MET N   CA   sing N N 281 
MET N   H    sing N N 282 
MET N   H2   sing N N 283 
MET CA  C    sing N N 284 
MET CA  CB   sing N N 285 
MET CA  HA   sing N N 286 
MET C   O    doub N N 287 
MET C   OXT  sing N N 288 
MET CB  CG   sing N N 289 
MET CB  HB2  sing N N 290 
MET CB  HB3  sing N N 291 
MET CG  SD   sing N N 292 
MET CG  HG2  sing N N 293 
MET CG  HG3  sing N N 294 
MET SD  CE   sing N N 295 
MET CE  HE1  sing N N 296 
MET CE  HE2  sing N N 297 
MET CE  HE3  sing N N 298 
MET OXT HXT  sing N N 299 
PHE N   CA   sing N N 300 
PHE N   H    sing N N 301 
PHE N   H2   sing N N 302 
PHE CA  C    sing N N 303 
PHE CA  CB   sing N N 304 
PHE CA  HA   sing N N 305 
PHE C   O    doub N N 306 
PHE C   OXT  sing N N 307 
PHE CB  CG   sing N N 308 
PHE CB  HB2  sing N N 309 
PHE CB  HB3  sing N N 310 
PHE CG  CD1  doub Y N 311 
PHE CG  CD2  sing Y N 312 
PHE CD1 CE1  sing Y N 313 
PHE CD1 HD1  sing N N 314 
PHE CD2 CE2  doub Y N 315 
PHE CD2 HD2  sing N N 316 
PHE CE1 CZ   doub Y N 317 
PHE CE1 HE1  sing N N 318 
PHE CE2 CZ   sing Y N 319 
PHE CE2 HE2  sing N N 320 
PHE CZ  HZ   sing N N 321 
PHE OXT HXT  sing N N 322 
PRO N   CA   sing N N 323 
PRO N   CD   sing N N 324 
PRO N   H    sing N N 325 
PRO CA  C    sing N N 326 
PRO CA  CB   sing N N 327 
PRO CA  HA   sing N N 328 
PRO C   O    doub N N 329 
PRO C   OXT  sing N N 330 
PRO CB  CG   sing N N 331 
PRO CB  HB2  sing N N 332 
PRO CB  HB3  sing N N 333 
PRO CG  CD   sing N N 334 
PRO CG  HG2  sing N N 335 
PRO CG  HG3  sing N N 336 
PRO CD  HD2  sing N N 337 
PRO CD  HD3  sing N N 338 
PRO OXT HXT  sing N N 339 
SER N   CA   sing N N 340 
SER N   H    sing N N 341 
SER N   H2   sing N N 342 
SER CA  C    sing N N 343 
SER CA  CB   sing N N 344 
SER CA  HA   sing N N 345 
SER C   O    doub N N 346 
SER C   OXT  sing N N 347 
SER CB  OG   sing N N 348 
SER CB  HB2  sing N N 349 
SER CB  HB3  sing N N 350 
SER OG  HG   sing N N 351 
SER OXT HXT  sing N N 352 
THR N   CA   sing N N 353 
THR N   H    sing N N 354 
THR N   H2   sing N N 355 
THR CA  C    sing N N 356 
THR CA  CB   sing N N 357 
THR CA  HA   sing N N 358 
THR C   O    doub N N 359 
THR C   OXT  sing N N 360 
THR CB  OG1  sing N N 361 
THR CB  CG2  sing N N 362 
THR CB  HB   sing N N 363 
THR OG1 HG1  sing N N 364 
THR CG2 HG21 sing N N 365 
THR CG2 HG22 sing N N 366 
THR CG2 HG23 sing N N 367 
THR OXT HXT  sing N N 368 
TRP N   CA   sing N N 369 
TRP N   H    sing N N 370 
TRP N   H2   sing N N 371 
TRP CA  C    sing N N 372 
TRP CA  CB   sing N N 373 
TRP CA  HA   sing N N 374 
TRP C   O    doub N N 375 
TRP C   OXT  sing N N 376 
TRP CB  CG   sing N N 377 
TRP CB  HB2  sing N N 378 
TRP CB  HB3  sing N N 379 
TRP CG  CD1  doub Y N 380 
TRP CG  CD2  sing Y N 381 
TRP CD1 NE1  sing Y N 382 
TRP CD1 HD1  sing N N 383 
TRP CD2 CE2  doub Y N 384 
TRP CD2 CE3  sing Y N 385 
TRP NE1 CE2  sing Y N 386 
TRP NE1 HE1  sing N N 387 
TRP CE2 CZ2  sing Y N 388 
TRP CE3 CZ3  doub Y N 389 
TRP CE3 HE3  sing N N 390 
TRP CZ2 CH2  doub Y N 391 
TRP CZ2 HZ2  sing N N 392 
TRP CZ3 CH2  sing Y N 393 
TRP CZ3 HZ3  sing N N 394 
TRP CH2 HH2  sing N N 395 
TRP OXT HXT  sing N N 396 
TYR N   CA   sing N N 397 
TYR N   H    sing N N 398 
TYR N   H2   sing N N 399 
TYR CA  C    sing N N 400 
TYR CA  CB   sing N N 401 
TYR CA  HA   sing N N 402 
TYR C   O    doub N N 403 
TYR C   OXT  sing N N 404 
TYR CB  CG   sing N N 405 
TYR CB  HB2  sing N N 406 
TYR CB  HB3  sing N N 407 
TYR CG  CD1  doub Y N 408 
TYR CG  CD2  sing Y N 409 
TYR CD1 CE1  sing Y N 410 
TYR CD1 HD1  sing N N 411 
TYR CD2 CE2  doub Y N 412 
TYR CD2 HD2  sing N N 413 
TYR CE1 CZ   doub Y N 414 
TYR CE1 HE1  sing N N 415 
TYR CE2 CZ   sing Y N 416 
TYR CE2 HE2  sing N N 417 
TYR CZ  OH   sing N N 418 
TYR OH  HH   sing N N 419 
TYR OXT HXT  sing N N 420 
VAL N   CA   sing N N 421 
VAL N   H    sing N N 422 
VAL N   H2   sing N N 423 
VAL CA  C    sing N N 424 
VAL CA  CB   sing N N 425 
VAL CA  HA   sing N N 426 
VAL C   O    doub N N 427 
VAL C   OXT  sing N N 428 
VAL CB  CG1  sing N N 429 
VAL CB  CG2  sing N N 430 
VAL CB  HB   sing N N 431 
VAL CG1 HG11 sing N N 432 
VAL CG1 HG12 sing N N 433 
VAL CG1 HG13 sing N N 434 
VAL CG2 HG21 sing N N 435 
VAL CG2 HG22 sing N N 436 
VAL CG2 HG23 sing N N 437 
VAL OXT HXT  sing N N 438 
# 
_pdbx_initial_refinement_model.accession_code   ? 
_pdbx_initial_refinement_model.id               1 
_pdbx_initial_refinement_model.entity_id_list   ? 
_pdbx_initial_refinement_model.type             'experimental model' 
_pdbx_initial_refinement_model.source_name      Other 
_pdbx_initial_refinement_model.details          Apo-BRD4_BD2 
# 
_atom_sites.entry_id                    5UEX 
_atom_sites.fract_transf_matrix[1][1]   -0.01457528 
_atom_sites.fract_transf_matrix[1][2]   -0.01172901 
_atom_sites.fract_transf_matrix[1][3]   0.00404589 
_atom_sites.fract_transf_matrix[2][1]   -0.00302463 
_atom_sites.fract_transf_matrix[2][2]   -0.00075007 
_atom_sites.fract_transf_matrix[2][3]   -0.01307065 
_atom_sites.fract_transf_matrix[3][1]   0.01823585 
_atom_sites.fract_transf_matrix[3][2]   -0.02364864 
_atom_sites.fract_transf_matrix[3][3]   -0.00286280 
_atom_sites.fract_transf_vector[1]      0.298556 
_atom_sites.fract_transf_vector[2]      0.036815 
_atom_sites.fract_transf_vector[3]      0.346714 
# 
loop_
_atom_type.symbol 
C 
F 
H 
N 
O 
S 
# 
loop_
_atom_site.group_PDB 
_atom_site.id 
_atom_site.type_symbol 
_atom_site.label_atom_id 
_atom_site.label_alt_id 
_atom_site.label_comp_id 
_atom_site.label_asym_id 
_atom_site.label_entity_id 
_atom_site.label_seq_id 
_atom_site.pdbx_PDB_ins_code 
_atom_site.Cartn_x 
_atom_site.Cartn_y 
_atom_site.Cartn_z 
_atom_site.occupancy 
_atom_site.B_iso_or_equiv 
_atom_site.pdbx_formal_charge 
_atom_site.auth_seq_id 
_atom_site.auth_comp_id 
_atom_site.auth_asym_id 
_atom_site.auth_atom_id 
_atom_site.pdbx_PDB_model_num 
ATOM   1    N N    . SER A 1 1   ? -7.060  9.521   20.917  1.00 70.92  ? 349 SER A N    1 
ATOM   2    C CA   . SER A 1 1   ? -7.310  10.547  19.906  1.00 70.67  ? 349 SER A CA   1 
ATOM   3    C C    . SER A 1 1   ? -6.793  10.130  18.523  1.00 74.28  ? 349 SER A C    1 
ATOM   4    O O    . SER A 1 1   ? -5.931  9.254   18.427  1.00 73.89  ? 349 SER A O    1 
ATOM   5    C CB   . SER A 1 1   ? -6.687  11.875  20.328  1.00 74.24  ? 349 SER A CB   1 
ATOM   6    O OG   . SER A 1 1   ? -5.274  11.795  20.414  1.00 83.00  ? 349 SER A OG   1 
ATOM   7    N N    . HIS A 1 2   ? -7.317  10.776  17.458  1.00 70.55  ? 350 HIS A N    1 
ATOM   8    C CA   . HIS A 1 2   ? -6.924  10.525  16.067  1.00 70.20  ? 350 HIS A CA   1 
ATOM   9    C C    . HIS A 1 2   ? -5.500  11.018  15.786  1.00 73.11  ? 350 HIS A C    1 
ATOM   10   O O    . HIS A 1 2   ? -4.837  10.484  14.895  1.00 72.63  ? 350 HIS A O    1 
ATOM   11   C CB   . HIS A 1 2   ? -7.918  11.169  15.085  1.00 71.09  ? 350 HIS A CB   1 
ATOM   12   C CG   . HIS A 1 2   ? -9.341  10.732  15.264  1.00 74.58  ? 350 HIS A CG   1 
ATOM   13   N ND1  . HIS A 1 2   ? -10.366 11.653  15.388  1.00 76.39  ? 350 HIS A ND1  1 
ATOM   14   C CD2  . HIS A 1 2   ? -9.865  9.484   15.335  1.00 76.38  ? 350 HIS A CD2  1 
ATOM   15   C CE1  . HIS A 1 2   ? -11.473 10.941  15.526  1.00 75.83  ? 350 HIS A CE1  1 
ATOM   16   N NE2  . HIS A 1 2   ? -11.221 9.633   15.501  1.00 76.16  ? 350 HIS A NE2  1 
ATOM   17   N N    . MET A 1 3   ? -5.039  12.034  16.551  1.00 68.92  ? 351 MET A N    1 
ATOM   18   C CA   . MET A 1 3   ? -3.703  12.634  16.470  1.00 68.34  ? 351 MET A CA   1 
ATOM   19   C C    . MET A 1 3   ? -2.628  11.578  16.784  1.00 70.56  ? 351 MET A C    1 
ATOM   20   O O    . MET A 1 3   ? -1.634  11.489  16.061  1.00 70.08  ? 351 MET A O    1 
ATOM   21   C CB   . MET A 1 3   ? -3.608  13.835  17.436  1.00 70.80  ? 351 MET A CB   1 
ATOM   22   C CG   . MET A 1 3   ? -2.367  14.701  17.250  1.00 74.60  ? 351 MET A CG   1 
ATOM   23   S SD   . MET A 1 3   ? -0.977  14.255  18.333  1.00 78.96  ? 351 MET A SD   1 
ATOM   24   C CE   . MET A 1 3   ? -1.546  14.915  19.904  1.00 75.63  ? 351 MET A CE   1 
ATOM   25   N N    . GLU A 1 4   ? -2.844  10.777  17.847  1.00 65.88  ? 352 GLU A N    1 
ATOM   26   C CA   . GLU A 1 4   ? -1.926  9.714   18.266  1.00 65.10  ? 352 GLU A CA   1 
ATOM   27   C C    . GLU A 1 4   ? -2.017  8.493   17.345  1.00 67.39  ? 352 GLU A C    1 
ATOM   28   O O    . GLU A 1 4   ? -1.027  7.776   17.189  1.00 66.88  ? 352 GLU A O    1 
ATOM   29   C CB   . GLU A 1 4   ? -2.160  9.316   19.734  1.00 66.48  ? 352 GLU A CB   1 
ATOM   30   C CG   . GLU A 1 4   ? -1.830  10.406  20.751  1.00 77.26  ? 352 GLU A CG   1 
ATOM   31   C CD   . GLU A 1 4   ? -0.376  10.813  20.925  1.00 98.07  ? 352 GLU A CD   1 
ATOM   32   O OE1  . GLU A 1 4   ? 0.527   10.013  20.587  1.00 90.42  ? 352 GLU A OE1  1 
ATOM   33   O OE2  . GLU A 1 4   ? -0.142  11.929  21.440  1.00 92.85  ? 352 GLU A OE2  1 
ATOM   34   N N    . GLN A 1 5   ? -3.201  8.268   16.732  1.00 62.77  ? 353 GLN A N    1 
ATOM   35   C CA   . GLN A 1 5   ? -3.464  7.171   15.795  1.00 61.99  ? 353 GLN A CA   1 
ATOM   36   C C    . GLN A 1 5   ? -2.651  7.340   14.507  1.00 64.43  ? 353 GLN A C    1 
ATOM   37   O O    . GLN A 1 5   ? -2.025  6.381   14.057  1.00 63.92  ? 353 GLN A O    1 
ATOM   38   C CB   . GLN A 1 5   ? -4.963  7.076   15.470  1.00 63.33  ? 353 GLN A CB   1 
ATOM   39   C CG   . GLN A 1 5   ? -5.766  6.271   16.485  1.00 79.73  ? 353 GLN A CG   1 
ATOM   40   C CD   . GLN A 1 5   ? -7.252  6.299   16.212  1.00 100.35 ? 353 GLN A CD   1 
ATOM   41   O OE1  . GLN A 1 5   ? -7.722  6.038   15.095  1.00 96.09  ? 353 GLN A OE1  1 
ATOM   42   N NE2  . GLN A 1 5   ? -8.033  6.582   17.242  1.00 93.01  ? 353 GLN A NE2  1 
ATOM   43   N N    . LEU A 1 6   ? -2.641  8.570   13.941  1.00 59.94  ? 354 LEU A N    1 
ATOM   44   C CA   . LEU A 1 6   ? -1.917  8.924   12.714  1.00 59.16  ? 354 LEU A CA   1 
ATOM   45   C C    . LEU A 1 6   ? -0.396  8.851   12.872  1.00 61.72  ? 354 LEU A C    1 
ATOM   46   O O    . LEU A 1 6   ? 0.304   8.619   11.883  1.00 61.33  ? 354 LEU A O    1 
ATOM   47   C CB   . LEU A 1 6   ? -2.354  10.303  12.185  1.00 59.15  ? 354 LEU A CB   1 
ATOM   48   C CG   . LEU A 1 6   ? -3.790  10.409  11.652  1.00 63.78  ? 354 LEU A CG   1 
ATOM   49   C CD1  . LEU A 1 6   ? -4.266  11.845  11.658  1.00 63.95  ? 354 LEU A CD1  1 
ATOM   50   C CD2  . LEU A 1 6   ? -3.923  9.805   10.259  1.00 66.12  ? 354 LEU A CD2  1 
ATOM   51   N N    . LYS A 1 7   ? 0.112   9.039   14.110  1.00 57.17  ? 355 LYS A N    1 
ATOM   52   C CA   . LYS A 1 7   ? 1.538   8.948   14.441  1.00 56.40  ? 355 LYS A CA   1 
ATOM   53   C C    . LYS A 1 7   ? 1.998   7.491   14.342  1.00 58.75  ? 355 LYS A C    1 
ATOM   54   O O    . LYS A 1 7   ? 3.121   7.230   13.907  1.00 58.18  ? 355 LYS A O    1 
ATOM   55   C CB   . LYS A 1 7   ? 1.814   9.507   15.846  1.00 59.03  ? 355 LYS A CB   1 
ATOM   56   C CG   . LYS A 1 7   ? 1.785   11.029  15.918  1.00 74.44  ? 355 LYS A CG   1 
ATOM   57   N N    . CYS A 1 8   ? 1.113   6.546   14.732  1.00 54.30  ? 356 CYS A N    1 
ATOM   58   C CA   . CYS A 1 8   ? 1.347   5.101   14.667  1.00 53.60  ? 356 CYS A CA   1 
ATOM   59   C C    . CYS A 1 8   ? 1.325   4.634   13.211  1.00 54.89  ? 356 CYS A C    1 
ATOM   60   O O    . CYS A 1 8   ? 2.067   3.721   12.856  1.00 54.37  ? 356 CYS A O    1 
ATOM   61   C CB   . CYS A 1 8   ? 0.329   4.345   15.514  1.00 54.16  ? 356 CYS A CB   1 
ATOM   62   S SG   . CYS A 1 8   ? 0.431   4.700   17.289  1.00 58.20  ? 356 CYS A SG   1 
ATOM   63   N N    . CYS A 1 9   ? 0.486   5.283   12.371  1.00 49.58  ? 357 CYS A N    1 
ATOM   64   C CA   . CYS A 1 9   ? 0.352   5.012   10.936  1.00 48.46  ? 357 CYS A CA   1 
ATOM   65   C C    . CYS A 1 9   ? 1.654   5.316   10.197  1.00 50.21  ? 357 CYS A C    1 
ATOM   66   O O    . CYS A 1 9   ? 2.019   4.578   9.282   1.00 49.62  ? 357 CYS A O    1 
ATOM   67   C CB   . CYS A 1 9   ? -0.821  5.787   10.346  1.00 48.66  ? 357 CYS A CB   1 
ATOM   68   S SG   . CYS A 1 9   ? -2.439  5.266   10.970  1.00 52.49  ? 357 CYS A SG   1 
ATOM   69   N N    . SER A 1 10  ? 2.367   6.385   10.621  1.00 45.50  ? 358 SER A N    1 
ATOM   70   C CA   . SER A 1 10  ? 3.666   6.787   10.074  1.00 44.69  ? 358 SER A CA   1 
ATOM   71   C C    . SER A 1 10  ? 4.722   5.725   10.390  1.00 46.92  ? 358 SER A C    1 
ATOM   72   O O    . SER A 1 10  ? 5.590   5.464   9.558   1.00 46.48  ? 358 SER A O    1 
ATOM   73   C CB   . SER A 1 10  ? 4.093   8.141   10.632  1.00 48.19  ? 358 SER A CB   1 
ATOM   74   O OG   . SER A 1 10  ? 3.232   9.179   10.191  0.50 56.63  ? 358 SER A OG   1 
ATOM   75   N N    . GLY A 1 11  ? 4.608   5.116   11.572  1.00 42.35  ? 359 GLY A N    1 
ATOM   76   C CA   . GLY A 1 11  ? 5.490   4.053   12.042  1.00 41.68  ? 359 GLY A CA   1 
ATOM   77   C C    . GLY A 1 11  ? 5.293   2.745   11.301  1.00 44.24  ? 359 GLY A C    1 
ATOM   78   O O    . GLY A 1 11  ? 6.263   2.015   11.080  1.00 43.74  ? 359 GLY A O    1 
ATOM   79   N N    . ILE A 1 12  ? 4.030   2.439   10.918  1.00 40.02  ? 360 ILE A N    1 
ATOM   80   C CA   . ILE A 1 12  ? 3.651   1.231   10.167  1.00 39.44  ? 360 ILE A CA   1 
ATOM   81   C C    . ILE A 1 12  ? 4.236   1.312   8.746   1.00 42.75  ? 360 ILE A C    1 
ATOM   82   O O    . ILE A 1 12  ? 4.878   0.359   8.300   1.00 42.07  ? 360 ILE A O    1 
ATOM   83   C CB   . ILE A 1 12  ? 2.110   0.977   10.200  1.00 42.43  ? 360 ILE A CB   1 
ATOM   84   C CG1  . ILE A 1 12  ? 1.632   0.659   11.638  1.00 42.86  ? 360 ILE A CG1  1 
ATOM   85   C CG2  . ILE A 1 12  ? 1.693   -0.148  9.233   1.00 43.03  ? 360 ILE A CG2  1 
ATOM   86   C CD1  . ILE A 1 12  ? 0.164   1.015   11.943  1.00 49.61  ? 360 ILE A CD1  1 
ATOM   87   N N    . LEU A 1 13  ? 4.056   2.471   8.068   1.00 39.26  ? 361 LEU A N    1 
ATOM   88   C CA   . LEU A 1 13  ? 4.584   2.730   6.723   1.00 39.05  ? 361 LEU A CA   1 
ATOM   89   C C    . LEU A 1 13  ? 6.114   2.731   6.710   1.00 42.52  ? 361 LEU A C    1 
ATOM   90   O O    . LEU A 1 13  ? 6.712   2.327   5.710   1.00 42.19  ? 361 LEU A O    1 
ATOM   91   C CB   . LEU A 1 13  ? 4.066   4.068   6.174   1.00 39.17  ? 361 LEU A CB   1 
ATOM   92   C CG   . LEU A 1 13  ? 3.263   4.031   4.865   1.00 44.00  ? 361 LEU A CG   1 
ATOM   93   C CD1  . LEU A 1 13  ? 2.863   5.422   4.456   1.00 44.16  ? 361 LEU A CD1  1 
ATOM   94   C CD2  . LEU A 1 13  ? 4.055   3.396   3.723   1.00 46.64  ? 361 LEU A CD2  1 
ATOM   95   N N    . LYS A 1 14  ? 6.739   3.182   7.823   1.00 38.70  ? 362 LYS A N    1 
ATOM   96   C CA   . LYS A 1 14  ? 8.191   3.223   8.017   1.00 38.29  ? 362 LYS A CA   1 
ATOM   97   C C    . LYS A 1 14  ? 8.763   1.803   7.989   1.00 41.40  ? 362 LYS A C    1 
ATOM   98   O O    . LYS A 1 14  ? 9.791   1.580   7.348   1.00 41.40  ? 362 LYS A O    1 
ATOM   99   C CB   . LYS A 1 14  ? 8.536   3.920   9.342   1.00 40.96  ? 362 LYS A CB   1 
ATOM   100  C CG   . LYS A 1 14  ? 9.895   4.613   9.344   1.00 55.60  ? 362 LYS A CG   1 
ATOM   101  C CD   . LYS A 1 14  ? 10.260  5.195   10.713  1.00 66.22  ? 362 LYS A CD   1 
ATOM   102  C CE   . LYS A 1 14  ? 9.802   6.625   10.918  1.00 77.56  ? 362 LYS A CE   1 
ATOM   103  N NZ   . LYS A 1 14  ? 8.375   6.705   11.334  1.00 85.37  ? 362 LYS A NZ   1 
ATOM   104  N N    . GLU A 1 15  ? 8.078   0.843   8.655   1.00 37.01  ? 363 GLU A N    1 
ATOM   105  C CA   . GLU A 1 15  ? 8.465   -0.573  8.678   1.00 36.34  ? 363 GLU A CA   1 
ATOM   106  C C    . GLU A 1 15  ? 8.291   -1.176  7.281   1.00 39.72  ? 363 GLU A C    1 
ATOM   107  O O    . GLU A 1 15  ? 9.170   -1.903  6.821   1.00 39.37  ? 363 GLU A O    1 
ATOM   108  C CB   . GLU A 1 15  ? 7.650   -1.364  9.719   1.00 37.55  ? 363 GLU A CB   1 
ATOM   109  C CG   . GLU A 1 15  ? 8.072   -2.824  9.818   1.00 45.49  ? 363 GLU A CG   1 
ATOM   110  C CD   . GLU A 1 15  ? 7.399   -3.714  10.845  1.00 59.27  ? 363 GLU A CD   1 
ATOM   111  O OE1  . GLU A 1 15  ? 6.823   -3.186  11.823  1.00 54.01  ? 363 GLU A OE1  1 
ATOM   112  O OE2  . GLU A 1 15  ? 7.509   -4.953  10.702  1.00 51.26  ? 363 GLU A OE2  1 
ATOM   113  N N    . MET A 1 16  ? 7.172   -0.844  6.602   1.00 35.83  ? 364 MET A N    1 
ATOM   114  C CA   . MET A 1 16  ? 6.852   -1.310  5.250   1.00 35.53  ? 364 MET A CA   1 
ATOM   115  C C    . MET A 1 16  ? 7.907   -0.887  4.214   1.00 40.33  ? 364 MET A C    1 
ATOM   116  O O    . MET A 1 16  ? 8.119   -1.609  3.240   1.00 39.51  ? 364 MET A O    1 
ATOM   117  C CB   . MET A 1 16  ? 5.441   -0.857  4.834   1.00 37.59  ? 364 MET A CB   1 
ATOM   118  C CG   . MET A 1 16  ? 4.335   -1.650  5.513   1.00 40.89  ? 364 MET A CG   1 
ATOM   119  S SD   . MET A 1 16  ? 2.694   -0.893  5.401   1.00 44.78  ? 364 MET A SD   1 
ATOM   120  C CE   . MET A 1 16  ? 2.243   -1.327  3.729   1.00 41.39  ? 364 MET A CE   1 
ATOM   121  N N    . PHE A 1 17  ? 8.584   0.260   4.447   1.00 38.05  ? 365 PHE A N    1 
ATOM   122  C CA   . PHE A 1 17  ? 9.644   0.804   3.591   1.00 38.40  ? 365 PHE A CA   1 
ATOM   123  C C    . PHE A 1 17  ? 11.047  0.301   3.964   1.00 44.31  ? 365 PHE A C    1 
ATOM   124  O O    . PHE A 1 17  ? 11.959  0.397   3.139   1.00 44.05  ? 365 PHE A O    1 
ATOM   125  C CB   . PHE A 1 17  ? 9.630   2.343   3.625   1.00 40.06  ? 365 PHE A CB   1 
ATOM   126  C CG   . PHE A 1 17  ? 8.863   3.024   2.516   1.00 41.31  ? 365 PHE A CG   1 
ATOM   127  C CD1  . PHE A 1 17  ? 9.325   2.988   1.204   1.00 44.22  ? 365 PHE A CD1  1 
ATOM   128  C CD2  . PHE A 1 17  ? 7.718   3.760   2.792   1.00 43.18  ? 365 PHE A CD2  1 
ATOM   129  C CE1  . PHE A 1 17  ? 8.624   3.635   0.182   1.00 45.06  ? 365 PHE A CE1  1 
ATOM   130  C CE2  . PHE A 1 17  ? 7.024   4.415   1.770   1.00 45.99  ? 365 PHE A CE2  1 
ATOM   131  C CZ   . PHE A 1 17  ? 7.485   4.350   0.472   1.00 44.10  ? 365 PHE A CZ   1 
ATOM   132  N N    . ALA A 1 18  ? 11.227  -0.208  5.206   1.00 42.28  ? 366 ALA A N    1 
ATOM   133  C CA   . ALA A 1 18  ? 12.509  -0.697  5.734   1.00 42.66  ? 366 ALA A CA   1 
ATOM   134  C C    . ALA A 1 18  ? 13.110  -1.862  4.947   1.00 47.92  ? 366 ALA A C    1 
ATOM   135  O O    . ALA A 1 18  ? 12.374  -2.643  4.340   1.00 47.84  ? 366 ALA A O    1 
ATOM   136  C CB   . ALA A 1 18  ? 12.371  -1.065  7.205   1.00 43.42  ? 366 ALA A CB   1 
ATOM   137  N N    . LYS A 1 19  ? 14.456  -1.976  4.978   1.00 45.02  ? 367 LYS A N    1 
ATOM   138  C CA   . LYS A 1 19  ? 15.264  -2.995  4.292   1.00 45.05  ? 367 LYS A CA   1 
ATOM   139  C C    . LYS A 1 19  ? 14.877  -4.447  4.620   1.00 48.79  ? 367 LYS A C    1 
ATOM   140  O O    . LYS A 1 19  ? 15.147  -5.342  3.817   1.00 48.75  ? 367 LYS A O    1 
ATOM   141  C CB   . LYS A 1 19  ? 16.761  -2.762  4.560   1.00 47.90  ? 367 LYS A CB   1 
ATOM   142  C CG   . LYS A 1 19  ? 17.320  -1.521  3.869   1.00 64.27  ? 367 LYS A CG   1 
ATOM   143  C CD   . LYS A 1 19  ? 18.577  -1.006  4.554   1.00 74.59  ? 367 LYS A CD   1 
ATOM   144  C CE   . LYS A 1 19  ? 19.033  0.309   3.971   1.00 84.41  ? 367 LYS A CE   1 
ATOM   145  N NZ   . LYS A 1 19  ? 20.170  0.885   4.733   1.00 92.45  ? 367 LYS A NZ   1 
ATOM   146  N N    . LYS A 1 20  ? 14.245  -4.669  5.791   1.00 44.87  ? 368 LYS A N    1 
ATOM   147  C CA   . LYS A 1 20  ? 13.783  -5.968  6.290   1.00 44.50  ? 368 LYS A CA   1 
ATOM   148  C C    . LYS A 1 20  ? 12.729  -6.603  5.361   1.00 47.83  ? 368 LYS A C    1 
ATOM   149  O O    . LYS A 1 20  ? 12.777  -7.813  5.131   1.00 47.68  ? 368 LYS A O    1 
ATOM   150  C CB   . LYS A 1 20  ? 13.218  -5.798  7.715   1.00 47.06  ? 368 LYS A CB   1 
ATOM   151  C CG   . LYS A 1 20  ? 12.887  -7.097  8.446   1.00 62.14  ? 368 LYS A CG   1 
ATOM   152  C CD   . LYS A 1 20  ? 12.122  -6.820  9.733   1.00 72.48  ? 368 LYS A CD   1 
ATOM   153  C CE   . LYS A 1 20  ? 11.659  -8.087  10.409  1.00 85.14  ? 368 LYS A CE   1 
ATOM   154  N NZ   . LYS A 1 20  ? 10.896  -7.801  11.652  1.00 95.09  ? 368 LYS A NZ   1 
ATOM   155  N N    . HIS A 1 21  ? 11.790  -5.790  4.835   1.00 43.49  ? 369 HIS A N    1 
ATOM   156  C CA   . HIS A 1 21  ? 10.705  -6.253  3.961   1.00 42.83  ? 369 HIS A CA   1 
ATOM   157  C C    . HIS A 1 21  ? 10.902  -5.895  2.473   1.00 46.09  ? 369 HIS A C    1 
ATOM   158  O O    . HIS A 1 21  ? 10.039  -6.220  1.656   1.00 45.55  ? 369 HIS A O    1 
ATOM   159  C CB   . HIS A 1 21  ? 9.342   -5.741  4.475   1.00 43.40  ? 369 HIS A CB   1 
ATOM   160  C CG   . HIS A 1 21  ? 9.127   -5.932  5.946   1.00 46.64  ? 369 HIS A CG   1 
ATOM   161  N ND1  . HIS A 1 21  ? 8.912   -7.185  6.488   1.00 48.33  ? 369 HIS A ND1  1 
ATOM   162  C CD2  . HIS A 1 21  ? 9.095   -5.017  6.941   1.00 48.24  ? 369 HIS A CD2  1 
ATOM   163  C CE1  . HIS A 1 21  ? 8.761   -6.995  7.788   1.00 47.68  ? 369 HIS A CE1  1 
ATOM   164  N NE2  . HIS A 1 21  ? 8.859   -5.705  8.106   1.00 48.01  ? 369 HIS A NE2  1 
ATOM   165  N N    . ALA A 1 22  ? 12.053  -5.271  2.125   1.00 42.37  ? 370 ALA A N    1 
ATOM   166  C CA   . ALA A 1 22  ? 12.438  -4.818  0.776   1.00 41.95  ? 370 ALA A CA   1 
ATOM   167  C C    . ALA A 1 22  ? 12.317  -5.866  -0.345  1.00 45.43  ? 370 ALA A C    1 
ATOM   168  O O    . ALA A 1 22  ? 12.125  -5.486  -1.502  1.00 45.13  ? 370 ALA A O    1 
ATOM   169  C CB   . ALA A 1 22  ? 13.848  -4.251  0.802   1.00 42.62  ? 370 ALA A CB   1 
ATOM   170  N N    . ALA A 1 23  ? 12.434  -7.164  -0.004  1.00 41.58  ? 371 ALA A N    1 
ATOM   171  C CA   . ALA A 1 23  ? 12.358  -8.295  -0.935  1.00 41.29  ? 371 ALA A CA   1 
ATOM   172  C C    . ALA A 1 23  ? 10.997  -8.459  -1.623  1.00 44.50  ? 371 ALA A C    1 
ATOM   173  O O    . ALA A 1 23  ? 10.944  -8.953  -2.752  1.00 44.05  ? 371 ALA A O    1 
ATOM   174  C CB   . ALA A 1 23  ? 12.725  -9.580  -0.215  1.00 42.11  ? 371 ALA A CB   1 
ATOM   175  N N    . TYR A 1 24  ? 9.907   -8.067  -0.939  1.00 40.49  ? 372 TYR A N    1 
ATOM   176  C CA   . TYR A 1 24  ? 8.540   -8.184  -1.456  1.00 39.86  ? 372 TYR A CA   1 
ATOM   177  C C    . TYR A 1 24  ? 7.753   -6.862  -1.443  1.00 42.59  ? 372 TYR A C    1 
ATOM   178  O O    . TYR A 1 24  ? 6.678   -6.791  -2.043  1.00 42.22  ? 372 TYR A O    1 
ATOM   179  C CB   . TYR A 1 24  ? 7.761   -9.302  -0.728  1.00 41.02  ? 372 TYR A CB   1 
ATOM   180  C CG   . TYR A 1 24  ? 7.933   -9.318  0.776   1.00 42.86  ? 372 TYR A CG   1 
ATOM   181  C CD1  . TYR A 1 24  ? 7.144   -8.517  1.598   1.00 44.84  ? 372 TYR A CD1  1 
ATOM   182  C CD2  . TYR A 1 24  ? 8.857   -10.163 1.382   1.00 43.65  ? 372 TYR A CD2  1 
ATOM   183  C CE1  . TYR A 1 24  ? 7.296   -8.531  2.983   1.00 45.59  ? 372 TYR A CE1  1 
ATOM   184  C CE2  . TYR A 1 24  ? 9.017   -10.188 2.766   1.00 44.53  ? 372 TYR A CE2  1 
ATOM   185  C CZ   . TYR A 1 24  ? 8.232   -9.371  3.563   1.00 51.90  ? 372 TYR A CZ   1 
ATOM   186  O OH   . TYR A 1 24  ? 8.381   -9.400  4.926   1.00 52.69  ? 372 TYR A OH   1 
ATOM   187  N N    . ALA A 1 25  ? 8.290   -5.821  -0.777  1.00 38.23  ? 373 ALA A N    1 
ATOM   188  C CA   . ALA A 1 25  ? 7.643   -4.510  -0.673  1.00 37.53  ? 373 ALA A CA   1 
ATOM   189  C C    . ALA A 1 25  ? 7.986   -3.533  -1.801  1.00 40.09  ? 373 ALA A C    1 
ATOM   190  O O    . ALA A 1 25  ? 7.210   -2.600  -2.029  1.00 39.44  ? 373 ALA A O    1 
ATOM   191  C CB   . ALA A 1 25  ? 7.947   -3.880  0.675   1.00 38.22  ? 373 ALA A CB   1 
ATOM   192  N N    . TRP A 1 26  ? 9.116   -3.755  -2.522  1.00 36.04  ? 374 TRP A N    1 
ATOM   193  C CA   . TRP A 1 26  ? 9.591   -2.890  -3.615  1.00 35.55  ? 374 TRP A CA   1 
ATOM   194  C C    . TRP A 1 26  ? 8.559   -2.624  -4.750  1.00 38.49  ? 374 TRP A C    1 
ATOM   195  O O    . TRP A 1 26  ? 8.561   -1.487  -5.232  1.00 38.17  ? 374 TRP A O    1 
ATOM   196  C CB   . TRP A 1 26  ? 10.936  -3.368  -4.211  1.00 34.33  ? 374 TRP A CB   1 
ATOM   197  C CG   . TRP A 1 26  ? 10.890  -4.640  -5.008  1.00 35.28  ? 374 TRP A CG   1 
ATOM   198  C CD1  . TRP A 1 26  ? 11.133  -5.900  -4.550  1.00 38.15  ? 374 TRP A CD1  1 
ATOM   199  C CD2  . TRP A 1 26  ? 10.642  -4.766  -6.418  1.00 35.11  ? 374 TRP A CD2  1 
ATOM   200  N NE1  . TRP A 1 26  ? 11.031  -6.806  -5.578  1.00 37.57  ? 374 TRP A NE1  1 
ATOM   201  C CE2  . TRP A 1 26  ? 10.711  -6.140  -6.733  1.00 38.99  ? 374 TRP A CE2  1 
ATOM   202  C CE3  . TRP A 1 26  ? 10.328  -3.852  -7.441  1.00 36.33  ? 374 TRP A CE3  1 
ATOM   203  C CZ2  . TRP A 1 26  ? 10.499  -6.624  -8.031  1.00 38.28  ? 374 TRP A CZ2  1 
ATOM   204  C CZ3  . TRP A 1 26  ? 10.114  -4.332  -8.724  1.00 37.81  ? 374 TRP A CZ3  1 
ATOM   205  C CH2  . TRP A 1 26  ? 10.200  -5.702  -9.009  1.00 38.44  ? 374 TRP A CH2  1 
ATOM   206  N N    . PRO A 1 27  ? 7.676   -3.564  -5.204  1.00 34.13  ? 375 PRO A N    1 
ATOM   207  C CA   . PRO A 1 27  ? 6.732   -3.202  -6.281  1.00 33.67  ? 375 PRO A CA   1 
ATOM   208  C C    . PRO A 1 27  ? 5.616   -2.239  -5.854  1.00 36.83  ? 375 PRO A C    1 
ATOM   209  O O    . PRO A 1 27  ? 4.880   -1.747  -6.708  1.00 36.28  ? 375 PRO A O    1 
ATOM   210  C CB   . PRO A 1 27  ? 6.171   -4.555  -6.749  1.00 35.45  ? 375 PRO A CB   1 
ATOM   211  C CG   . PRO A 1 27  ? 6.950   -5.601  -6.027  1.00 39.96  ? 375 PRO A CG   1 
ATOM   212  C CD   . PRO A 1 27  ? 7.475   -4.969  -4.796  1.00 35.54  ? 375 PRO A CD   1 
ATOM   213  N N    . PHE A 1 28  ? 5.516   -1.949  -4.543  1.00 32.97  ? 376 PHE A N    1 
ATOM   214  C CA   . PHE A 1 28  ? 4.503   -1.070  -3.955  1.00 32.62  ? 376 PHE A CA   1 
ATOM   215  C C    . PHE A 1 28  ? 5.064   0.292   -3.531  1.00 37.16  ? 376 PHE A C    1 
ATOM   216  O O    . PHE A 1 28  ? 4.294   1.156   -3.105  1.00 36.49  ? 376 PHE A O    1 
ATOM   217  C CB   . PHE A 1 28  ? 3.803   -1.778  -2.774  1.00 34.09  ? 376 PHE A CB   1 
ATOM   218  C CG   . PHE A 1 28  ? 3.334   -3.170  -3.124  1.00 35.15  ? 376 PHE A CG   1 
ATOM   219  C CD1  . PHE A 1 28  ? 2.101   -3.374  -3.732  1.00 37.86  ? 376 PHE A CD1  1 
ATOM   220  C CD2  . PHE A 1 28  ? 4.147   -4.274  -2.892  1.00 36.90  ? 376 PHE A CD2  1 
ATOM   221  C CE1  . PHE A 1 28  ? 1.685   -4.658  -4.085  1.00 38.58  ? 376 PHE A CE1  1 
ATOM   222  C CE2  . PHE A 1 28  ? 3.735   -5.554  -3.259  1.00 39.51  ? 376 PHE A CE2  1 
ATOM   223  C CZ   . PHE A 1 28  ? 2.516   -5.733  -3.869  1.00 37.48  ? 376 PHE A CZ   1 
ATOM   224  N N    . TYR A 1 29  ? 6.397   0.488   -3.674  1.00 34.76  ? 377 TYR A N    1 
ATOM   225  C CA   . TYR A 1 29  ? 7.124   1.712   -3.314  1.00 34.98  ? 377 TYR A CA   1 
ATOM   226  C C    . TYR A 1 29  ? 6.591   2.954   -4.029  1.00 40.11  ? 377 TYR A C    1 
ATOM   227  O O    . TYR A 1 29  ? 6.161   3.895   -3.364  1.00 39.93  ? 377 TYR A O    1 
ATOM   228  C CB   . TYR A 1 29  ? 8.636   1.556   -3.592  1.00 35.95  ? 377 TYR A CB   1 
ATOM   229  C CG   . TYR A 1 29  ? 9.442   0.774   -2.571  1.00 37.34  ? 377 TYR A CG   1 
ATOM   230  C CD1  . TYR A 1 29  ? 8.837   0.218   -1.446  1.00 39.06  ? 377 TYR A CD1  1 
ATOM   231  C CD2  . TYR A 1 29  ? 10.814  0.599   -2.725  1.00 38.08  ? 377 TYR A CD2  1 
ATOM   232  C CE1  . TYR A 1 29  ? 9.573   -0.504  -0.509  1.00 39.44  ? 377 TYR A CE1  1 
ATOM   233  C CE2  . TYR A 1 29  ? 11.563  -0.116  -1.791  1.00 38.91  ? 377 TYR A CE2  1 
ATOM   234  C CZ   . TYR A 1 29  ? 10.939  -0.666  -0.685  1.00 45.43  ? 377 TYR A CZ   1 
ATOM   235  O OH   . TYR A 1 29  ? 11.676  -1.373  0.232   1.00 45.47  ? 377 TYR A OH   1 
ATOM   236  N N    . LYS A 1 30  ? 6.605   2.943   -5.374  1.00 37.31  ? 378 LYS A N    1 
ATOM   237  C CA   . LYS A 1 30  ? 6.167   4.043   -6.238  1.00 37.32  ? 378 LYS A CA   1 
ATOM   238  C C    . LYS A 1 30  ? 4.873   3.679   -7.012  1.00 41.02  ? 378 LYS A C    1 
ATOM   239  O O    . LYS A 1 30  ? 4.501   2.502   -7.002  1.00 40.37  ? 378 LYS A O    1 
ATOM   240  C CB   . LYS A 1 30  ? 7.306   4.410   -7.211  1.00 40.15  ? 378 LYS A CB   1 
ATOM   241  C CG   . LYS A 1 30  ? 8.386   5.283   -6.585  1.00 56.27  ? 378 LYS A CG   1 
ATOM   242  N N    . PRO A 1 31  ? 4.159   4.636   -7.677  1.00 37.63  ? 379 PRO A N    1 
ATOM   243  C CA   . PRO A 1 31  ? 2.937   4.253   -8.416  1.00 37.42  ? 379 PRO A CA   1 
ATOM   244  C C    . PRO A 1 31  ? 3.219   3.313   -9.586  1.00 41.13  ? 379 PRO A C    1 
ATOM   245  O O    . PRO A 1 31  ? 4.314   3.356   -10.154 1.00 40.70  ? 379 PRO A O    1 
ATOM   246  C CB   . PRO A 1 31  ? 2.368   5.592   -8.904  1.00 39.19  ? 379 PRO A CB   1 
ATOM   247  C CG   . PRO A 1 31  ? 3.068   6.643   -8.110  1.00 43.61  ? 379 PRO A CG   1 
ATOM   248  C CD   . PRO A 1 31  ? 4.416   6.088   -7.801  1.00 39.12  ? 379 PRO A CD   1 
ATOM   249  N N    . VAL A 1 32  ? 2.235   2.456   -9.929  1.00 37.55  ? 380 VAL A N    1 
ATOM   250  C CA   . VAL A 1 32  ? 2.341   1.485   -11.025 1.00 37.42  ? 380 VAL A CA   1 
ATOM   251  C C    . VAL A 1 32  ? 2.588   2.214   -12.356 1.00 41.48  ? 380 VAL A C    1 
ATOM   252  O O    . VAL A 1 32  ? 1.715   2.941   -12.836 1.00 41.05  ? 380 VAL A O    1 
ATOM   253  C CB   . VAL A 1 32  ? 1.135   0.499   -11.079 1.00 41.14  ? 380 VAL A CB   1 
ATOM   254  C CG1  . VAL A 1 32  ? 1.229   -0.433  -12.284 1.00 40.88  ? 380 VAL A CG1  1 
ATOM   255  C CG2  . VAL A 1 32  ? 1.025   -0.314  -9.789  1.00 40.96  ? 380 VAL A CG2  1 
ATOM   256  N N    . ASP A 1 33  ? 3.807   2.058   -12.905 1.00 38.16  ? 381 ASP A N    1 
ATOM   257  C CA   . ASP A 1 33  ? 4.221   2.675   -14.164 1.00 38.13  ? 381 ASP A CA   1 
ATOM   258  C C    . ASP A 1 33  ? 3.667   1.840   -15.319 1.00 42.06  ? 381 ASP A C    1 
ATOM   259  O O    . ASP A 1 33  ? 4.282   0.855   -15.735 1.00 41.04  ? 381 ASP A O    1 
ATOM   260  C CB   . ASP A 1 33  ? 5.758   2.802   -14.229 1.00 39.98  ? 381 ASP A CB   1 
ATOM   261  C CG   . ASP A 1 33  ? 6.276   3.961   -15.064 1.00 48.37  ? 381 ASP A CG   1 
ATOM   262  O OD1  . ASP A 1 33  ? 5.712   4.209   -16.155 1.00 48.36  ? 381 ASP A OD1  1 
ATOM   263  O OD2  . ASP A 1 33  ? 7.277   4.584   -14.654 1.00 54.09  ? 381 ASP A OD2  1 
ATOM   264  N N    . VAL A 1 34  ? 2.470   2.219   -15.799 1.00 39.63  ? 382 VAL A N    1 
ATOM   265  C CA   . VAL A 1 34  ? 1.737   1.526   -16.866 1.00 39.88  ? 382 VAL A CA   1 
ATOM   266  C C    . VAL A 1 34  ? 2.467   1.574   -18.217 1.00 44.18  ? 382 VAL A C    1 
ATOM   267  O O    . VAL A 1 34  ? 2.407   0.599   -18.966 1.00 43.90  ? 382 VAL A O    1 
ATOM   268  C CB   . VAL A 1 34  ? 0.253   1.982   -16.991 1.00 43.90  ? 382 VAL A CB   1 
ATOM   269  C CG1  . VAL A 1 34  ? -0.521  1.675   -15.716 1.00 43.75  ? 382 VAL A CG1  1 
ATOM   270  C CG2  . VAL A 1 34  ? 0.127   3.463   -17.353 1.00 43.75  ? 382 VAL A CG2  1 
ATOM   271  N N    . GLU A 1 35  ? 3.157   2.692   -18.514 1.00 40.93  ? 383 GLU A N    1 
ATOM   272  C CA   . GLU A 1 35  ? 3.891   2.891   -19.766 1.00 40.91  ? 383 GLU A CA   1 
ATOM   273  C C    . GLU A 1 35  ? 5.187   2.078   -19.814 1.00 44.86  ? 383 GLU A C    1 
ATOM   274  O O    . GLU A 1 35  ? 5.535   1.557   -20.876 1.00 44.75  ? 383 GLU A O    1 
ATOM   275  C CB   . GLU A 1 35  ? 4.169   4.386   -20.026 1.00 42.34  ? 383 GLU A CB   1 
ATOM   276  C CG   . GLU A 1 35  ? 2.933   5.282   -20.073 1.00 53.31  ? 383 GLU A CG   1 
ATOM   277  C CD   . GLU A 1 35  ? 1.874   4.985   -21.120 1.00 75.79  ? 383 GLU A CD   1 
ATOM   278  O OE1  . GLU A 1 35  ? 2.237   4.613   -22.260 1.00 72.85  ? 383 GLU A OE1  1 
ATOM   279  O OE2  . GLU A 1 35  ? 0.674   5.165   -20.809 1.00 70.01  ? 383 GLU A OE2  1 
ATOM   280  N N    . ALA A 1 36  ? 5.896   1.972   -18.672 1.00 40.94  ? 384 ALA A N    1 
ATOM   281  C CA   . ALA A 1 36  ? 7.148   1.215   -18.565 1.00 40.51  ? 384 ALA A CA   1 
ATOM   282  C C    . ALA A 1 36  ? 6.907   -0.298  -18.541 1.00 43.83  ? 384 ALA A C    1 
ATOM   283  O O    . ALA A 1 36  ? 7.712   -1.049  -19.097 1.00 43.58  ? 384 ALA A O    1 
ATOM   284  C CB   . ALA A 1 36  ? 7.923   1.644   -17.329 1.00 41.19  ? 384 ALA A CB   1 
ATOM   285  N N    . LEU A 1 37  ? 5.808   -0.743  -17.894 1.00 39.58  ? 385 LEU A N    1 
ATOM   286  C CA   . LEU A 1 37  ? 5.449   -2.162  -17.779 1.00 39.08  ? 385 LEU A CA   1 
ATOM   287  C C    . LEU A 1 37  ? 4.589   -2.673  -18.944 1.00 42.18  ? 385 LEU A C    1 
ATOM   288  O O    . LEU A 1 37  ? 4.448   -3.887  -19.112 1.00 41.54  ? 385 LEU A O    1 
ATOM   289  C CB   . LEU A 1 37  ? 4.765   -2.458  -16.428 1.00 39.08  ? 385 LEU A CB   1 
ATOM   290  C CG   . LEU A 1 37  ? 5.591   -2.252  -15.154 1.00 43.65  ? 385 LEU A CG   1 
ATOM   291  C CD1  . LEU A 1 37  ? 4.686   -2.085  -13.956 1.00 43.76  ? 385 LEU A CD1  1 
ATOM   292  C CD2  . LEU A 1 37  ? 6.571   -3.401  -14.922 1.00 45.86  ? 385 LEU A CD2  1 
ATOM   293  N N    . GLY A 1 38  ? 4.033   -1.750  -19.731 1.00 38.52  ? 386 GLY A N    1 
ATOM   294  C CA   . GLY A 1 38  ? 3.191   -2.063  -20.882 1.00 38.18  ? 386 GLY A CA   1 
ATOM   295  C C    . GLY A 1 38  ? 1.835   -2.623  -20.504 1.00 41.48  ? 386 GLY A C    1 
ATOM   296  O O    . GLY A 1 38  ? 1.358   -3.572  -21.133 1.00 41.13  ? 386 GLY A O    1 
ATOM   297  N N    . LEU A 1 39  ? 1.209   -2.035  -19.470 1.00 37.40  ? 387 LEU A N    1 
ATOM   298  C CA   . LEU A 1 39  ? -0.098  -2.451  -18.960 1.00 37.00  ? 387 LEU A CA   1 
ATOM   299  C C    . LEU A 1 39  ? -1.194  -1.551  -19.546 1.00 41.03  ? 387 LEU A C    1 
ATOM   300  O O    . LEU A 1 39  ? -1.628  -0.583  -18.915 1.00 40.74  ? 387 LEU A O    1 
ATOM   301  C CB   . LEU A 1 39  ? -0.115  -2.465  -17.412 1.00 36.94  ? 387 LEU A CB   1 
ATOM   302  C CG   . LEU A 1 39  ? 1.075   -3.134  -16.688 1.00 41.37  ? 387 LEU A CG   1 
ATOM   303  C CD1  . LEU A 1 39  ? 1.023   -2.872  -15.204 1.00 41.48  ? 387 LEU A CD1  1 
ATOM   304  C CD2  . LEU A 1 39  ? 1.137   -4.640  -16.947 1.00 43.56  ? 387 LEU A CD2  1 
ATOM   305  N N    . HIS A 1 40  ? -1.611  -1.876  -20.783 1.00 37.64  ? 388 HIS A N    1 
ATOM   306  C CA   . HIS A 1 40  ? -2.611  -1.158  -21.584 1.00 37.55  ? 388 HIS A CA   1 
ATOM   307  C C    . HIS A 1 40  ? -4.023  -1.140  -20.999 1.00 41.65  ? 388 HIS A C    1 
ATOM   308  O O    . HIS A 1 40  ? -4.796  -0.227  -21.302 1.00 41.52  ? 388 HIS A O    1 
ATOM   309  C CB   . HIS A 1 40  ? -2.648  -1.725  -23.013 1.00 38.22  ? 388 HIS A CB   1 
ATOM   310  C CG   . HIS A 1 40  ? -2.974  -3.187  -23.078 1.00 41.58  ? 388 HIS A CG   1 
ATOM   311  N ND1  . HIS A 1 40  ? -4.269  -3.630  -23.270 1.00 43.33  ? 388 HIS A ND1  1 
ATOM   312  C CD2  . HIS A 1 40  ? -2.158  -4.261  -22.959 1.00 43.30  ? 388 HIS A CD2  1 
ATOM   313  C CE1  . HIS A 1 40  ? -4.201  -4.951  -23.264 1.00 42.69  ? 388 HIS A CE1  1 
ATOM   314  N NE2  . HIS A 1 40  ? -2.952  -5.376  -23.081 1.00 43.05  ? 388 HIS A NE2  1 
ATOM   315  N N    . ASP A 1 41  ? -4.367  -2.157  -20.194 1.00 37.92  ? 389 ASP A N    1 
ATOM   316  C CA   . ASP A 1 41  ? -5.689  -2.325  -19.588 1.00 37.45  ? 389 ASP A CA   1 
ATOM   317  C C    . ASP A 1 41  ? -5.766  -1.947  -18.096 1.00 40.71  ? 389 ASP A C    1 
ATOM   318  O O    . ASP A 1 41  ? -6.857  -1.994  -17.525 1.00 40.19  ? 389 ASP A O    1 
ATOM   319  C CB   . ASP A 1 41  ? -6.196  -3.768  -19.817 1.00 39.18  ? 389 ASP A CB   1 
ATOM   320  C CG   . ASP A 1 41  ? -5.333  -4.880  -19.236 1.00 48.54  ? 389 ASP A CG   1 
ATOM   321  O OD1  . ASP A 1 41  ? -4.124  -4.646  -19.012 1.00 48.93  ? 389 ASP A OD1  1 
ATOM   322  O OD2  . ASP A 1 41  ? -5.854  -6.000  -19.057 1.00 54.85  ? 389 ASP A OD2  1 
ATOM   323  N N    . TYR A 1 42  ? -4.630  -1.550  -17.478 1.00 37.03  ? 390 TYR A N    1 
ATOM   324  C CA   . TYR A 1 42  ? -4.565  -1.192  -16.055 1.00 36.68  ? 390 TYR A CA   1 
ATOM   325  C C    . TYR A 1 42  ? -5.473  -0.019  -15.664 1.00 41.42  ? 390 TYR A C    1 
ATOM   326  O O    . TYR A 1 42  ? -6.136  -0.112  -14.634 1.00 41.06  ? 390 TYR A O    1 
ATOM   327  C CB   . TYR A 1 42  ? -3.118  -0.946  -15.595 1.00 37.28  ? 390 TYR A CB   1 
ATOM   328  C CG   . TYR A 1 42  ? -2.961  -0.829  -14.092 1.00 38.14  ? 390 TYR A CG   1 
ATOM   329  C CD1  . TYR A 1 42  ? -2.707  -1.949  -13.307 1.00 39.87  ? 390 TYR A CD1  1 
ATOM   330  C CD2  . TYR A 1 42  ? -3.053  0.407   -13.455 1.00 38.67  ? 390 TYR A CD2  1 
ATOM   331  C CE1  . TYR A 1 42  ? -2.564  -1.847  -11.923 1.00 40.26  ? 390 TYR A CE1  1 
ATOM   332  C CE2  . TYR A 1 42  ? -2.915  0.521   -12.073 1.00 39.42  ? 390 TYR A CE2  1 
ATOM   333  C CZ   . TYR A 1 42  ? -2.670  -0.608  -11.311 1.00 45.63  ? 390 TYR A CZ   1 
ATOM   334  O OH   . TYR A 1 42  ? -2.531  -0.492  -9.950  1.00 45.06  ? 390 TYR A OH   1 
ATOM   335  N N    . CYS A 1 43  ? -5.502  1.072   -16.459 1.00 38.39  ? 391 CYS A N    1 
ATOM   336  C CA   . CYS A 1 43  ? -6.342  2.242   -16.163 1.00 38.37  ? 391 CYS A CA   1 
ATOM   337  C C    . CYS A 1 43  ? -7.846  1.954   -16.300 1.00 42.62  ? 391 CYS A C    1 
ATOM   338  O O    . CYS A 1 43  ? -8.647  2.577   -15.600 1.00 42.45  ? 391 CYS A O    1 
ATOM   339  C CB   . CYS A 1 43  ? -5.919  3.454   -16.987 1.00 38.64  ? 391 CYS A CB   1 
ATOM   340  S SG   . CYS A 1 43  ? -4.316  4.149   -16.509 0.50 42.50  ? 391 CYS A SG   1 
ATOM   341  N N    . ASP A 1 44  ? -8.220  1.000   -17.174 1.00 39.14  ? 392 ASP A N    1 
ATOM   342  C CA   . ASP A 1 44  ? -9.611  0.593   -17.389 1.00 39.01  ? 392 ASP A CA   1 
ATOM   343  C C    . ASP A 1 44  ? -10.117 -0.279  -16.235 1.00 42.13  ? 392 ASP A C    1 
ATOM   344  O O    . ASP A 1 44  ? -11.286 -0.174  -15.857 1.00 41.93  ? 392 ASP A O    1 
ATOM   345  C CB   . ASP A 1 44  ? -9.764  -0.157  -18.727 1.00 41.17  ? 392 ASP A CB   1 
ATOM   346  C CG   . ASP A 1 44  ? -9.340  0.620   -19.964 1.00 53.60  ? 392 ASP A CG   1 
ATOM   347  O OD1  . ASP A 1 44  ? -9.579  1.850   -20.009 1.00 54.56  ? 392 ASP A OD1  1 
ATOM   348  O OD2  . ASP A 1 44  ? -8.807  -0.009  -20.903 1.00 60.29  ? 392 ASP A OD2  1 
ATOM   349  N N    . ILE A 1 45  ? -9.237  -1.140  -15.683 1.00 37.56  ? 393 ILE A N    1 
ATOM   350  C CA   . ILE A 1 45  ? -9.549  -2.052  -14.578 1.00 36.77  ? 393 ILE A CA   1 
ATOM   351  C C    . ILE A 1 45  ? -9.425  -1.344  -13.214 1.00 39.03  ? 393 ILE A C    1 
ATOM   352  O O    . ILE A 1 45  ? -10.351 -1.420  -12.404 1.00 38.50  ? 393 ILE A O    1 
ATOM   353  C CB   . ILE A 1 45  ? -8.704  -3.363  -14.686 1.00 39.85  ? 393 ILE A CB   1 
ATOM   354  C CG1  . ILE A 1 45  ? -9.046  -4.130  -15.991 1.00 40.21  ? 393 ILE A CG1  1 
ATOM   355  C CG2  . ILE A 1 45  ? -8.884  -4.270  -13.451 1.00 40.54  ? 393 ILE A CG2  1 
ATOM   356  C CD1  . ILE A 1 45  ? -7.947  -5.048  -16.540 1.00 47.37  ? 393 ILE A CD1  1 
ATOM   357  N N    . ILE A 1 46  ? -8.295  -0.653  -12.977 1.00 34.57  ? 394 ILE A N    1 
ATOM   358  C CA   . ILE A 1 46  ? -8.001  0.066   -11.733 1.00 34.05  ? 394 ILE A CA   1 
ATOM   359  C C    . ILE A 1 46  ? -8.375  1.555   -11.851 1.00 38.86  ? 394 ILE A C    1 
ATOM   360  O O    . ILE A 1 46  ? -7.647  2.337   -12.470 1.00 38.24  ? 394 ILE A O    1 
ATOM   361  C CB   . ILE A 1 46  ? -6.524  -0.177  -11.270 1.00 36.73  ? 394 ILE A CB   1 
ATOM   362  C CG1  . ILE A 1 46  ? -6.159  -1.697  -11.200 1.00 36.83  ? 394 ILE A CG1  1 
ATOM   363  C CG2  . ILE A 1 46  ? -6.188  0.550   -9.961  1.00 37.21  ? 394 ILE A CG2  1 
ATOM   364  C CD1  . ILE A 1 46  ? -7.088  -2.659  -10.354 1.00 40.70  ? 394 ILE A CD1  1 
ATOM   365  N N    . LYS A 1 47  ? -9.522  1.931   -11.257 1.00 36.34  ? 395 LYS A N    1 
ATOM   366  C CA   . LYS A 1 47  ? -10.044 3.301   -11.265 1.00 36.44  ? 395 LYS A CA   1 
ATOM   367  C C    . LYS A 1 47  ? -9.355  4.201   -10.243 1.00 40.88  ? 395 LYS A C    1 
ATOM   368  O O    . LYS A 1 47  ? -9.148  5.386   -10.517 1.00 40.58  ? 395 LYS A O    1 
ATOM   369  C CB   . LYS A 1 47  ? -11.569 3.305   -11.059 1.00 39.06  ? 395 LYS A CB   1 
ATOM   370  C CG   . LYS A 1 47  ? -12.362 3.630   -12.323 1.00 54.49  ? 395 LYS A CG   1 
ATOM   371  C CD   . LYS A 1 47  ? -12.454 2.448   -13.296 1.00 64.65  ? 395 LYS A CD   1 
ATOM   372  C CE   . LYS A 1 47  ? -12.609 2.892   -14.732 1.00 75.31  ? 395 LYS A CE   1 
ATOM   373  N NZ   . LYS A 1 47  ? -11.351 3.474   -15.279 1.00 83.93  ? 395 LYS A NZ   1 
ATOM   374  N N    . HIS A 1 48  ? -9.003  3.645   -9.068  1.00 37.53  ? 396 HIS A N    1 
ATOM   375  C CA   . HIS A 1 48  ? -8.340  4.389   -8.000  1.00 37.34  ? 396 HIS A CA   1 
ATOM   376  C C    . HIS A 1 48  ? -6.981  3.753   -7.653  1.00 40.74  ? 396 HIS A C    1 
ATOM   377  O O    . HIS A 1 48  ? -6.909  2.907   -6.754  1.00 40.49  ? 396 HIS A O    1 
ATOM   378  C CB   . HIS A 1 48  ? -9.254  4.526   -6.764  1.00 38.27  ? 396 HIS A CB   1 
ATOM   379  C CG   . HIS A 1 48  ? -10.650 4.958   -7.090  1.00 41.83  ? 396 HIS A CG   1 
ATOM   380  N ND1  . HIS A 1 48  ? -10.957 6.285   -7.337  1.00 43.66  ? 396 HIS A ND1  1 
ATOM   381  C CD2  . HIS A 1 48  ? -11.777 4.219   -7.211  1.00 43.63  ? 396 HIS A CD2  1 
ATOM   382  C CE1  . HIS A 1 48  ? -12.255 6.310   -7.594  1.00 43.08  ? 396 HIS A CE1  1 
ATOM   383  N NE2  . HIS A 1 48  ? -12.791 5.092   -7.531  1.00 43.41  ? 396 HIS A NE2  1 
ATOM   384  N N    . PRO A 1 49  ? -5.891  4.119   -8.376  1.00 36.60  ? 397 PRO A N    1 
ATOM   385  C CA   . PRO A 1 49  ? -4.575  3.533   -8.060  1.00 36.04  ? 397 PRO A CA   1 
ATOM   386  C C    . PRO A 1 49  ? -4.003  4.056   -6.743  1.00 38.74  ? 397 PRO A C    1 
ATOM   387  O O    . PRO A 1 49  ? -4.324  5.174   -6.340  1.00 38.59  ? 397 PRO A O    1 
ATOM   388  C CB   . PRO A 1 49  ? -3.710  3.928   -9.260  1.00 37.88  ? 397 PRO A CB   1 
ATOM   389  C CG   . PRO A 1 49  ? -4.326  5.169   -9.782  1.00 42.42  ? 397 PRO A CG   1 
ATOM   390  C CD   . PRO A 1 49  ? -5.799  5.095   -9.485  1.00 38.07  ? 397 PRO A CD   1 
ATOM   391  N N    . MET A 1 50  ? -3.173  3.238   -6.067  1.00 34.13  ? 398 MET A N    1 
ATOM   392  C CA   . MET A 1 50  ? -2.548  3.584   -4.785  1.00 33.31  ? 398 MET A CA   1 
ATOM   393  C C    . MET A 1 50  ? -1.208  2.861   -4.594  1.00 36.47  ? 398 MET A C    1 
ATOM   394  O O    . MET A 1 50  ? -1.037  1.728   -5.050  1.00 35.68  ? 398 MET A O    1 
ATOM   395  C CB   . MET A 1 50  ? -3.518  3.306   -3.613  1.00 35.47  ? 398 MET A CB   1 
ATOM   396  C CG   . MET A 1 50  ? -3.131  3.967   -2.281  1.00 38.79  ? 398 MET A CG   1 
ATOM   397  S SD   . MET A 1 50  ? -2.755  5.747   -2.291  1.00 42.59  ? 398 MET A SD   1 
ATOM   398  C CE   . MET A 1 50  ? -4.319  6.427   -2.873  1.00 39.12  ? 398 MET A CE   1 
ATOM   399  N N    . ASP A 1 51  ? -0.260  3.540   -3.928  1.00 33.05  ? 399 ASP A N    1 
ATOM   400  C CA   . ASP A 1 51  ? 1.086   3.049   -3.621  1.00 32.97  ? 399 ASP A CA   1 
ATOM   401  C C    . ASP A 1 51  ? 1.587   3.669   -2.310  1.00 36.97  ? 399 ASP A C    1 
ATOM   402  O O    . ASP A 1 51  ? 1.034   4.673   -1.859  1.00 36.16  ? 399 ASP A O    1 
ATOM   403  C CB   . ASP A 1 51  ? 2.052   3.373   -4.769  1.00 34.78  ? 399 ASP A CB   1 
ATOM   404  C CG   . ASP A 1 51  ? 2.257   4.858   -4.973  1.00 44.52  ? 399 ASP A CG   1 
ATOM   405  O OD1  . ASP A 1 51  ? 1.326   5.518   -5.472  1.00 45.38  ? 399 ASP A OD1  1 
ATOM   406  O OD2  . ASP A 1 51  ? 3.346   5.356   -4.633  1.00 49.87  ? 399 ASP A OD2  1 
ATOM   407  N N    . MET A 1 52  ? 2.652   3.094   -1.733  1.00 34.24  ? 400 MET A N    1 
ATOM   408  C CA   . MET A 1 52  ? 3.259   3.524   -0.469  1.00 34.41  ? 400 MET A CA   1 
ATOM   409  C C    . MET A 1 52  ? 3.771   4.979   -0.456  1.00 39.95  ? 400 MET A C    1 
ATOM   410  O O    . MET A 1 52  ? 3.680   5.624   0.591   1.00 39.58  ? 400 MET A O    1 
ATOM   411  C CB   . MET A 1 52  ? 4.365   2.556   -0.051  1.00 36.50  ? 400 MET A CB   1 
ATOM   412  C CG   . MET A 1 52  ? 3.835   1.257   0.532   1.00 39.90  ? 400 MET A CG   1 
ATOM   413  S SD   . MET A 1 52  ? 5.001   -0.125  0.443   1.00 43.68  ? 400 MET A SD   1 
ATOM   414  C CE   . MET A 1 52  ? 6.381   0.550   1.349   1.00 40.31  ? 400 MET A CE   1 
ATOM   415  N N    . SER A 1 53  ? 4.289   5.497   -1.596  1.00 37.57  ? 401 SER A N    1 
ATOM   416  C CA   . SER A 1 53  ? 4.771   6.885   -1.687  1.00 37.89  ? 401 SER A CA   1 
ATOM   417  C C    . SER A 1 53  ? 3.623   7.896   -1.626  1.00 43.00  ? 401 SER A C    1 
ATOM   418  O O    . SER A 1 53  ? 3.778   8.949   -1.005  1.00 42.86  ? 401 SER A O    1 
ATOM   419  C CB   . SER A 1 53  ? 5.612   7.105   -2.940  1.00 41.15  ? 401 SER A CB   1 
ATOM   420  O OG   . SER A 1 53  ? 6.877   6.476   -2.827  1.00 49.12  ? 401 SER A OG   1 
ATOM   421  N N    . THR A 1 54  ? 2.474   7.570   -2.257  1.00 40.29  ? 402 THR A N    1 
ATOM   422  C CA   . THR A 1 54  ? 1.271   8.409   -2.260  1.00 40.54  ? 402 THR A CA   1 
ATOM   423  C C    . THR A 1 54  ? 0.653   8.442   -0.854  1.00 45.23  ? 402 THR A C    1 
ATOM   424  O O    . THR A 1 54  ? 0.201   9.505   -0.419  1.00 44.95  ? 402 THR A O    1 
ATOM   425  C CB   . THR A 1 54  ? 0.311   7.982   -3.384  1.00 48.98  ? 402 THR A CB   1 
ATOM   426  O OG1  . THR A 1 54  ? 1.013   8.055   -4.625  1.00 50.15  ? 402 THR A OG1  1 
ATOM   427  C CG2  . THR A 1 54  ? -0.937  8.860   -3.473  1.00 47.44  ? 402 THR A CG2  1 
ATOM   428  N N    . ILE A 1 55  ? 0.679   7.295   -0.133  1.00 42.04  ? 403 ILE A N    1 
ATOM   429  C CA   . ILE A 1 55  ? 0.179   7.187   1.245   1.00 41.95  ? 403 ILE A CA   1 
ATOM   430  C C    . ILE A 1 55  ? 1.084   8.026   2.171   1.00 46.59  ? 403 ILE A C    1 
ATOM   431  O O    . ILE A 1 55  ? 0.571   8.722   3.048   1.00 46.07  ? 403 ILE A O    1 
ATOM   432  C CB   . ILE A 1 55  ? 0.003   5.706   1.723   1.00 44.84  ? 403 ILE A CB   1 
ATOM   433  C CG1  . ILE A 1 55  ? -0.889  4.900   0.752   1.00 45.00  ? 403 ILE A CG1  1 
ATOM   434  C CG2  . ILE A 1 55  ? -0.591  5.648   3.137   1.00 45.49  ? 403 ILE A CG2  1 
ATOM   435  C CD1  . ILE A 1 55  ? -0.691  3.374   0.774   1.00 51.29  ? 403 ILE A CD1  1 
ATOM   436  N N    . LYS A 1 56  ? 2.417   8.000   1.930   1.00 44.03  ? 404 LYS A N    1 
ATOM   437  C CA   . LYS A 1 56  ? 3.420   8.770   2.675   1.00 44.33  ? 404 LYS A CA   1 
ATOM   438  C C    . LYS A 1 56  ? 3.223   10.282  2.466   1.00 49.44  ? 404 LYS A C    1 
ATOM   439  O O    . LYS A 1 56  ? 3.401   11.053  3.411   1.00 49.27  ? 404 LYS A O    1 
ATOM   440  C CB   . LYS A 1 56  ? 4.843   8.344   2.269   1.00 46.82  ? 404 LYS A CB   1 
ATOM   441  C CG   . LYS A 1 56  ? 5.925   8.764   3.259   1.00 61.72  ? 404 LYS A CG   1 
ATOM   442  C CD   . LYS A 1 56  ? 7.302   8.273   2.828   1.00 72.07  ? 404 LYS A CD   1 
ATOM   443  C CE   . LYS A 1 56  ? 8.392   8.667   3.796   1.00 83.43  ? 404 LYS A CE   1 
ATOM   444  N NZ   . LYS A 1 56  ? 8.764   10.102  3.669   1.00 93.00  ? 404 LYS A NZ   1 
ATOM   445  N N    . SER A 1 57  ? 2.850   10.692  1.239   1.00 46.58  ? 405 SER A N    1 
ATOM   446  C CA   . SER A 1 57  ? 2.594   12.089  0.883   1.00 46.74  ? 405 SER A CA   1 
ATOM   447  C C    . SER A 1 57  ? 1.274   12.581  1.483   1.00 51.28  ? 405 SER A C    1 
ATOM   448  O O    . SER A 1 57  ? 1.216   13.711  1.972   1.00 51.03  ? 405 SER A O    1 
ATOM   449  C CB   . SER A 1 57  ? 2.596   12.270  -0.632  1.00 50.37  ? 405 SER A CB   1 
ATOM   450  O OG   . SER A 1 57  ? 3.866   11.960  -1.180  1.00 59.43  ? 405 SER A OG   1 
ATOM   451  N N    . LYS A 1 58  ? 0.223   11.730  1.459   1.00 48.13  ? 406 LYS A N    1 
ATOM   452  C CA   . LYS A 1 58  ? -1.103  12.032  2.013   1.00 48.10  ? 406 LYS A CA   1 
ATOM   453  C C    . LYS A 1 58  ? -1.068  12.134  3.541   1.00 52.84  ? 406 LYS A C    1 
ATOM   454  O O    . LYS A 1 58  ? -1.853  12.882  4.124   1.00 52.41  ? 406 LYS A O    1 
ATOM   455  C CB   . LYS A 1 58  ? -2.131  10.978  1.575   1.00 50.43  ? 406 LYS A CB   1 
ATOM   456  C CG   . LYS A 1 58  ? -2.696  11.205  0.175   1.00 61.59  ? 406 LYS A CG   1 
ATOM   457  C CD   . LYS A 1 58  ? -3.766  10.179  -0.198  1.00 69.82  ? 406 LYS A CD   1 
ATOM   458  C CE   . LYS A 1 58  ? -5.153  10.564  0.262   1.00 79.29  ? 406 LYS A CE   1 
ATOM   459  N NZ   . LYS A 1 58  ? -6.166  9.552   -0.136  1.00 87.51  ? 406 LYS A NZ   1 
ATOM   460  N N    . LEU A 1 59  ? -0.152  11.381  4.182   1.00 50.01  ? 407 LEU A N    1 
ATOM   461  C CA   . LEU A 1 59  ? 0.045   11.355  5.631   1.00 50.06  ? 407 LEU A CA   1 
ATOM   462  C C    . LEU A 1 59  ? 0.700   12.653  6.121   1.00 54.53  ? 407 LEU A C    1 
ATOM   463  O O    . LEU A 1 59  ? 0.297   13.183  7.156   1.00 54.16  ? 407 LEU A O    1 
ATOM   464  C CB   . LEU A 1 59  ? 0.894   10.126  6.009   1.00 50.07  ? 407 LEU A CB   1 
ATOM   465  C CG   . LEU A 1 59  ? 0.735   9.506   7.405   1.00 54.68  ? 407 LEU A CG   1 
ATOM   466  C CD1  . LEU A 1 59  ? -0.728  9.290   7.784   1.00 54.75  ? 407 LEU A CD1  1 
ATOM   467  C CD2  . LEU A 1 59  ? 1.441   8.174   7.463   1.00 57.00  ? 407 LEU A CD2  1 
ATOM   468  N N    . GLU A 1 60  ? 1.689   13.169  5.361   1.00 51.51  ? 408 GLU A N    1 
ATOM   469  C CA   . GLU A 1 60  ? 2.405   14.416  5.659   1.00 51.56  ? 408 GLU A CA   1 
ATOM   470  C C    . GLU A 1 60  ? 1.505   15.635  5.437   1.00 55.71  ? 408 GLU A C    1 
ATOM   471  O O    . GLU A 1 60  ? 1.622   16.623  6.164   1.00 55.57  ? 408 GLU A O    1 
ATOM   472  C CB   . GLU A 1 60  ? 3.679   14.534  4.805   1.00 52.97  ? 408 GLU A CB   1 
ATOM   473  C CG   . GLU A 1 60  ? 4.792   13.583  5.220   1.00 63.96  ? 408 GLU A CG   1 
ATOM   474  C CD   . GLU A 1 60  ? 5.986   13.473  4.289   1.00 86.32  ? 408 GLU A CD   1 
ATOM   475  O OE1  . GLU A 1 60  ? 5.914   13.972  3.142   1.00 82.49  ? 408 GLU A OE1  1 
ATOM   476  O OE2  . GLU A 1 60  ? 6.994   12.857  4.704   1.00 81.67  ? 408 GLU A OE2  1 
ATOM   477  N N    . ALA A 1 61  ? 0.604   15.555  4.439   1.00 52.28  ? 409 ALA A N    1 
ATOM   478  C CA   . ALA A 1 61  ? -0.351  16.608  4.083   1.00 52.11  ? 409 ALA A CA   1 
ATOM   479  C C    . ALA A 1 61  ? -1.617  16.577  4.962   1.00 56.02  ? 409 ALA A C    1 
ATOM   480  O O    . ALA A 1 61  ? -2.497  17.427  4.796   1.00 55.68  ? 409 ALA A O    1 
ATOM   481  C CB   . ALA A 1 61  ? -0.723  16.493  2.611   1.00 52.86  ? 409 ALA A CB   1 
ATOM   482  N N    . ARG A 1 62  ? -1.688  15.605  5.907   1.00 52.46  ? 410 ARG A N    1 
ATOM   483  C CA   . ARG A 1 62  ? -2.787  15.374  6.856   1.00 52.18  ? 410 ARG A CA   1 
ATOM   484  C C    . ARG A 1 62  ? -4.133  15.147  6.138   1.00 55.41  ? 410 ARG A C    1 
ATOM   485  O O    . ARG A 1 62  ? -5.171  15.677  6.549   1.00 54.96  ? 410 ARG A O    1 
ATOM   486  C CB   . ARG A 1 62  ? -2.854  16.484  7.929   1.00 53.09  ? 410 ARG A CB   1 
ATOM   487  C CG   . ARG A 1 62  ? -1.755  16.364  8.985   1.00 64.96  ? 410 ARG A CG   1 
ATOM   488  C CD   . ARG A 1 62  ? -1.373  17.701  9.596   1.00 75.25  ? 410 ARG A CD   1 
ATOM   489  N NE   . ARG A 1 62  ? -2.388  18.206  10.523  1.00 83.14  ? 410 ARG A NE   1 
ATOM   490  C CZ   . ARG A 1 62  ? -2.238  19.283  11.288  1.00 96.57  ? 410 ARG A CZ   1 
ATOM   491  N NH1  . ARG A 1 62  ? -1.108  19.980  11.254  1.00 83.70  ? 410 ARG A NH1  1 
ATOM   492  N NH2  . ARG A 1 62  ? -3.214  19.670  12.097  1.00 83.13  ? 410 ARG A NH2  1 
ATOM   493  N N    . GLU A 1 63  ? -4.098  14.326  5.069   1.00 51.45  ? 411 GLU A N    1 
ATOM   494  C CA   . GLU A 1 63  ? -5.258  13.989  4.238   1.00 50.93  ? 411 GLU A CA   1 
ATOM   495  C C    . GLU A 1 63  ? -6.154  12.900  4.852   1.00 53.85  ? 411 GLU A C    1 
ATOM   496  O O    . GLU A 1 63  ? -7.266  12.684  4.360   1.00 53.66  ? 411 GLU A O    1 
ATOM   497  C CB   . GLU A 1 63  ? -4.830  13.632  2.801   1.00 52.34  ? 411 GLU A CB   1 
ATOM   498  C CG   . GLU A 1 63  ? -4.354  14.839  2.005   1.00 63.03  ? 411 GLU A CG   1 
ATOM   499  C CD   . GLU A 1 63  ? -3.954  14.600  0.562   1.00 83.10  ? 411 GLU A CD   1 
ATOM   500  O OE1  . GLU A 1 63  ? -4.726  13.947  -0.178  1.00 78.48  ? 411 GLU A OE1  1 
ATOM   501  O OE2  . GLU A 1 63  ? -2.895  15.127  0.152   1.00 76.45  ? 411 GLU A OE2  1 
ATOM   502  N N    . TYR A 1 64  ? -5.687  12.238  5.933   1.00 49.37  ? 412 TYR A N    1 
ATOM   503  C CA   . TYR A 1 64  ? -6.455  11.211  6.640   1.00 48.64  ? 412 TYR A CA   1 
ATOM   504  C C    . TYR A 1 64  ? -6.947  11.758  7.981   1.00 52.09  ? 412 TYR A C    1 
ATOM   505  O O    . TYR A 1 64  ? -6.144  12.265  8.769   1.00 51.60  ? 412 TYR A O    1 
ATOM   506  C CB   . TYR A 1 64  ? -5.631  9.922   6.861   1.00 49.35  ? 412 TYR A CB   1 
ATOM   507  C CG   . TYR A 1 64  ? -4.973  9.349   5.623   1.00 50.23  ? 412 TYR A CG   1 
ATOM   508  C CD1  . TYR A 1 64  ? -5.730  8.769   4.609   1.00 51.96  ? 412 TYR A CD1  1 
ATOM   509  C CD2  . TYR A 1 64  ? -3.588  9.321   5.498   1.00 50.72  ? 412 TYR A CD2  1 
ATOM   510  C CE1  . TYR A 1 64  ? -5.127  8.215   3.482   1.00 52.32  ? 412 TYR A CE1  1 
ATOM   511  C CE2  . TYR A 1 64  ? -2.971  8.763   4.379   1.00 51.45  ? 412 TYR A CE2  1 
ATOM   512  C CZ   . TYR A 1 64  ? -3.746  8.215   3.370   1.00 57.96  ? 412 TYR A CZ   1 
ATOM   513  O OH   . TYR A 1 64  ? -3.145  7.672   2.261   1.00 57.91  ? 412 TYR A OH   1 
ATOM   514  N N    . ARG A 1 65  ? -8.267  11.664  8.228   1.00 48.32  ? 413 ARG A N    1 
ATOM   515  C CA   . ARG A 1 65  ? -8.902  12.129  9.466   1.00 47.94  ? 413 ARG A CA   1 
ATOM   516  C C    . ARG A 1 65  ? -8.563  11.211  10.639  1.00 51.32  ? 413 ARG A C    1 
ATOM   517  O O    . ARG A 1 65  ? -8.327  11.693  11.748  1.00 51.04  ? 413 ARG A O    1 
ATOM   518  C CB   . ARG A 1 65  ? -10.427 12.226  9.300   1.00 48.31  ? 413 ARG A CB   1 
ATOM   519  C CG   . ARG A 1 65  ? -10.893 13.423  8.485   1.00 58.78  ? 413 ARG A CG   1 
ATOM   520  C CD   . ARG A 1 65  ? -12.396 13.604  8.577   1.00 70.82  ? 413 ARG A CD   1 
ATOM   521  N NE   . ARG A 1 65  ? -12.797 14.272  9.816   1.00 82.27  ? 413 ARG A NE   1 
ATOM   522  C CZ   . ARG A 1 65  ? -14.058 14.493  10.179  1.00 98.14  ? 413 ARG A CZ   1 
ATOM   523  N NH1  . ARG A 1 65  ? -15.060 14.099  9.400   1.00 85.29  ? 413 ARG A NH1  1 
ATOM   524  N NH2  . ARG A 1 65  ? -14.328 15.107  11.322  1.00 85.97  ? 413 ARG A NH2  1 
ATOM   525  N N    . ASP A 1 66  ? -8.544  9.891   10.385  1.00 47.13  ? 414 ASP A N    1 
ATOM   526  C CA   . ASP A 1 66  ? -8.250  8.855   11.375  1.00 46.45  ? 414 ASP A CA   1 
ATOM   527  C C    . ASP A 1 66  ? -7.394  7.728   10.785  1.00 48.89  ? 414 ASP A C    1 
ATOM   528  O O    . ASP A 1 66  ? -7.097  7.742   9.587   1.00 48.54  ? 414 ASP A O    1 
ATOM   529  C CB   . ASP A 1 66  ? -9.556  8.303   11.993  1.00 48.32  ? 414 ASP A CB   1 
ATOM   530  C CG   . ASP A 1 66  ? -10.698 8.024   11.027  1.00 58.57  ? 414 ASP A CG   1 
ATOM   531  O OD1  . ASP A 1 66  ? -10.432 7.493   9.924   1.00 59.21  ? 414 ASP A OD1  1 
ATOM   532  O OD2  . ASP A 1 66  ? -11.862 8.295   11.391  1.00 64.67  ? 414 ASP A OD2  1 
ATOM   533  N N    . ALA A 1 67  ? -7.006  6.750   11.631  1.00 44.24  ? 415 ALA A N    1 
ATOM   534  C CA   . ALA A 1 67  ? -6.207  5.579   11.257  1.00 43.45  ? 415 ALA A CA   1 
ATOM   535  C C    . ALA A 1 67  ? -6.928  4.690   10.238  1.00 45.81  ? 415 ALA A C    1 
ATOM   536  O O    . ALA A 1 67  ? -6.268  4.050   9.419   1.00 44.99  ? 415 ALA A O    1 
ATOM   537  C CB   . ALA A 1 67  ? -5.855  4.774   12.497  1.00 44.21  ? 415 ALA A CB   1 
ATOM   538  N N    . GLN A 1 68  ? -8.280  4.669   10.282  1.00 41.89  ? 416 GLN A N    1 
ATOM   539  C CA   . GLN A 1 68  ? -9.138  3.903   9.375   1.00 41.53  ? 416 GLN A CA   1 
ATOM   540  C C    . GLN A 1 68  ? -9.005  4.379   7.924   1.00 45.12  ? 416 GLN A C    1 
ATOM   541  O O    . GLN A 1 68  ? -9.028  3.551   7.014   1.00 44.78  ? 416 GLN A O    1 
ATOM   542  C CB   . GLN A 1 68  ? -10.603 3.967   9.832   1.00 42.81  ? 416 GLN A CB   1 
ATOM   543  N N    . GLU A 1 69  ? -8.854  5.706   7.715   1.00 41.15  ? 417 GLU A N    1 
ATOM   544  C CA   . GLU A 1 69  ? -8.686  6.309   6.388   1.00 40.69  ? 417 GLU A CA   1 
ATOM   545  C C    . GLU A 1 69  ? -7.333  5.937   5.780   1.00 43.88  ? 417 GLU A C    1 
ATOM   546  O O    . GLU A 1 69  ? -7.247  5.737   4.566   1.00 43.64  ? 417 GLU A O    1 
ATOM   547  C CB   . GLU A 1 69  ? -8.883  7.830   6.437   1.00 42.07  ? 417 GLU A CB   1 
ATOM   548  C CG   . GLU A 1 69  ? -10.348 8.239   6.379   1.00 51.73  ? 417 GLU A CG   1 
ATOM   549  C CD   . GLU A 1 69  ? -10.654 9.722   6.489   1.00 69.39  ? 417 GLU A CD   1 
ATOM   550  O OE1  . GLU A 1 69  ? -9.799  10.550  6.101   1.00 60.63  ? 417 GLU A OE1  1 
ATOM   551  O OE2  . GLU A 1 69  ? -11.777 10.054  6.933   1.00 64.17  ? 417 GLU A OE2  1 
ATOM   552  N N    . PHE A 1 70  ? -6.284  5.833   6.627   1.00 39.67  ? 418 PHE A N    1 
ATOM   553  C CA   . PHE A 1 70  ? -4.932  5.415   6.242   1.00 39.02  ? 418 PHE A CA   1 
ATOM   554  C C    . PHE A 1 70  ? -5.001  3.946   5.801   1.00 41.84  ? 418 PHE A C    1 
ATOM   555  O O    . PHE A 1 70  ? -4.512  3.606   4.723   1.00 41.29  ? 418 PHE A O    1 
ATOM   556  C CB   . PHE A 1 70  ? -3.950  5.598   7.424   1.00 40.72  ? 418 PHE A CB   1 
ATOM   557  C CG   . PHE A 1 70  ? -2.636  4.850   7.327   1.00 42.16  ? 418 PHE A CG   1 
ATOM   558  C CD1  . PHE A 1 70  ? -1.535  5.426   6.707   1.00 45.16  ? 418 PHE A CD1  1 
ATOM   559  C CD2  . PHE A 1 70  ? -2.494  3.584   7.884   1.00 44.09  ? 418 PHE A CD2  1 
ATOM   560  C CE1  . PHE A 1 70  ? -0.317  4.741   6.632   1.00 46.04  ? 418 PHE A CE1  1 
ATOM   561  C CE2  . PHE A 1 70  ? -1.278  2.898   7.806   1.00 46.89  ? 418 PHE A CE2  1 
ATOM   562  C CZ   . PHE A 1 70  ? -0.199  3.480   7.176   1.00 45.06  ? 418 PHE A CZ   1 
ATOM   563  N N    . GLY A 1 71  ? -5.632  3.116   6.639   1.00 37.51  ? 419 GLY A N    1 
ATOM   564  C CA   . GLY A 1 71  ? -5.836  1.690   6.405   1.00 36.79  ? 419 GLY A CA   1 
ATOM   565  C C    . GLY A 1 71  ? -6.651  1.398   5.162   1.00 39.24  ? 419 GLY A C    1 
ATOM   566  O O    . GLY A 1 71  ? -6.436  0.369   4.517   1.00 38.67  ? 419 GLY A O    1 
ATOM   567  N N    . ALA A 1 72  ? -7.580  2.316   4.807   1.00 34.93  ? 420 ALA A N    1 
ATOM   568  C CA   . ALA A 1 72  ? -8.433  2.220   3.619   1.00 34.29  ? 420 ALA A CA   1 
ATOM   569  C C    . ALA A 1 72  ? -7.606  2.346   2.338   1.00 36.78  ? 420 ALA A C    1 
ATOM   570  O O    . ALA A 1 72  ? -7.870  1.622   1.378   1.00 36.39  ? 420 ALA A O    1 
ATOM   571  C CB   . ALA A 1 72  ? -9.516  3.287   3.658   1.00 35.07  ? 420 ALA A CB   1 
ATOM   572  N N    . ASP A 1 73  ? -6.595  3.244   2.335   1.00 32.39  ? 421 ASP A N    1 
ATOM   573  C CA   . ASP A 1 73  ? -5.688  3.458   1.204   1.00 31.82  ? 421 ASP A CA   1 
ATOM   574  C C    . ASP A 1 73  ? -4.665  2.327   1.089   1.00 34.97  ? 421 ASP A C    1 
ATOM   575  O O    . ASP A 1 73  ? -4.323  1.937   -0.028  1.00 34.74  ? 421 ASP A O    1 
ATOM   576  C CB   . ASP A 1 73  ? -4.986  4.825   1.298   1.00 33.52  ? 421 ASP A CB   1 
ATOM   577  C CG   . ASP A 1 73  ? -5.645  5.956   0.518   1.00 41.84  ? 421 ASP A CG   1 
ATOM   578  O OD1  . ASP A 1 73  ? -6.790  5.769   0.041   1.00 42.26  ? 421 ASP A OD1  1 
ATOM   579  O OD2  . ASP A 1 73  ? -5.023  7.031   0.396   1.00 46.09  ? 421 ASP A OD2  1 
ATOM   580  N N    . VAL A 1 74  ? -4.184  1.799   2.236   1.00 30.73  ? 422 VAL A N    1 
ATOM   581  C CA   . VAL A 1 74  ? -3.234  0.680   2.273   1.00 30.24  ? 422 VAL A CA   1 
ATOM   582  C C    . VAL A 1 74  ? -3.930  -0.571  1.703   1.00 33.18  ? 422 VAL A C    1 
ATOM   583  O O    . VAL A 1 74  ? -3.356  -1.251  0.851   1.00 32.81  ? 422 VAL A O    1 
ATOM   584  C CB   . VAL A 1 74  ? -2.624  0.445   3.686   1.00 34.09  ? 422 VAL A CB   1 
ATOM   585  C CG1  . VAL A 1 74  ? -1.726  -0.789  3.706   1.00 33.90  ? 422 VAL A CG1  1 
ATOM   586  C CG2  . VAL A 1 74  ? -1.841  1.666   4.161   1.00 33.90  ? 422 VAL A CG2  1 
ATOM   587  N N    . ARG A 1 75  ? -5.182  -0.831  2.130   1.00 29.24  ? 423 ARG A N    1 
ATOM   588  C CA   . ARG A 1 75  ? -5.976  -1.962  1.643   1.00 29.01  ? 423 ARG A CA   1 
ATOM   589  C C    . ARG A 1 75  ? -6.370  -1.804  0.175   1.00 32.56  ? 423 ARG A C    1 
ATOM   590  O O    . ARG A 1 75  ? -6.452  -2.810  -0.527  1.00 32.10  ? 423 ARG A O    1 
ATOM   591  C CB   . ARG A 1 75  ? -7.194  -2.228  2.537   1.00 28.93  ? 423 ARG A CB   1 
ATOM   592  C CG   . ARG A 1 75  ? -6.837  -3.052  3.765   1.00 37.43  ? 423 ARG A CG   1 
ATOM   593  C CD   . ARG A 1 75  ? -7.753  -2.755  4.927   1.00 42.95  ? 423 ARG A CD   1 
ATOM   594  N NE   . ARG A 1 75  ? -7.294  -3.400  6.156   1.00 44.82  ? 423 ARG A NE   1 
ATOM   595  C CZ   . ARG A 1 75  ? -7.761  -3.119  7.368   1.00 54.78  ? 423 ARG A CZ   1 
ATOM   596  N NH1  . ARG A 1 75  ? -8.704  -2.197  7.526   1.00 40.65  ? 423 ARG A NH1  1 
ATOM   597  N NH2  . ARG A 1 75  ? -7.285  -3.751  8.431   1.00 40.12  ? 423 ARG A NH2  1 
ATOM   598  N N    . LEU A 1 76  ? -6.569  -0.545  -0.295  1.00 28.75  ? 424 LEU A N    1 
ATOM   599  C CA   . LEU A 1 76  ? -6.878  -0.224  -1.696  1.00 28.40  ? 424 LEU A CA   1 
ATOM   600  C C    . LEU A 1 76  ? -5.686  -0.628  -2.575  1.00 31.35  ? 424 LEU A C    1 
ATOM   601  O O    . LEU A 1 76  ? -5.887  -1.223  -3.633  1.00 31.02  ? 424 LEU A O    1 
ATOM   602  C CB   . LEU A 1 76  ? -7.207  1.281   -1.860  1.00 28.53  ? 424 LEU A CB   1 
ATOM   603  C CG   . LEU A 1 76  ? -7.350  1.853   -3.289  1.00 33.31  ? 424 LEU A CG   1 
ATOM   604  C CD1  . LEU A 1 76  ? -8.577  1.298   -4.005  1.00 33.44  ? 424 LEU A CD1  1 
ATOM   605  C CD2  . LEU A 1 76  ? -7.414  3.369   -3.260  1.00 35.96  ? 424 LEU A CD2  1 
ATOM   606  N N    . MET A 1 77  ? -4.452  -0.335  -2.106  1.00 27.31  ? 425 MET A N    1 
ATOM   607  C CA   . MET A 1 77  ? -3.186  -0.668  -2.763  1.00 26.90  ? 425 MET A CA   1 
ATOM   608  C C    . MET A 1 77  ? -3.075  -2.190  -2.974  1.00 30.37  ? 425 MET A C    1 
ATOM   609  O O    . MET A 1 77  ? -2.727  -2.621  -4.074  1.00 29.91  ? 425 MET A O    1 
ATOM   610  C CB   . MET A 1 77  ? -2.005  -0.111  -1.943  1.00 29.15  ? 425 MET A CB   1 
ATOM   611  C CG   . MET A 1 77  ? -0.633  -0.508  -2.455  1.00 32.63  ? 425 MET A CG   1 
ATOM   612  S SD   . MET A 1 77  ? 0.706   0.047   -1.373  1.00 36.68  ? 425 MET A SD   1 
ATOM   613  C CE   . MET A 1 77  ? 0.554   -1.112  -0.030  1.00 33.31  ? 425 MET A CE   1 
ATOM   614  N N    . PHE A 1 78  ? -3.417  -2.992  -1.942  1.00 26.70  ? 426 PHE A N    1 
ATOM   615  C CA   . PHE A 1 78  ? -3.387  -4.454  -2.025  1.00 26.31  ? 426 PHE A CA   1 
ATOM   616  C C    . PHE A 1 78  ? -4.525  -5.000  -2.883  1.00 30.11  ? 426 PHE A C    1 
ATOM   617  O O    . PHE A 1 78  ? -4.280  -5.871  -3.719  1.00 30.00  ? 426 PHE A O    1 
ATOM   618  C CB   . PHE A 1 78  ? -3.374  -5.106  -0.633  1.00 28.04  ? 426 PHE A CB   1 
ATOM   619  C CG   . PHE A 1 78  ? -2.142  -4.818  0.194   1.00 29.57  ? 426 PHE A CG   1 
ATOM   620  C CD1  . PHE A 1 78  ? -0.873  -5.139  -0.280  1.00 32.51  ? 426 PHE A CD1  1 
ATOM   621  C CD2  . PHE A 1 78  ? -2.251  -4.275  1.467   1.00 31.63  ? 426 PHE A CD2  1 
ATOM   622  C CE1  . PHE A 1 78  ? 0.264   -4.876  0.487   1.00 33.37  ? 426 PHE A CE1  1 
ATOM   623  C CE2  . PHE A 1 78  ? -1.113  -4.027  2.238   1.00 34.41  ? 426 PHE A CE2  1 
ATOM   624  C CZ   . PHE A 1 78  ? 0.137   -4.323  1.741   1.00 32.44  ? 426 PHE A CZ   1 
ATOM   625  N N    . SER A 1 79  ? -5.755  -4.468  -2.703  1.00 26.20  ? 427 SER A N    1 
ATOM   626  C CA   . SER A 1 79  ? -6.947  -4.868  -3.461  1.00 25.81  ? 427 SER A CA   1 
ATOM   627  C C    . SER A 1 79  ? -6.783  -4.653  -4.966  1.00 29.12  ? 427 SER A C    1 
ATOM   628  O O    . SER A 1 79  ? -7.250  -5.484  -5.741  1.00 28.72  ? 427 SER A O    1 
ATOM   629  C CB   . SER A 1 79  ? -8.187  -4.144  -2.949  1.00 29.39  ? 427 SER A CB   1 
ATOM   630  O OG   . SER A 1 79  ? -8.466  -4.514  -1.609  1.00 38.20  ? 427 SER A OG   1 
ATOM   631  N N    . ASN A 1 80  ? -6.094  -3.565  -5.373  1.00 25.52  ? 428 ASN A N    1 
ATOM   632  C CA   . ASN A 1 80  ? -5.812  -3.260  -6.781  1.00 25.46  ? 428 ASN A CA   1 
ATOM   633  C C    . ASN A 1 80  ? -4.877  -4.310  -7.385  1.00 29.72  ? 428 ASN A C    1 
ATOM   634  O O    . ASN A 1 80  ? -5.056  -4.698  -8.542  1.00 29.40  ? 428 ASN A O    1 
ATOM   635  C CB   . ASN A 1 80  ? -5.202  -1.863  -6.932  1.00 25.29  ? 428 ASN A CB   1 
ATOM   636  C CG   . ASN A 1 80  ? -6.143  -0.714  -6.657  1.00 39.50  ? 428 ASN A CG   1 
ATOM   637  O OD1  . ASN A 1 80  ? -7.364  -0.799  -6.836  1.00 31.61  ? 428 ASN A OD1  1 
ATOM   638  N ND2  . ASN A 1 80  ? -5.578  0.414   -6.258  1.00 30.41  ? 428 ASN A ND2  1 
ATOM   639  N N    . CYS A 1 81  ? -3.889  -4.773  -6.593  1.00 26.56  ? 429 CYS A N    1 
ATOM   640  C CA   . CYS A 1 81  ? -2.924  -5.797  -6.993  1.00 26.52  ? 429 CYS A CA   1 
ATOM   641  C C    . CYS A 1 81  ? -3.628  -7.148  -7.178  1.00 30.63  ? 429 CYS A C    1 
ATOM   642  O O    . CYS A 1 81  ? -3.357  -7.839  -8.158  1.00 30.17  ? 429 CYS A O    1 
ATOM   643  C CB   . CYS A 1 81  ? -1.780  -5.886  -5.985  1.00 26.71  ? 429 CYS A CB   1 
ATOM   644  S SG   . CYS A 1 81  ? -0.494  -7.085  -6.418  1.00 30.55  ? 429 CYS A SG   1 
ATOM   645  N N    . TYR A 1 82  ? -4.559  -7.495  -6.264  1.00 27.65  ? 430 TYR A N    1 
ATOM   646  C CA   . TYR A 1 82  ? -5.329  -8.743  -6.325  1.00 27.63  ? 430 TYR A CA   1 
ATOM   647  C C    . TYR A 1 82  ? -6.344  -8.752  -7.470  1.00 31.65  ? 430 TYR A C    1 
ATOM   648  O O    . TYR A 1 82  ? -6.624  -9.815  -8.024  1.00 31.06  ? 430 TYR A O    1 
ATOM   649  C CB   . TYR A 1 82  ? -6.040  -9.037  -4.989  1.00 28.64  ? 430 TYR A CB   1 
ATOM   650  C CG   . TYR A 1 82  ? -5.141  -9.078  -3.769  1.00 30.17  ? 430 TYR A CG   1 
ATOM   651  C CD1  . TYR A 1 82  ? -3.907  -9.722  -3.807  1.00 32.07  ? 430 TYR A CD1  1 
ATOM   652  C CD2  . TYR A 1 82  ? -5.566  -8.555  -2.551  1.00 30.86  ? 430 TYR A CD2  1 
ATOM   653  C CE1  . TYR A 1 82  ? -3.087  -9.780  -2.682  1.00 32.58  ? 430 TYR A CE1  1 
ATOM   654  C CE2  . TYR A 1 82  ? -4.754  -8.607  -1.419  1.00 31.67  ? 430 TYR A CE2  1 
ATOM   655  C CZ   . TYR A 1 82  ? -3.514  -9.221  -1.489  1.00 38.31  ? 430 TYR A CZ   1 
ATOM   656  O OH   . TYR A 1 82  ? -2.710  -9.281  -0.377  1.00 38.98  ? 430 TYR A OH   1 
ATOM   657  N N    . LYS A 1 83  ? -6.898  -7.576  -7.816  1.00 28.50  ? 431 LYS A N    1 
ATOM   658  C CA   . LYS A 1 83  ? -7.889  -7.428  -8.882  1.00 28.61  ? 431 LYS A CA   1 
ATOM   659  C C    . LYS A 1 83  ? -7.271  -7.556  -10.279 1.00 33.49  ? 431 LYS A C    1 
ATOM   660  O O    . LYS A 1 83  ? -7.754  -8.353  -11.084 1.00 33.04  ? 431 LYS A O    1 
ATOM   661  C CB   . LYS A 1 83  ? -8.640  -6.088  -8.740  1.00 30.84  ? 431 LYS A CB   1 
ATOM   662  C CG   . LYS A 1 83  ? -9.825  -5.920  -9.689  1.00 40.01  ? 431 LYS A CG   1 
ATOM   663  C CD   . LYS A 1 83  ? -10.414 -4.518  -9.601  1.00 47.72  ? 431 LYS A CD   1 
ATOM   664  C CE   . LYS A 1 83  ? -11.568 -4.306  -10.553 1.00 55.56  ? 431 LYS A CE   1 
ATOM   665  N NZ   . LYS A 1 83  ? -12.817 -4.959  -10.076 1.00 62.09  ? 431 LYS A NZ   1 
ATOM   666  N N    . TYR A 1 84  ? -6.226  -6.759  -10.566 1.00 31.18  ? 432 TYR A N    1 
ATOM   667  C CA   . TYR A 1 84  ? -5.581  -6.698  -11.876 1.00 31.55  ? 432 TYR A CA   1 
ATOM   668  C C    . TYR A 1 84  ? -4.780  -7.951  -12.266 1.00 35.94  ? 432 TYR A C    1 
ATOM   669  O O    . TYR A 1 84  ? -5.106  -8.587  -13.268 1.00 35.77  ? 432 TYR A O    1 
ATOM   670  C CB   . TYR A 1 84  ? -4.706  -5.431  -12.001 1.00 32.82  ? 432 TYR A CB   1 
ATOM   671  C CG   . TYR A 1 84  ? -4.039  -5.306  -13.352 1.00 34.88  ? 432 TYR A CG   1 
ATOM   672  C CD1  . TYR A 1 84  ? -4.765  -4.931  -14.479 1.00 36.82  ? 432 TYR A CD1  1 
ATOM   673  C CD2  . TYR A 1 84  ? -2.687  -5.600  -13.514 1.00 35.74  ? 432 TYR A CD2  1 
ATOM   674  C CE1  . TYR A 1 84  ? -4.167  -4.859  -15.734 1.00 37.53  ? 432 TYR A CE1  1 
ATOM   675  C CE2  . TYR A 1 84  ? -2.076  -5.526  -14.765 1.00 36.72  ? 432 TYR A CE2  1 
ATOM   676  C CZ   . TYR A 1 84  ? -2.819  -5.149  -15.872 1.00 44.20  ? 432 TYR A CZ   1 
ATOM   677  O OH   . TYR A 1 84  ? -2.224  -5.069  -17.105 1.00 45.95  ? 432 TYR A OH   1 
ATOM   678  N N    . ASN A 1 85  ? -3.709  -8.259  -11.518 1.00 32.68  ? 433 ASN A N    1 
ATOM   679  C CA   . ASN A 1 85  ? -2.775  -9.355  -11.794 1.00 32.41  ? 433 ASN A CA   1 
ATOM   680  C C    . ASN A 1 85  ? -3.381  -10.762 -11.658 1.00 36.52  ? 433 ASN A C    1 
ATOM   681  O O    . ASN A 1 85  ? -4.328  -10.923 -10.889 1.00 35.65  ? 433 ASN A O    1 
ATOM   682  C CB   . ASN A 1 85  ? -1.540  -9.220  -10.900 1.00 31.51  ? 433 ASN A CB   1 
ATOM   683  C CG   . ASN A 1 85  ? -0.894  -7.866  -10.979 1.00 45.72  ? 433 ASN A CG   1 
ATOM   684  O OD1  . ASN A 1 85  ? -0.106  -7.575  -11.882 1.00 37.78  ? 433 ASN A OD1  1 
ATOM   685  N ND2  . ASN A 1 85  ? -1.221  -7.010  -10.030 1.00 35.96  ? 433 ASN A ND2  1 
ATOM   686  N N    . PRO A 1 86  ? -2.838  -11.795 -12.365 1.00 33.63  ? 434 PRO A N    1 
ATOM   687  C CA   . PRO A 1 86  ? -3.378  -13.161 -12.206 1.00 33.65  ? 434 PRO A CA   1 
ATOM   688  C C    . PRO A 1 86  ? -3.145  -13.712 -10.791 1.00 38.31  ? 434 PRO A C    1 
ATOM   689  O O    . PRO A 1 86  ? -2.151  -13.334 -10.172 1.00 37.72  ? 434 PRO A O    1 
ATOM   690  C CB   . PRO A 1 86  ? -2.605  -13.978 -13.254 1.00 35.35  ? 434 PRO A CB   1 
ATOM   691  C CG   . PRO A 1 86  ? -1.996  -12.975 -14.178 1.00 39.62  ? 434 PRO A CG   1 
ATOM   692  C CD   . PRO A 1 86  ? -1.715  -11.786 -13.325 1.00 35.17  ? 434 PRO A CD   1 
ATOM   693  N N    . PRO A 1 87  ? -4.027  -14.596 -10.256 1.00 35.81  ? 435 PRO A N    1 
ATOM   694  C CA   . PRO A 1 87  ? -3.833  -15.100 -8.877  1.00 36.00  ? 435 PRO A CA   1 
ATOM   695  C C    . PRO A 1 87  ? -2.518  -15.830 -8.593  1.00 40.83  ? 435 PRO A C    1 
ATOM   696  O O    . PRO A 1 87  ? -2.047  -15.815 -7.455  1.00 40.59  ? 435 PRO A O    1 
ATOM   697  C CB   . PRO A 1 87  ? -5.037  -16.025 -8.659  1.00 37.70  ? 435 PRO A CB   1 
ATOM   698  C CG   . PRO A 1 87  ? -5.529  -16.358 -10.027 1.00 42.02  ? 435 PRO A CG   1 
ATOM   699  C CD   . PRO A 1 87  ? -5.271  -15.133 -10.844 1.00 37.46  ? 435 PRO A CD   1 
ATOM   700  N N    . ASP A 1 88  ? -1.939  -16.463 -9.623  1.00 37.84  ? 436 ASP A N    1 
ATOM   701  C CA   . ASP A 1 88  ? -0.695  -17.233 -9.556  1.00 37.86  ? 436 ASP A CA   1 
ATOM   702  C C    . ASP A 1 88  ? 0.574   -16.377 -9.695  1.00 40.85  ? 436 ASP A C    1 
ATOM   703  O O    . ASP A 1 88  ? 1.673   -16.884 -9.456  1.00 40.52  ? 436 ASP A O    1 
ATOM   704  C CB   . ASP A 1 88  ? -0.713  -18.340 -10.627 1.00 40.14  ? 436 ASP A CB   1 
ATOM   705  C CG   . ASP A 1 88  ? -1.042  -17.827 -12.016 1.00 53.49  ? 436 ASP A CG   1 
ATOM   706  O OD1  . ASP A 1 88  ? -2.246  -17.671 -12.321 1.00 54.42  ? 436 ASP A OD1  1 
ATOM   707  O OD2  . ASP A 1 88  ? -0.097  -17.548 -12.784 1.00 60.67  ? 436 ASP A OD2  1 
ATOM   708  N N    . HIS A 1 89  ? 0.424   -15.092 -10.082 1.00 36.57  ? 437 HIS A N    1 
ATOM   709  C CA   . HIS A 1 89  ? 1.538   -14.164 -10.293 1.00 35.95  ? 437 HIS A CA   1 
ATOM   710  C C    . HIS A 1 89  ? 2.370   -13.881 -9.037  1.00 39.27  ? 437 HIS A C    1 
ATOM   711  O O    . HIS A 1 89  ? 1.849   -13.908 -7.921  1.00 38.81  ? 437 HIS A O    1 
ATOM   712  C CB   . HIS A 1 89  ? 1.053   -12.854 -10.931 1.00 36.58  ? 437 HIS A CB   1 
ATOM   713  C CG   . HIS A 1 89  ? 2.118   -12.138 -11.696 1.00 39.83  ? 437 HIS A CG   1 
ATOM   714  N ND1  . HIS A 1 89  ? 3.100   -11.406 -11.053 1.00 41.51  ? 437 HIS A ND1  1 
ATOM   715  C CD2  . HIS A 1 89  ? 2.332   -12.078 -13.030 1.00 41.42  ? 437 HIS A CD2  1 
ATOM   716  C CE1  . HIS A 1 89  ? 3.877   -10.930 -12.010 1.00 40.82  ? 437 HIS A CE1  1 
ATOM   717  N NE2  . HIS A 1 89  ? 3.449   -11.300 -13.217 1.00 41.14  ? 437 HIS A NE2  1 
ATOM   718  N N    . GLU A 1 90  ? 3.670   -13.607 -9.250  1.00 35.49  ? 438 GLU A N    1 
ATOM   719  C CA   . GLU A 1 90  ? 4.694   -13.305 -8.247  1.00 34.98  ? 438 GLU A CA   1 
ATOM   720  C C    . GLU A 1 90  ? 4.320   -12.110 -7.356  1.00 37.21  ? 438 GLU A C    1 
ATOM   721  O O    . GLU A 1 90  ? 4.401   -12.224 -6.131  1.00 36.78  ? 438 GLU A O    1 
ATOM   722  C CB   . GLU A 1 90  ? 6.033   -13.040 -8.961  1.00 36.47  ? 438 GLU A CB   1 
ATOM   723  C CG   . GLU A 1 90  ? 7.271   -13.270 -8.108  1.00 48.52  ? 438 GLU A CG   1 
ATOM   724  C CD   . GLU A 1 90  ? 8.577   -12.836 -8.750  1.00 70.30  ? 438 GLU A CD   1 
ATOM   725  O OE1  . GLU A 1 90  ? 8.861   -13.267 -9.892  1.00 64.40  ? 438 GLU A OE1  1 
ATOM   726  O OE2  . GLU A 1 90  ? 9.332   -12.082 -8.096  1.00 67.41  ? 438 GLU A OE2  1 
ATOM   727  N N    . VAL A 1 91  ? 3.899   -10.979 -7.973  1.00 32.32  ? 439 VAL A N    1 
ATOM   728  C CA   . VAL A 1 91  ? 3.532   -9.728  -7.295  1.00 31.55  ? 439 VAL A CA   1 
ATOM   729  C C    . VAL A 1 91  ? 2.334   -9.918  -6.318  1.00 35.17  ? 439 VAL A C    1 
ATOM   730  O O    . VAL A 1 91  ? 2.294   -9.244  -5.287  1.00 34.89  ? 439 VAL A O    1 
ATOM   731  C CB   . VAL A 1 91  ? 3.334   -8.552  -8.305  1.00 34.94  ? 439 VAL A CB   1 
ATOM   732  C CG1  . VAL A 1 91  ? 2.035   -8.675  -9.100  1.00 34.54  ? 439 VAL A CG1  1 
ATOM   733  C CG2  . VAL A 1 91  ? 3.440   -7.192  -7.619  1.00 34.63  ? 439 VAL A CG2  1 
ATOM   734  N N    . VAL A 1 92  ? 1.409   -10.860 -6.617  1.00 31.45  ? 440 VAL A N    1 
ATOM   735  C CA   . VAL A 1 92  ? 0.250   -11.179 -5.770  1.00 31.28  ? 440 VAL A CA   1 
ATOM   736  C C    . VAL A 1 92  ? 0.721   -11.817 -4.446  1.00 35.84  ? 440 VAL A C    1 
ATOM   737  O O    . VAL A 1 92  ? 0.244   -11.429 -3.379  1.00 35.31  ? 440 VAL A O    1 
ATOM   738  C CB   . VAL A 1 92  ? -0.809  -12.029 -6.529  1.00 34.82  ? 440 VAL A CB   1 
ATOM   739  C CG1  . VAL A 1 92  ? -1.877  -12.592 -5.590  1.00 34.54  ? 440 VAL A CG1  1 
ATOM   740  C CG2  . VAL A 1 92  ? -1.458  -11.218 -7.646  1.00 34.52  ? 440 VAL A CG2  1 
ATOM   741  N N    . ALA A 1 93  ? 1.687   -12.759 -4.524  1.00 33.08  ? 441 ALA A N    1 
ATOM   742  C CA   . ALA A 1 93  ? 2.280   -13.429 -3.360  1.00 33.13  ? 441 ALA A CA   1 
ATOM   743  C C    . ALA A 1 93  ? 3.082   -12.429 -2.516  1.00 37.02  ? 441 ALA A C    1 
ATOM   744  O O    . ALA A 1 93  ? 3.091   -12.532 -1.289  1.00 36.73  ? 441 ALA A O    1 
ATOM   745  C CB   . ALA A 1 93  ? 3.173   -14.575 -3.814  1.00 33.88  ? 441 ALA A CB   1 
ATOM   746  N N    . MET A 1 94  ? 3.728   -11.447 -3.184  1.00 33.38  ? 442 MET A N    1 
ATOM   747  C CA   . MET A 1 94  ? 4.499   -10.365 -2.562  1.00 32.91  ? 442 MET A CA   1 
ATOM   748  C C    . MET A 1 94  ? 3.551   -9.418  -1.820  1.00 36.01  ? 442 MET A C    1 
ATOM   749  O O    . MET A 1 94  ? 3.893   -8.937  -0.740  1.00 35.55  ? 442 MET A O    1 
ATOM   750  C CB   . MET A 1 94  ? 5.310   -9.596  -3.620  1.00 35.23  ? 442 MET A CB   1 
ATOM   751  C CG   . MET A 1 94  ? 6.459   -10.396 -4.198  1.00 38.89  ? 442 MET A CG   1 
ATOM   752  S SD   . MET A 1 94  ? 7.060   -9.717  -5.761  1.00 43.03  ? 442 MET A SD   1 
ATOM   753  C CE   . MET A 1 94  ? 8.548   -9.007  -5.224  1.00 39.67  ? 442 MET A CE   1 
ATOM   754  N N    . ALA A 1 95  ? 2.351   -9.173  -2.398  1.00 32.09  ? 443 ALA A N    1 
ATOM   755  C CA   . ALA A 1 95  ? 1.300   -8.337  -1.815  1.00 31.74  ? 443 ALA A CA   1 
ATOM   756  C C    . ALA A 1 95  ? 0.757   -8.968  -0.540  1.00 35.34  ? 443 ALA A C    1 
ATOM   757  O O    . ALA A 1 95  ? 0.529   -8.254  0.436   1.00 34.62  ? 443 ALA A O    1 
ATOM   758  C CB   . ALA A 1 95  ? 0.173   -8.128  -2.817  1.00 32.41  ? 443 ALA A CB   1 
ATOM   759  N N    . ARG A 1 96  ? 0.576   -10.310 -0.543  1.00 31.95  ? 444 ARG A N    1 
ATOM   760  C CA   . ARG A 1 96  ? 0.090   -11.077 0.604   1.00 31.77  ? 444 ARG A CA   1 
ATOM   761  C C    . ARG A 1 96  ? 1.090   -11.024 1.758   1.00 35.53  ? 444 ARG A C    1 
ATOM   762  O O    . ARG A 1 96  ? 0.674   -10.867 2.904   1.00 35.27  ? 444 ARG A O    1 
ATOM   763  C CB   . ARG A 1 96  ? -0.222  -12.533 0.217   1.00 32.10  ? 444 ARG A CB   1 
ATOM   764  C CG   . ARG A 1 96  ? -1.456  -12.697 -0.663  1.00 43.33  ? 444 ARG A CG   1 
ATOM   765  C CD   . ARG A 1 96  ? -1.937  -14.135 -0.660  1.00 54.01  ? 444 ARG A CD   1 
ATOM   766  N NE   . ARG A 1 96  ? -2.986  -14.377 -1.654  1.00 61.82  ? 444 ARG A NE   1 
ATOM   767  C CZ   . ARG A 1 96  ? -2.809  -15.057 -2.782  1.00 76.44  ? 444 ARG A CZ   1 
ATOM   768  N NH1  . ARG A 1 96  ? -1.622  -15.574 -3.076  1.00 63.34  ? 444 ARG A NH1  1 
ATOM   769  N NH2  . ARG A 1 96  ? -3.818  -15.231 -3.623  1.00 63.87  ? 444 ARG A NH2  1 
ATOM   770  N N    . LYS A 1 97  ? 2.403   -11.118 1.450   1.00 32.02  ? 445 LYS A N    1 
ATOM   771  C CA   . LYS A 1 97  ? 3.489   -11.058 2.436   1.00 31.87  ? 445 LYS A CA   1 
ATOM   772  C C    . LYS A 1 97  ? 3.590   -9.675  3.077   1.00 35.60  ? 445 LYS A C    1 
ATOM   773  O O    . LYS A 1 97  ? 3.822   -9.585  4.283   1.00 35.30  ? 445 LYS A O    1 
ATOM   774  C CB   . LYS A 1 97  ? 4.833   -11.469 1.815   1.00 34.49  ? 445 LYS A CB   1 
ATOM   775  C CG   . LYS A 1 97  ? 5.034   -12.978 1.735   1.00 48.74  ? 445 LYS A CG   1 
ATOM   776  C CD   . LYS A 1 97  ? 6.266   -13.349 0.918   1.00 59.59  ? 445 LYS A CD   1 
ATOM   777  C CE   . LYS A 1 97  ? 7.491   -13.590 1.766   1.00 72.16  ? 445 LYS A CE   1 
ATOM   778  N NZ   . LYS A 1 97  ? 8.708   -13.787 0.936   1.00 81.44  ? 445 LYS A NZ   1 
ATOM   779  N N    . LEU A 1 98  ? 3.404   -8.602  2.277   1.00 31.83  ? 446 LEU A N    1 
ATOM   780  C CA   . LEU A 1 98  ? 3.431   -7.227  2.776   1.00 31.44  ? 446 LEU A CA   1 
ATOM   781  C C    . LEU A 1 98  ? 2.167   -6.922  3.593   1.00 35.09  ? 446 LEU A C    1 
ATOM   782  O O    . LEU A 1 98  ? 2.261   -6.231  4.610   1.00 34.69  ? 446 LEU A O    1 
ATOM   783  C CB   . LEU A 1 98  ? 3.642   -6.207  1.635   1.00 31.39  ? 446 LEU A CB   1 
ATOM   784  C CG   . LEU A 1 98  ? 3.829   -4.723  2.031   1.00 36.00  ? 446 LEU A CG   1 
ATOM   785  C CD1  . LEU A 1 98  ? 5.032   -4.519  2.953   1.00 36.17  ? 446 LEU A CD1  1 
ATOM   786  C CD2  . LEU A 1 98  ? 3.952   -3.842  0.810   1.00 38.29  ? 446 LEU A CD2  1 
ATOM   787  N N    . GLN A 1 99  ? 0.999   -7.467  3.173   1.00 31.59  ? 447 GLN A N    1 
ATOM   788  C CA   . GLN A 1 99  ? -0.263  -7.289  3.895   1.00 31.56  ? 447 GLN A CA   1 
ATOM   789  C C    . GLN A 1 99  ? -0.223  -7.993  5.253   1.00 36.33  ? 447 GLN A C    1 
ATOM   790  O O    . GLN A 1 99  ? -0.796  -7.475  6.209   1.00 36.32  ? 447 GLN A O    1 
ATOM   791  C CB   . GLN A 1 99  ? -1.480  -7.724  3.063   1.00 32.67  ? 447 GLN A CB   1 
ATOM   792  C CG   . GLN A 1 99  ? -2.808  -7.204  3.625   1.00 42.97  ? 447 GLN A CG   1 
ATOM   793  C CD   . GLN A 1 99  ? -3.962  -7.211  2.652   1.00 59.20  ? 447 GLN A CD   1 
ATOM   794  O OE1  . GLN A 1 99  ? -3.918  -7.820  1.580   1.00 53.83  ? 447 GLN A OE1  1 
ATOM   795  N NE2  . GLN A 1 99  ? -5.039  -6.538  3.022   1.00 50.92  ? 447 GLN A NE2  1 
ATOM   796  N N    . ASP A 1 100 ? 0.493   -9.139  5.349   1.00 33.16  ? 448 ASP A N    1 
ATOM   797  C CA   . ASP A 1 100 ? 0.682   -9.880  6.603   1.00 33.10  ? 448 ASP A CA   1 
ATOM   798  C C    . ASP A 1 100 ? 1.388   -8.981  7.621   1.00 36.01  ? 448 ASP A C    1 
ATOM   799  O O    . ASP A 1 100 ? 0.993   -8.955  8.786   1.00 35.27  ? 448 ASP A O    1 
ATOM   800  C CB   . ASP A 1 100 ? 1.501   -11.167 6.371   1.00 35.32  ? 448 ASP A CB   1 
ATOM   801  C CG   . ASP A 1 100 ? 0.764   -12.299 5.675   1.00 48.46  ? 448 ASP A CG   1 
ATOM   802  O OD1  . ASP A 1 100 ? -0.487  -12.339 5.755   1.00 49.24  ? 448 ASP A OD1  1 
ATOM   803  O OD2  . ASP A 1 100 ? 1.439   -13.157 5.064   1.00 55.80  ? 448 ASP A OD2  1 
ATOM   804  N N    . VAL A 1 101 ? 2.392   -8.208  7.159   1.00 32.14  ? 449 VAL A N    1 
ATOM   805  C CA   . VAL A 1 101 ? 3.162   -7.255  7.964   1.00 31.76  ? 449 VAL A CA   1 
ATOM   806  C C    . VAL A 1 101 ? 2.250   -6.097  8.401   1.00 34.62  ? 449 VAL A C    1 
ATOM   807  O O    . VAL A 1 101 ? 2.225   -5.766  9.588   1.00 34.25  ? 449 VAL A O    1 
ATOM   808  C CB   . VAL A 1 101 ? 4.439   -6.761  7.219   1.00 35.80  ? 449 VAL A CB   1 
ATOM   809  C CG1  . VAL A 1 101 ? 5.213   -5.735  8.045   1.00 35.73  ? 449 VAL A CG1  1 
ATOM   810  C CG2  . VAL A 1 101 ? 5.345   -7.928  6.840   1.00 35.66  ? 449 VAL A CG2  1 
ATOM   811  N N    . PHE A 1 102 ? 1.485   -5.509  7.447   1.00 30.29  ? 450 PHE A N    1 
ATOM   812  C CA   . PHE A 1 102 ? 0.570   -4.398  7.719   1.00 29.57  ? 450 PHE A CA   1 
ATOM   813  C C    . PHE A 1 102 ? -0.549  -4.768  8.695   1.00 32.83  ? 450 PHE A C    1 
ATOM   814  O O    . PHE A 1 102 ? -0.703  -4.078  9.697   1.00 32.11  ? 450 PHE A O    1 
ATOM   815  C CB   . PHE A 1 102 ? 0.004   -3.768  6.425   1.00 31.03  ? 450 PHE A CB   1 
ATOM   816  C CG   . PHE A 1 102 ? -1.209  -2.887  6.643   1.00 32.19  ? 450 PHE A CG   1 
ATOM   817  C CD1  . PHE A 1 102 ? -1.077  -1.609  7.177   1.00 35.00  ? 450 PHE A CD1  1 
ATOM   818  C CD2  . PHE A 1 102 ? -2.488  -3.350  6.349   1.00 34.05  ? 450 PHE A CD2  1 
ATOM   819  C CE1  . PHE A 1 102 ? -2.201  -0.805  7.398   1.00 35.89  ? 450 PHE A CE1  1 
ATOM   820  C CE2  . PHE A 1 102 ? -3.610  -2.547  6.574   1.00 36.79  ? 450 PHE A CE2  1 
ATOM   821  C CZ   . PHE A 1 102 ? -3.459  -1.277  7.090   1.00 34.83  ? 450 PHE A CZ   1 
ATOM   822  N N    . GLU A 1 103 ? -1.335  -5.827  8.389   1.00 29.43  ? 451 GLU A N    1 
ATOM   823  C CA   . GLU A 1 103 ? -2.463  -6.285  9.214   1.00 29.37  ? 451 GLU A CA   1 
ATOM   824  C C    . GLU A 1 103 ? -2.081  -6.542  10.671  1.00 34.39  ? 451 GLU A C    1 
ATOM   825  O O    . GLU A 1 103 ? -2.841  -6.173  11.562  1.00 33.77  ? 451 GLU A O    1 
ATOM   826  C CB   . GLU A 1 103 ? -3.168  -7.515  8.610   1.00 30.60  ? 451 GLU A CB   1 
ATOM   827  C CG   . GLU A 1 103 ? -3.881  -7.281  7.282   1.00 39.41  ? 451 GLU A CG   1 
ATOM   828  C CD   . GLU A 1 103 ? -5.029  -6.287  7.224   1.00 51.36  ? 451 GLU A CD   1 
ATOM   829  O OE1  . GLU A 1 103 ? -5.682  -6.048  8.266   1.00 43.37  ? 451 GLU A OE1  1 
ATOM   830  O OE2  . GLU A 1 103 ? -5.300  -5.777  6.113   1.00 37.17  ? 451 GLU A OE2  1 
ATOM   831  N N    . MET A 1 104 ? -0.900  -7.139  10.910  1.00 32.48  ? 452 MET A N    1 
ATOM   832  C CA   . MET A 1 104 ? -0.385  -7.423  12.254  1.00 33.23  ? 452 MET A CA   1 
ATOM   833  C C    . MET A 1 104 ? -0.069  -6.135  13.027  1.00 37.50  ? 452 MET A C    1 
ATOM   834  O O    . MET A 1 104 ? -0.437  -6.028  14.197  1.00 37.18  ? 452 MET A O    1 
ATOM   835  C CB   . MET A 1 104 ? 0.852   -8.333  12.187  1.00 35.97  ? 452 MET A CB   1 
ATOM   836  C CG   . MET A 1 104 ? 0.532   -9.788  11.866  1.00 40.29  ? 452 MET A CG   1 
ATOM   837  S SD   . MET A 1 104 ? -0.431  -10.672 13.119  1.00 45.19  ? 452 MET A SD   1 
ATOM   838  C CE   . MET A 1 104 ? 0.703   -10.629 14.480  1.00 41.89  ? 452 MET A CE   1 
ATOM   839  N N    . ARG A 1 105 ? 0.586   -5.156  12.367  1.00 34.28  ? 453 ARG A N    1 
ATOM   840  C CA   . ARG A 1 105 ? 0.942   -3.866  12.964  1.00 34.22  ? 453 ARG A CA   1 
ATOM   841  C C    . ARG A 1 105 ? -0.279  -2.970  13.182  1.00 37.85  ? 453 ARG A C    1 
ATOM   842  O O    . ARG A 1 105 ? -0.380  -2.328  14.228  1.00 37.57  ? 453 ARG A O    1 
ATOM   843  C CB   . ARG A 1 105 ? 1.994   -3.134  12.112  1.00 34.86  ? 453 ARG A CB   1 
ATOM   844  C CG   . ARG A 1 105 ? 3.445   -3.575  12.347  1.00 45.96  ? 453 ARG A CG   1 
ATOM   845  C CD   . ARG A 1 105 ? 4.014   -3.186  13.710  1.00 55.49  ? 453 ARG A CD   1 
ATOM   846  N NE   . ARG A 1 105 ? 3.765   -1.783  14.059  1.00 62.28  ? 453 ARG A NE   1 
ATOM   847  C CZ   . ARG A 1 105 ? 4.611   -0.783  13.832  1.00 72.09  ? 453 ARG A CZ   1 
ATOM   848  N NH1  . ARG A 1 105 ? 5.783   -1.013  13.253  1.00 56.32  ? 453 ARG A NH1  1 
ATOM   849  N NH2  . ARG A 1 105 ? 4.294   0.455   14.187  1.00 57.63  ? 453 ARG A NH2  1 
ATOM   850  N N    . PHE A 1 106 ? -1.192  -2.925  12.192  1.00 34.12  ? 454 PHE A N    1 
ATOM   851  C CA   . PHE A 1 106 ? -2.419  -2.124  12.205  1.00 33.87  ? 454 PHE A CA   1 
ATOM   852  C C    . PHE A 1 106 ? -3.413  -2.582  13.281  1.00 38.33  ? 454 PHE A C    1 
ATOM   853  O O    . PHE A 1 106 ? -4.143  -1.753  13.825  1.00 37.98  ? 454 PHE A O    1 
ATOM   854  C CB   . PHE A 1 106 ? -3.066  -2.118  10.806  1.00 35.47  ? 454 PHE A CB   1 
ATOM   855  C CG   . PHE A 1 106 ? -4.234  -1.181  10.610  1.00 36.85  ? 454 PHE A CG   1 
ATOM   856  C CD1  . PHE A 1 106 ? -4.036  0.190   10.486  1.00 39.80  ? 454 PHE A CD1  1 
ATOM   857  C CD2  . PHE A 1 106 ? -5.528  -1.674  10.494  1.00 38.83  ? 454 PHE A CD2  1 
ATOM   858  C CE1  . PHE A 1 106 ? -5.117  1.055   10.293  1.00 40.66  ? 454 PHE A CE1  1 
ATOM   859  C CE2  . PHE A 1 106 ? -6.609  -0.809  10.296  1.00 41.63  ? 454 PHE A CE2  1 
ATOM   860  C CZ   . PHE A 1 106 ? -6.396  0.549   10.198  1.00 39.72  ? 454 PHE A CZ   1 
ATOM   861  N N    . ALA A 1 107 ? -3.435  -3.891  13.590  1.00 35.37  ? 455 ALA A N    1 
ATOM   862  C CA   . ALA A 1 107 ? -4.309  -4.472  14.609  1.00 35.36  ? 455 ALA A CA   1 
ATOM   863  C C    . ALA A 1 107 ? -3.799  -4.182  16.022  1.00 40.04  ? 455 ALA A C    1 
ATOM   864  O O    . ALA A 1 107 ? -4.608  -4.012  16.936  1.00 39.44  ? 455 ALA A O    1 
ATOM   865  C CB   . ALA A 1 107 ? -4.427  -5.971  14.401  1.00 36.03  ? 455 ALA A CB   1 
ATOM   866  N N    . LYS A 1 108 ? -2.462  -4.127  16.199  1.00 37.55  ? 456 LYS A N    1 
ATOM   867  C CA   . LYS A 1 108 ? -1.799  -3.891  17.485  1.00 37.86  ? 456 LYS A CA   1 
ATOM   868  C C    . LYS A 1 108 ? -1.638  -2.392  17.816  1.00 43.18  ? 456 LYS A C    1 
ATOM   869  O O    . LYS A 1 108 ? -0.554  -1.953  18.212  1.00 43.45  ? 456 LYS A O    1 
ATOM   870  C CB   . LYS A 1 108 ? -0.459  -4.652  17.551  1.00 40.25  ? 456 LYS A CB   1 
ATOM   871  C CG   . LYS A 1 108 ? -0.623  -6.156  17.740  1.00 54.04  ? 456 LYS A CG   1 
ATOM   872  C CD   . LYS A 1 108 ? 0.699   -6.893  17.624  1.00 63.45  ? 456 LYS A CD   1 
ATOM   873  C CE   . LYS A 1 108 ? 0.512   -8.384  17.764  1.00 73.82  ? 456 LYS A CE   1 
ATOM   874  N NZ   . LYS A 1 108 ? 1.781   -9.126  17.544  1.00 81.87  ? 456 LYS A NZ   1 
ATOM   875  N N    . MET A 1 109 ? -2.738  -1.622  17.668  1.00 39.96  ? 457 MET A N    1 
ATOM   876  C CA   . MET A 1 109 ? -2.839  -0.180  17.950  1.00 71.89  ? 457 MET A CA   1 
ATOM   877  C C    . MET A 1 109 ? -4.297  0.302   17.998  1.00 106.26 ? 457 MET A C    1 
ATOM   878  O O    . MET A 1 109 ? -5.223  -0.504  18.097  1.00 69.85  ? 457 MET A O    1 
ATOM   879  C CB   . MET A 1 109 ? -2.001  0.683   16.975  1.00 74.22  ? 457 MET A CB   1 
ATOM   880  C CG   . MET A 1 109 ? -2.292  0.436   15.508  1.00 77.85  ? 457 MET A CG   1 
ATOM   881  S SD   . MET A 1 109 ? -2.503  1.965   14.572  1.00 82.00  ? 457 MET A SD   1 
ATOM   882  C CE   . MET A 1 109 ? -4.114  1.693   13.899  1.00 78.64  ? 457 MET A CE   1 
HETATM 883  C C4   . 89D B 2 .   ? 6.864   -9.335  -12.303 1.00 44.01  ? 501 89D A C4   1 
HETATM 884  C C5   . 89D B 2 .   ? 7.698   -8.952  -10.098 1.00 43.11  ? 501 89D A C5   1 
HETATM 885  C C6   . 89D B 2 .   ? 4.977   -4.028  -10.556 1.00 39.90  ? 501 89D A C6   1 
HETATM 886  C C7   . 89D B 2 .   ? 6.012   -8.247  -12.211 1.00 43.42  ? 501 89D A C7   1 
HETATM 887  C C8   . 89D B 2 .   ? 6.846   -2.549  -10.799 1.00 40.60  ? 501 89D A C8   1 
HETATM 888  C C10  . 89D B 2 .   ? 6.012   -7.509  -11.033 1.00 42.53  ? 501 89D A C10  1 
HETATM 889  C C13  . 89D B 2 .   ? 1.274   -4.635  -10.977 1.00 37.58  ? 501 89D A C13  1 
HETATM 890  C C15  . 89D B 2 .   ? 3.549   -4.160  -10.295 1.00 38.67  ? 501 89D A C15  1 
HETATM 891  C C17  . 89D B 2 .   ? 0.832   -4.350  -9.593  1.00 36.33  ? 501 89D A C17  1 
HETATM 892  C C20  . 89D B 2 .   ? 3.547   -6.320  -14.269 1.00 42.04  ? 501 89D A C20  1 
HETATM 893  C C21  . 89D B 2 .   ? 2.716   -6.050  -13.033 1.00 40.78  ? 501 89D A C21  1 
HETATM 894  C C22  . 89D B 2 .   ? 7.435   0.118   -8.159  1.00 42.03  ? 501 89D A C22  1 
HETATM 895  C C24  . 89D B 2 .   ? 6.255   0.382   -9.064  1.00 42.09  ? 501 89D A C24  1 
HETATM 896  C C1   . 89D B 2 .   ? 7.642   -3.633  -11.093 1.00 40.58  ? 501 89D A C1   1 
HETATM 897  C C2   . 89D B 2 .   ? 7.119   -4.908  -11.110 1.00 40.81  ? 501 89D A C2   1 
HETATM 898  C C3   . 89D B 2 .   ? 5.508   -2.753  -10.528 1.00 40.14  ? 501 89D A C3   1 
HETATM 899  C C9   . 89D B 2 .   ? 5.778   -5.124  -10.833 1.00 40.78  ? 501 89D A C9   1 
HETATM 900  C C11  . 89D B 2 .   ? 7.708   -9.669  -11.270 1.00 43.91  ? 501 89D A C11  1 
HETATM 901  C C12  . 89D B 2 .   ? 6.838   -7.883  -9.987  1.00 42.71  ? 501 89D A C12  1 
HETATM 902  C C14  . 89D B 2 .   ? 3.135   -3.879  -9.060  1.00 37.35  ? 501 89D A C14  1 
HETATM 903  C C16  . 89D B 2 .   ? 2.577   -4.546  -11.275 1.00 38.55  ? 501 89D A C16  1 
HETATM 904  C C18  . 89D B 2 .   ? 5.118   -8.019  -13.399 1.00 43.08  ? 501 89D A C18  1 
HETATM 905  C C19  . 89D B 2 .   ? 4.999   -6.613  -13.942 1.00 42.77  ? 501 89D A C19  1 
HETATM 906  C C23  . 89D B 2 .   ? 1.430   -3.650  -7.352  1.00 36.21  ? 501 89D A C23  1 
HETATM 907  N N25  . 89D B 2 .   ? 1.817   -3.964  -8.704  1.00 36.52  ? 501 89D A N25  1 
HETATM 908  N N26  . 89D B 2 .   ? 7.515   -1.273  -10.796 1.00 41.13  ? 501 89D A N26  1 
HETATM 909  O O27  . 89D B 2 .   ? -0.353  -4.459  -9.322  1.00 35.21  ? 501 89D A O27  1 
HETATM 910  O O28  . 89D B 2 .   ? 7.663   1.277   -11.040 1.00 41.82  ? 501 89D A O28  1 
HETATM 911  O O29  . 89D B 2 .   ? 5.466   0.180   -11.554 1.00 41.83  ? 501 89D A O29  1 
HETATM 912  O O30  . 89D B 2 .   ? 5.183   -6.402  -10.853 1.00 41.46  ? 501 89D A O30  1 
HETATM 913  O O31  . 89D B 2 .   ? 3.094   -4.773  -12.538 1.00 39.81  ? 501 89D A O31  1 
HETATM 914  F F32  . 89D B 2 .   ? 8.529   -10.721 -11.406 1.00 44.62  ? 501 89D A F32  1 
HETATM 915  F F33  . 89D B 2 .   ? 6.851   -7.180  -8.849  1.00 42.57  ? 501 89D A F33  1 
HETATM 916  S S34  . 89D B 2 .   ? 6.690   0.235   -10.778 1.00 41.80  ? 501 89D A S34  1 
HETATM 917  H H4   . 89D B 2 .   ? 6.884   -9.940  -13.201 1.00 44.14  ? 501 89D A H4   1 
HETATM 918  H H5   . 89D B 2 .   ? 8.363   -9.214  -9.282  1.00 43.13  ? 501 89D A H5   1 
HETATM 919  H H13  . 89D B 2 .   ? 0.519   -4.922  -11.699 1.00 37.60  ? 501 89D A H13  1 
HETATM 920  H H201 . 89D B 2 .   ? 3.500   -5.448  -14.926 1.00 42.10  ? 501 89D A H201 1 
HETATM 921  H H202 . 89D B 2 .   ? 3.118   -7.163  -14.817 1.00 42.04  ? 501 89D A H202 1 
HETATM 922  H H212 . 89D B 2 .   ? 2.861   -6.806  -12.258 1.00 40.84  ? 501 89D A H212 1 
HETATM 923  H H211 . 89D B 2 .   ? 1.661   -6.031  -13.318 1.00 40.69  ? 501 89D A H211 1 
HETATM 924  H H223 . 89D B 2 .   ? 7.198   0.420   -7.136  1.00 42.00  ? 501 89D A H223 1 
HETATM 925  H H222 . 89D B 2 .   ? 8.308   0.684   -8.493  1.00 42.04  ? 501 89D A H222 1 
HETATM 926  H H221 . 89D B 2 .   ? 7.688   -0.944  -8.156  1.00 42.07  ? 501 89D A H221 1 
HETATM 927  H H1   . 89D B 2 .   ? 8.693   -3.485  -11.311 1.00 40.53  ? 501 89D A H1   1 
HETATM 928  H H2   . 89D B 2 .   ? 7.792   -5.718  -11.355 1.00 40.87  ? 501 89D A H2   1 
HETATM 929  H H3   . 89D B 2 .   ? 4.851   -1.929  -10.290 1.00 40.14  ? 501 89D A H3   1 
HETATM 930  H H14  . 89D B 2 .   ? 3.827   -3.574  -8.289  1.00 37.36  ? 501 89D A H14  1 
HETATM 931  H H182 . 89D B 2 .   ? 4.134   -8.405  -13.131 1.00 43.01  ? 501 89D A H182 1 
HETATM 932  H H181 . 89D B 2 .   ? 5.467   -8.641  -14.225 1.00 43.16  ? 501 89D A H181 1 
HETATM 933  H H191 . 89D B 2 .   ? 5.406   -5.860  -13.275 1.00 42.82  ? 501 89D A H191 1 
HETATM 934  H H192 . 89D B 2 .   ? 5.577   -6.553  -14.867 1.00 42.88  ? 501 89D A H192 1 
HETATM 935  H H233 . 89D B 2 .   ? 0.887   -4.501  -6.941  1.00 36.24  ? 501 89D A H233 1 
HETATM 936  H H231 . 89D B 2 .   ? 0.777   -2.773  -7.371  1.00 36.14  ? 501 89D A H231 1 
HETATM 937  H H232 . 89D B 2 .   ? 2.308   -3.439  -6.736  1.00 36.22  ? 501 89D A H232 1 
HETATM 938  H H241 . 89D B 2 .   ? 5.892   1.403   -8.928  1.00 42.16  ? 501 89D A H241 1 
HETATM 939  H H242 . 89D B 2 .   ? 5.439   -0.312  -8.862  1.00 42.14  ? 501 89D A H242 1 
HETATM 940  H H26  . 89D B 2 .   ? 8.465   -1.298  -10.404 1.00 41.15  ? 501 89D A H26  1 
HETATM 941  O O    . HOH C 3 .   ? -2.218  -2.733  -8.455  1.00 19.80  ? 601 HOH A O    1 
HETATM 942  O O    . HOH C 3 .   ? -5.571  -12.166 -8.852  1.00 39.08  ? 602 HOH A O    1 
HETATM 943  O O    . HOH C 3 .   ? -5.416  -5.599  10.965  1.00 35.51  ? 603 HOH A O    1 
HETATM 944  O O    . HOH C 3 .   ? -0.636  4.964   -7.254  1.00 40.06  ? 604 HOH A O    1 
HETATM 945  O O    . HOH C 3 .   ? 10.513  -2.563  2.371   1.00 35.75  ? 605 HOH A O    1 
HETATM 946  O O    . HOH C 3 .   ? -1.520  -1.414  -6.185  1.00 31.93  ? 606 HOH A O    1 
HETATM 947  O O    . HOH C 3 .   ? -10.262 1.129   7.013   1.00 36.13  ? 607 HOH A O    1 
HETATM 948  O O    . HOH C 3 .   ? 3.027   0.207   -7.105  1.00 35.99  ? 608 HOH A O    1 
HETATM 949  O O    . HOH C 3 .   ? 11.792  -10.257 5.823   1.00 46.78  ? 609 HOH A O    1 
HETATM 950  O O    . HOH C 3 .   ? 0.380   -15.495 -6.256  1.00 39.70  ? 610 HOH A O    1 
HETATM 951  O O    . HOH C 3 .   ? -6.989  -8.021  -15.156 1.00 45.11  ? 611 HOH A O    1 
HETATM 952  O O    . HOH C 3 .   ? 5.197   -5.945  -17.485 1.00 45.73  ? 612 HOH A O    1 
HETATM 953  O O    . HOH C 3 .   ? 2.286   16.039  1.031   1.00 49.84  ? 613 HOH A O    1 
HETATM 954  O O    . HOH C 3 .   ? 12.089  2.657   6.341   1.00 47.93  ? 614 HOH A O    1 
HETATM 955  O O    . HOH C 3 .   ? -8.019  -7.303  8.908   1.00 27.40  ? 615 HOH A O    1 
HETATM 956  O O    . HOH C 3 .   ? -0.754  12.561  9.602   1.00 52.87  ? 616 HOH A O    1 
HETATM 957  O O    . HOH C 3 .   ? -0.669  14.532  -1.323  1.00 47.89  ? 617 HOH A O    1 
HETATM 958  O O    . HOH C 3 .   ? -8.843  6.688   2.559   1.00 50.69  ? 618 HOH A O    1 
HETATM 959  O O    . HOH C 3 .   ? -10.753 6.928   -12.110 1.00 47.56  ? 619 HOH A O    1 
HETATM 960  O O    . HOH C 3 .   ? -2.747  0.661   -7.478  1.00 37.29  ? 620 HOH A O    1 
HETATM 961  O O    . HOH C 3 .   ? 2.337   -14.934 -0.214  1.00 47.31  ? 621 HOH A O    1 
HETATM 962  O O    . HOH C 3 .   ? 0.831   -0.211  -5.539  1.00 23.84  ? 622 HOH A O    1 
HETATM 963  O O    . HOH C 3 .   ? -10.133 -2.912  -0.142  1.00 35.75  ? 623 HOH A O    1 
HETATM 964  O O    . HOH C 3 .   ? 10.578  0.005   -6.351  1.00 46.20  ? 624 HOH A O    1 
HETATM 965  O O    . HOH C 3 .   ? -0.007  -8.752  -14.372 1.00 49.54  ? 625 HOH A O    1 
HETATM 966  O O    . HOH C 3 .   ? -7.279  -3.472  16.525  1.00 48.76  ? 626 HOH A O    1 
HETATM 967  O O    . HOH C 3 .   ? -9.240  0.846   -8.016  1.00 38.79  ? 627 HOH A O    1 
HETATM 968  O O    . HOH C 3 .   ? 6.836   -5.164  13.755  1.00 35.76  ? 628 HOH A O    1 
HETATM 969  O O    . HOH C 3 .   ? 1.221   -15.284 -13.751 1.00 52.61  ? 629 HOH A O    1 
HETATM 970  O O    . HOH C 3 .   ? 13.962  -8.004  2.593   1.00 50.30  ? 630 HOH A O    1 
HETATM 971  O O    . HOH C 3 .   ? 4.961   -10.941 -15.555 1.00 51.16  ? 631 HOH A O    1 
HETATM 972  O O    . HOH C 3 .   ? -8.652  10.524  -1.041  1.00 45.74  ? 632 HOH A O    1 
HETATM 973  O O    . HOH C 3 .   ? -15.119 11.670  7.959   1.00 53.17  ? 633 HOH A O    1 
HETATM 974  O O    . HOH C 3 .   ? -8.826  14.397  12.429  1.00 44.81  ? 634 HOH A O    1 
HETATM 975  O O    . HOH C 3 .   ? 3.082   -18.450 -11.354 1.00 50.55  ? 635 HOH A O    1 
HETATM 976  O O    . HOH C 3 .   ? 10.457  -0.322  -19.407 1.00 51.05  ? 636 HOH A O    1 
HETATM 977  O O    . HOH C 3 .   ? -5.257  3.900   -12.841 1.00 41.18  ? 637 HOH A O    1 
HETATM 978  O O    . HOH C 3 .   ? -12.755 16.951  12.882  1.00 50.33  ? 638 HOH A O    1 
HETATM 979  O O    . HOH C 3 .   ? -3.593  1.576   -18.587 1.00 43.36  ? 639 HOH A O    1 
HETATM 980  O O    . HOH C 3 .   ? -11.002 -0.274  -9.792  1.00 34.66  ? 640 HOH A O    1 
HETATM 981  O O    . HOH C 3 .   ? 2.608   -2.417  16.677  1.00 54.05  ? 641 HOH A O    1 
HETATM 982  O O    . HOH C 3 .   ? -9.987  5.213   13.388  1.00 53.01  ? 642 HOH A O    1 
HETATM 983  O O    . HOH C 3 .   ? -0.647  3.753   -11.252 1.00 44.05  ? 643 HOH A O    1 
HETATM 984  O O    . HOH C 3 .   ? 9.430   -12.611 -1.682  1.00 56.45  ? 644 HOH A O    1 
HETATM 985  O O    . HOH C 3 .   ? 1.172   5.288   -14.639 1.00 50.02  ? 645 HOH A O    1 
HETATM 986  O O    . HOH C 3 .   ? -0.469  2.612   -8.603  1.00 25.03  ? 646 HOH A O    1 
HETATM 987  O O    . HOH C 3 .   ? 3.042   5.512   -16.682 1.00 45.50  ? 647 HOH A O    1 
HETATM 988  O O    . HOH C 3 .   ? 1.369   11.407  11.017  1.00 53.38  ? 648 HOH A O    1 
HETATM 989  O O    . HOH C 3 .   ? -3.261  12.177  7.860   1.00 47.37  ? 649 HOH A O    1 
HETATM 990  O O    . HOH C 3 .   ? 4.143   -7.206  11.435  1.00 52.21  ? 650 HOH A O    1 
HETATM 991  O O    . HOH C 3 .   ? 2.440   -6.363  -20.641 1.00 52.83  ? 651 HOH A O    1 
HETATM 992  O O    . HOH C 3 .   ? 4.872   -14.447 -11.910 1.00 50.59  ? 652 HOH A O    1 
HETATM 993  O O    . HOH C 3 .   ? -9.635  -2.132  -5.303  1.00 48.10  ? 653 HOH A O    1 
HETATM 994  O O    . HOH C 3 .   ? -0.827  2.509   -21.290 1.00 47.24  ? 654 HOH A O    1 
HETATM 995  O O    . HOH C 3 .   ? -7.180  -1.181  14.010  1.00 47.50  ? 655 HOH A O    1 
HETATM 996  O O    . HOH C 3 .   ? -9.850  13.363  18.017  1.00 63.47  ? 656 HOH A O    1 
HETATM 997  O O    . HOH C 3 .   ? 6.811   9.685   -0.244  1.00 45.68  ? 657 HOH A O    1 
HETATM 998  O O    . HOH C 3 .   ? 2.043   -10.057 -15.845 1.00 56.76  ? 658 HOH A O    1 
HETATM 999  O O    . HOH C 3 .   ? 3.750   9.708   -5.348  1.00 47.24  ? 659 HOH A O    1 
HETATM 1000 O O    . HOH C 3 .   ? -5.965  -11.431 -14.660 1.00 54.60  ? 660 HOH A O    1 
HETATM 1001 O O    . HOH C 3 .   ? -7.779  13.277  0.858   1.00 60.28  ? 661 HOH A O    1 
HETATM 1002 O O    . HOH C 3 .   ? 4.285   16.051  8.042   1.00 61.43  ? 662 HOH A O    1 
HETATM 1003 O O    . HOH C 3 .   ? 8.912   -13.036 -4.923  1.00 62.12  ? 663 HOH A O    1 
HETATM 1004 O O    . HOH C 3 .   ? 15.482  0.410   7.089   1.00 57.62  ? 664 HOH A O    1 
HETATM 1005 O O    . HOH C 3 .   ? -14.620 6.176   -10.192 1.00 57.93  ? 665 HOH A O    1 
HETATM 1006 O O    . HOH C 3 .   ? 1.999   16.448  9.567   1.00 73.05  ? 666 HOH A O    1 
HETATM 1007 O O    . HOH C 3 .   ? -1.620  -7.319  -19.787 1.00 58.12  ? 667 HOH A O    1 
HETATM 1008 O O    . HOH C 3 .   ? 11.736  -10.239 -6.227  1.00 60.86  ? 668 HOH A O    1 
HETATM 1009 O O    . HOH C 3 .   ? 15.426  1.170   2.888   1.00 63.75  ? 669 HOH A O    1 
HETATM 1010 O O    . HOH C 3 .   ? -10.278 -0.454  4.767   1.00 47.85  ? 670 HOH A O    1 
HETATM 1011 O O    . HOH C 3 .   ? -4.442  -9.540  -16.748 1.00 45.94  ? 671 HOH A O    1 
HETATM 1012 O O    . HOH C 3 .   ? -9.519  6.301   -3.818  1.00 36.94  ? 672 HOH A O    1 
HETATM 1013 O O    . HOH C 3 .   ? 6.824   -13.821 -2.383  1.00 56.03  ? 673 HOH A O    1 
HETATM 1014 O O    . HOH C 3 .   ? -16.222 16.035  14.556  1.00 57.32  ? 674 HOH A O    1 
HETATM 1015 O O    . HOH C 3 .   ? -10.485 -10.937 -12.226 1.00 50.70  ? 675 HOH A O    1 
HETATM 1016 O O    . HOH C 3 .   ? 8.891   5.907   5.962   1.00 55.74  ? 676 HOH A O    1 
HETATM 1017 O O    . HOH C 3 .   ? -1.497  7.327   -8.309  1.00 44.74  ? 677 HOH A O    1 
HETATM 1018 O O    . HOH C 3 .   ? -1.865  6.227   -17.803 1.00 51.24  ? 678 HOH A O    1 
HETATM 1019 O O    . HOH C 3 .   ? -7.405  1.937   14.858  1.00 51.73  ? 679 HOH A O    1 
HETATM 1020 O O    . HOH C 3 .   ? -1.230  12.396  -3.135  1.00 55.52  ? 680 HOH A O    1 
HETATM 1021 O O    . HOH C 3 .   ? 0.440   19.726  2.804   1.00 51.38  ? 681 HOH A O    1 
HETATM 1022 O O    . HOH C 3 .   ? -2.544  3.896   -13.216 1.00 53.86  ? 682 HOH A O    1 
HETATM 1023 O O    . HOH C 3 .   ? -11.331 1.004   -6.066  1.00 45.38  ? 683 HOH A O    1 
HETATM 1024 O O    . HOH C 3 .   ? 13.014  -0.613  -5.268  1.00 55.36  ? 684 HOH A O    1 
HETATM 1025 O O    . HOH C 3 .   ? 10.706  7.339   7.423   1.00 56.43  ? 685 HOH A O    1 
HETATM 1026 O O    . HOH C 3 .   ? -0.508  6.674   -11.011 1.00 60.80  ? 686 HOH A O    1 
HETATM 1027 O O    . HOH C 3 .   ? 13.719  -4.857  -9.127  1.00 54.53  ? 687 HOH A O    1 
HETATM 1028 O O    . HOH C 3 .   ? -1.631  5.851   -15.062 1.00 40.67  ? 688 HOH A O    1 
HETATM 1029 O O    . HOH C 3 .   ? -11.441 -0.664  -3.858  1.00 54.20  ? 689 HOH A O    1 
HETATM 1030 O O    . HOH C 3 .   ? -3.077  11.082  -5.104  1.00 62.11  ? 690 HOH A O    1 
HETATM 1031 O O    . HOH C 3 .   ? 11.358  5.723   2.556   1.00 58.80  ? 691 HOH A O    1 
HETATM 1032 O O    . HOH C 3 .   ? 11.020  -8.274  -11.842 1.00 54.91  ? 692 HOH A O    1 
HETATM 1033 O O    . HOH C 3 .   ? 3.237   -18.659 -3.092  1.00 54.82  ? 693 HOH A O    1 
# 
